data_4ZMH
#
_entry.id   4ZMH
#
_cell.length_a   116.442
_cell.length_b   124.294
_cell.length_c   180.027
_cell.angle_alpha   90.00
_cell.angle_beta   90.00
_cell.angle_gamma   90.00
#
_symmetry.space_group_name_H-M   'P 21 21 21'
#
loop_
_entity.id
_entity.type
_entity.pdbx_description
1 polymer 'Uncharacterized protein'
2 non-polymer 'PHOSPHATE ION'
3 non-polymer 'SODIUM ION'
4 non-polymer GLYCEROL
5 non-polymer 'ACETATE ION'
6 water water
#
_entity_poly.entity_id   1
_entity_poly.type   'polypeptide(L)'
_entity_poly.pdbx_seq_one_letter_code
;GDAGYISFKANGGVRLADEEHLASLLVDTNDYKGLQRAAADLQTD(MSE)QRVTGKLPTLHSQLKDAGRHAVIIGSVGRS
GLIQLLVEQNKLNVADIEGQWEAYKLVVVDKPFPNIEKALVIAGSD(MSE)RGAIFGVYDLSQQIGVSPWYWWADVPVQP
QSKLYVRGDTHIVEQPKVQYRGIFLNDEAPALTNWVHANYGNYNSQFYTQVFELLLRLKANFLWPA(MSE)WNNSFSVDD
PLNPVLANEYGIV(MSE)STSHHEP(MSE)(MSE)RAHKEWHG(MSE)GRWDFTTNADALKQFWREGVERNSPYENIIT
(MSE)A(MSE)RGDGDEA(MSE)SEDANVELLEQIVEAQRNIIAEVFEPKGKQVTEVPQVWCLYKEVQDYYEKG(MSE)R
VPDDITLLWADDNWGNIRRLPTAEERKRSGGAGVYYHFDYVGGPRSYRWINTTPLAKIWEQ(MSE)HLAYKYEANKIWIV
NVGDLKP(MSE)EAPIEYFLE(MSE)AWNPEQWPKERITQFAELWAEREFGPTYAKEIAQLVQDYTQHNGRRKPELQEAK
TYSLLNYDEAARIEQQLTD(MSE)ESRAETLFNKIPANQRDAYYQLV(MSE)HPVLASATVTK(MSE)YIAQARNRLYAK
QGRPIANSYGQQVKELFEKDAALTKRYHSINNGKWNHF(MSE)SQPHIGYTHWNNPEDNI(MSE)PVVSVVSKGNNAD
(MSE)GVAVEG(MSE)EPAWPTQDVAFALPTFTPYGKQTKILTVFNKGVKPLKFSVSSGAAWLKVSASSGEITHQE
(MSE)QIQVSIDWAKLPLGIHESNVTIKGPSWVAANIKVTANKPAKVIPLKKLTGFVEADGYISFDAAATTHSKAVDGFE
WQEIPAHGRTHSS(MSE)SVYPIRDASFAAPANASANTAPQ(MSE)HYSITLLTAGEVTVEGLFAPTWPIHPERGLRYAI
AFDDQPPQIVDVLAGNSHKVWQESVRTGVRRASSKHTLTAGTHT(MSE)KVWAIDPAVTVQKWIIDTGELKPSYLGPTPS
PRGGKH
;
_entity_poly.pdbx_strand_id   A,B
#
loop_
_chem_comp.id
_chem_comp.type
_chem_comp.name
_chem_comp.formula
ACT non-polymer 'ACETATE ION' 'C2 H3 O2 -1'
GOL non-polymer GLYCEROL 'C3 H8 O3'
NA non-polymer 'SODIUM ION' 'Na 1'
PO4 non-polymer 'PHOSPHATE ION' 'O4 P -3'
#
# COMPACT_ATOMS: atom_id res chain seq x y z
N GLY A 4 -25.02 -53.89 -10.46
CA GLY A 4 -23.84 -54.73 -10.63
C GLY A 4 -24.23 -56.17 -10.88
N TYR A 5 -23.25 -57.00 -11.27
CA TYR A 5 -23.54 -58.38 -11.62
C TYR A 5 -22.85 -59.38 -10.70
N ILE A 6 -22.10 -58.88 -9.71
CA ILE A 6 -21.48 -59.76 -8.73
C ILE A 6 -22.25 -59.74 -7.43
N SER A 7 -22.51 -60.92 -6.90
CA SER A 7 -23.21 -61.08 -5.65
C SER A 7 -22.28 -61.74 -4.66
N PHE A 8 -22.43 -61.42 -3.37
CA PHE A 8 -21.55 -61.97 -2.35
C PHE A 8 -22.18 -63.11 -1.59
N LYS A 9 -23.28 -63.63 -2.15
CA LYS A 9 -23.94 -64.83 -1.66
C LYS A 9 -24.36 -65.69 -2.85
N ALA A 10 -24.59 -66.98 -2.63
CA ALA A 10 -24.99 -67.87 -3.72
C ALA A 10 -26.29 -67.38 -4.35
N ASN A 11 -26.38 -67.48 -5.69
CA ASN A 11 -27.53 -66.97 -6.42
C ASN A 11 -27.88 -67.84 -7.63
N GLY A 12 -27.28 -69.03 -7.71
CA GLY A 12 -27.57 -69.98 -8.78
C GLY A 12 -26.90 -69.65 -10.10
N GLY A 13 -26.02 -68.64 -10.09
CA GLY A 13 -25.25 -68.28 -11.26
C GLY A 13 -23.85 -68.90 -11.25
N VAL A 14 -22.88 -68.18 -11.79
CA VAL A 14 -21.51 -68.71 -11.86
C VAL A 14 -20.84 -68.54 -10.50
N ARG A 15 -20.32 -69.64 -9.96
CA ARG A 15 -19.63 -69.62 -8.67
C ARG A 15 -18.14 -69.34 -8.88
N LEU A 16 -17.78 -68.06 -8.87
CA LEU A 16 -16.37 -67.67 -8.95
C LEU A 16 -15.58 -68.13 -7.74
N ALA A 17 -16.21 -68.03 -6.58
CA ALA A 17 -15.61 -68.50 -5.32
C ALA A 17 -16.69 -68.80 -4.29
N ASP A 18 -16.52 -69.90 -3.56
CA ASP A 18 -17.37 -70.17 -2.40
C ASP A 18 -16.55 -71.00 -1.42
N GLU A 19 -15.98 -70.33 -0.43
CA GLU A 19 -15.04 -70.93 0.50
C GLU A 19 -13.91 -71.61 -0.28
N GLU A 20 -13.82 -72.94 -0.22
CA GLU A 20 -12.71 -73.68 -0.83
C GLU A 20 -12.81 -73.76 -2.36
N HIS A 21 -14.03 -73.64 -2.89
CA HIS A 21 -14.26 -73.81 -4.32
C HIS A 21 -14.03 -72.49 -5.05
N LEU A 22 -13.14 -72.48 -6.03
CA LEU A 22 -12.96 -71.32 -6.91
C LEU A 22 -13.12 -71.76 -8.37
N ALA A 23 -13.68 -70.89 -9.20
CA ALA A 23 -13.79 -71.21 -10.63
C ALA A 23 -12.40 -71.33 -11.26
N SER A 24 -12.34 -72.01 -12.40
CA SER A 24 -11.14 -72.10 -13.20
C SER A 24 -11.13 -70.96 -14.21
N LEU A 25 -9.98 -70.30 -14.36
CA LEU A 25 -9.81 -69.27 -15.37
C LEU A 25 -9.23 -69.90 -16.63
N LEU A 26 -9.82 -69.61 -17.79
CA LEU A 26 -9.41 -70.24 -19.05
C LEU A 26 -9.05 -69.18 -20.08
N VAL A 27 -7.84 -69.26 -20.59
CA VAL A 27 -7.41 -68.37 -21.66
C VAL A 27 -6.48 -69.16 -22.58
N ASP A 28 -6.66 -68.97 -23.88
CA ASP A 28 -5.90 -69.69 -24.91
C ASP A 28 -4.45 -69.20 -24.96
N THR A 29 -3.49 -70.14 -24.96
CA THR A 29 -2.09 -69.74 -24.94
C THR A 29 -1.67 -69.17 -26.30
N ASN A 30 -2.52 -69.37 -27.30
CA ASN A 30 -2.31 -68.72 -28.59
C ASN A 30 -2.97 -67.34 -28.71
N ASP A 31 -3.67 -66.90 -27.66
CA ASP A 31 -4.33 -65.59 -27.71
C ASP A 31 -3.30 -64.50 -27.44
N TYR A 32 -3.68 -63.25 -27.67
CA TYR A 32 -2.77 -62.14 -27.48
C TYR A 32 -2.03 -62.18 -26.13
N LYS A 33 -0.73 -61.96 -26.16
CA LYS A 33 0.09 -61.94 -24.94
C LYS A 33 -0.46 -60.96 -23.89
N GLY A 34 -0.85 -59.76 -24.32
CA GLY A 34 -1.34 -58.75 -23.39
C GLY A 34 -2.64 -59.15 -22.70
N LEU A 35 -3.47 -59.97 -23.37
CA LEU A 35 -4.68 -60.50 -22.75
C LEU A 35 -4.33 -61.59 -21.72
N GLN A 36 -3.35 -62.43 -22.04
CA GLN A 36 -2.94 -63.46 -21.09
C GLN A 36 -2.38 -62.80 -19.83
N ARG A 37 -1.71 -61.66 -20.03
CA ARG A 37 -1.13 -60.91 -18.93
C ARG A 37 -2.24 -60.38 -18.03
N ALA A 38 -3.27 -59.80 -18.65
CA ALA A 38 -4.41 -59.30 -17.88
C ALA A 38 -5.11 -60.46 -17.13
N ALA A 39 -5.19 -61.62 -17.76
CA ALA A 39 -5.82 -62.78 -17.15
C ALA A 39 -5.06 -63.18 -15.88
N ALA A 40 -3.73 -63.09 -15.94
CA ALA A 40 -2.92 -63.38 -14.77
C ALA A 40 -3.17 -62.34 -13.64
N ASP A 41 -3.44 -61.08 -13.99
CA ASP A 41 -3.81 -60.09 -12.99
C ASP A 41 -5.15 -60.44 -12.36
N LEU A 42 -6.08 -60.94 -13.17
CA LEU A 42 -7.37 -61.36 -12.61
C LEU A 42 -7.13 -62.50 -11.61
N GLN A 43 -6.24 -63.42 -11.95
CA GLN A 43 -5.87 -64.51 -11.04
C GLN A 43 -5.39 -63.95 -9.71
N THR A 44 -4.49 -62.97 -9.75
CA THR A 44 -4.00 -62.40 -8.50
C THR A 44 -5.05 -61.50 -7.83
N ASP A 45 -5.88 -60.81 -8.62
CA ASP A 45 -6.97 -60.02 -8.06
C ASP A 45 -7.90 -60.92 -7.24
N MSE A 46 -8.18 -62.12 -7.77
CA MSE A 46 -8.98 -63.09 -7.04
C MSE A 46 -8.38 -63.48 -5.70
O MSE A 46 -9.07 -63.62 -4.70
CB MSE A 46 -9.17 -64.32 -7.90
CG MSE A 46 -10.05 -64.05 -9.09
SE MSE A 46 -11.86 -64.61 -8.69
CE MSE A 46 -12.03 -65.78 -10.26
H MSE A 46 -7.91 -62.38 -8.54
HA MSE A 46 -9.86 -62.70 -6.88
HB2 MSE A 46 -8.31 -64.60 -8.24
HB3 MSE A 46 -9.58 -65.02 -7.37
HG2 MSE A 46 -10.07 -63.09 -9.27
HG3 MSE A 46 -9.74 -64.54 -9.85
HE1 MSE A 46 -12.92 -66.18 -10.26
HE2 MSE A 46 -11.92 -65.24 -11.06
HE3 MSE A 46 -11.35 -66.46 -10.22
N GLN A 47 -7.06 -63.65 -5.68
CA GLN A 47 -6.37 -63.95 -4.43
C GLN A 47 -6.48 -62.78 -3.46
N ARG A 48 -6.39 -61.55 -3.96
CA ARG A 48 -6.55 -60.37 -3.10
CA ARG A 48 -6.54 -60.37 -3.11
C ARG A 48 -7.89 -60.37 -2.39
N VAL A 49 -8.93 -60.83 -3.08
CA VAL A 49 -10.27 -60.77 -2.52
C VAL A 49 -10.58 -61.95 -1.61
N THR A 50 -10.19 -63.16 -2.01
CA THR A 50 -10.58 -64.38 -1.32
C THR A 50 -9.46 -65.02 -0.50
N GLY A 51 -8.21 -64.55 -0.70
CA GLY A 51 -7.05 -65.18 -0.11
C GLY A 51 -6.63 -66.48 -0.80
N LYS A 52 -7.37 -66.85 -1.83
CA LYS A 52 -7.12 -68.09 -2.55
C LYS A 52 -6.82 -67.82 -4.02
N LEU A 53 -5.92 -68.61 -4.61
CA LEU A 53 -5.48 -68.40 -5.98
C LEU A 53 -6.21 -69.33 -6.95
N PRO A 54 -7.03 -68.78 -7.87
CA PRO A 54 -7.68 -69.68 -8.82
C PRO A 54 -6.66 -70.25 -9.80
N THR A 55 -6.95 -71.38 -10.43
CA THR A 55 -6.05 -71.94 -11.43
CA THR A 55 -6.04 -71.93 -11.42
C THR A 55 -6.24 -71.23 -12.76
N LEU A 56 -5.20 -71.28 -13.60
CA LEU A 56 -5.22 -70.67 -14.92
C LEU A 56 -4.74 -71.66 -15.97
N HIS A 57 -5.66 -72.09 -16.85
CA HIS A 57 -5.36 -73.07 -17.89
C HIS A 57 -5.77 -72.62 -19.29
N SER A 58 -5.36 -73.41 -20.28
CA SER A 58 -5.66 -73.17 -21.68
C SER A 58 -6.60 -74.24 -22.24
N GLN A 59 -6.59 -75.40 -21.60
CA GLN A 59 -7.31 -76.58 -22.09
C GLN A 59 -8.63 -76.82 -21.36
N LEU A 60 -9.69 -76.99 -22.13
CA LEU A 60 -11.02 -77.25 -21.59
C LEU A 60 -11.06 -78.45 -20.66
N LYS A 61 -10.23 -79.45 -20.95
CA LYS A 61 -10.19 -80.67 -20.15
C LYS A 61 -9.88 -80.39 -18.68
N ASP A 62 -9.08 -79.35 -18.43
CA ASP A 62 -8.58 -79.04 -17.10
C ASP A 62 -9.55 -78.28 -16.20
N ALA A 63 -10.60 -77.73 -16.79
CA ALA A 63 -11.50 -76.83 -16.04
C ALA A 63 -12.31 -77.58 -14.99
N GLY A 64 -12.84 -76.82 -14.04
CA GLY A 64 -13.73 -77.34 -13.03
C GLY A 64 -15.17 -77.16 -13.48
N ARG A 65 -16.13 -77.36 -12.57
CA ARG A 65 -17.52 -77.28 -12.96
C ARG A 65 -17.98 -75.83 -13.17
N HIS A 66 -17.23 -74.86 -12.65
CA HIS A 66 -17.45 -73.45 -12.97
C HIS A 66 -16.17 -72.84 -13.54
N ALA A 67 -16.32 -71.92 -14.50
CA ALA A 67 -15.16 -71.34 -15.17
C ALA A 67 -15.41 -69.90 -15.63
N VAL A 68 -14.31 -69.18 -15.85
CA VAL A 68 -14.33 -67.92 -16.57
C VAL A 68 -13.55 -68.11 -17.87
N ILE A 69 -14.23 -67.93 -18.99
CA ILE A 69 -13.63 -68.16 -20.29
C ILE A 69 -13.33 -66.83 -20.92
N ILE A 70 -12.04 -66.53 -21.03
CA ILE A 70 -11.55 -65.23 -21.52
C ILE A 70 -10.91 -65.35 -22.90
N GLY A 71 -11.32 -64.52 -23.85
CA GLY A 71 -10.63 -64.51 -25.13
C GLY A 71 -11.05 -63.43 -26.08
N SER A 72 -10.19 -63.21 -27.08
CA SER A 72 -10.52 -62.35 -28.22
C SER A 72 -11.25 -63.14 -29.28
N VAL A 73 -12.14 -62.48 -30.01
CA VAL A 73 -12.88 -63.16 -31.06
C VAL A 73 -11.90 -63.73 -32.09
N GLY A 74 -10.87 -62.95 -32.37
CA GLY A 74 -9.97 -63.26 -33.48
C GLY A 74 -8.90 -64.29 -33.21
N ARG A 75 -8.49 -64.43 -31.94
CA ARG A 75 -7.39 -65.34 -31.63
C ARG A 75 -7.64 -66.30 -30.45
N SER A 76 -8.88 -66.41 -29.99
CA SER A 76 -9.21 -67.44 -28.99
C SER A 76 -9.92 -68.64 -29.63
N GLY A 77 -9.30 -69.81 -29.47
CA GLY A 77 -9.90 -71.06 -29.91
C GLY A 77 -11.10 -71.39 -29.04
N LEU A 78 -11.05 -70.92 -27.80
CA LEU A 78 -12.14 -71.12 -26.85
C LEU A 78 -13.39 -70.36 -27.29
N ILE A 79 -13.26 -69.06 -27.50
CA ILE A 79 -14.37 -68.25 -27.99
C ILE A 79 -14.85 -68.77 -29.34
N GLN A 80 -13.93 -69.12 -30.24
CA GLN A 80 -14.32 -69.55 -31.57
C GLN A 80 -15.16 -70.82 -31.53
N LEU A 81 -14.80 -71.73 -30.63
CA LEU A 81 -15.52 -72.98 -30.48
C LEU A 81 -16.96 -72.71 -30.01
N LEU A 82 -17.11 -71.85 -29.01
CA LEU A 82 -18.43 -71.51 -28.49
C LEU A 82 -19.32 -70.92 -29.58
N VAL A 83 -18.73 -70.05 -30.39
CA VAL A 83 -19.47 -69.44 -31.48
C VAL A 83 -19.89 -70.50 -32.51
N GLU A 84 -18.95 -71.38 -32.84
CA GLU A 84 -19.22 -72.50 -33.76
C GLU A 84 -20.45 -73.33 -33.34
N GLN A 85 -20.56 -73.60 -32.05
CA GLN A 85 -21.58 -74.48 -31.53
C GLN A 85 -22.85 -73.74 -31.12
N ASN A 86 -22.98 -72.48 -31.53
CA ASN A 86 -24.04 -71.55 -31.09
C ASN A 86 -24.30 -71.65 -29.59
N LYS A 87 -23.23 -71.59 -28.81
CA LYS A 87 -23.34 -71.38 -27.39
C LYS A 87 -23.08 -69.91 -27.09
N LEU A 88 -22.50 -69.22 -28.07
CA LEU A 88 -22.20 -67.81 -27.92
C LEU A 88 -22.46 -67.10 -29.24
N ASN A 89 -23.03 -65.91 -29.17
CA ASN A 89 -23.14 -65.04 -30.34
C ASN A 89 -22.32 -63.77 -30.09
N VAL A 90 -21.52 -63.36 -31.06
CA VAL A 90 -20.67 -62.19 -30.92
C VAL A 90 -20.93 -61.15 -32.02
N ALA A 91 -22.10 -61.22 -32.65
CA ALA A 91 -22.44 -60.29 -33.71
C ALA A 91 -22.36 -58.84 -33.24
N ASP A 92 -22.66 -58.63 -31.96
CA ASP A 92 -22.75 -57.28 -31.42
C ASP A 92 -21.40 -56.63 -31.17
N ILE A 93 -20.33 -57.42 -31.19
CA ILE A 93 -18.99 -56.90 -30.90
C ILE A 93 -17.99 -57.17 -32.03
N GLU A 94 -18.28 -58.13 -32.90
CA GLU A 94 -17.29 -58.51 -33.90
C GLU A 94 -16.97 -57.35 -34.83
N GLY A 95 -15.67 -57.11 -35.04
CA GLY A 95 -15.22 -56.04 -35.92
C GLY A 95 -15.17 -54.66 -35.28
N GLN A 96 -15.71 -54.51 -34.06
CA GLN A 96 -15.76 -53.22 -33.40
C GLN A 96 -14.42 -52.92 -32.70
N TRP A 97 -14.23 -51.65 -32.38
CA TRP A 97 -13.01 -51.16 -31.73
C TRP A 97 -13.17 -51.26 -30.20
N GLU A 98 -12.46 -52.18 -29.59
CA GLU A 98 -12.35 -52.28 -28.13
C GLU A 98 -13.67 -52.59 -27.45
N ALA A 99 -14.46 -53.45 -28.08
CA ALA A 99 -15.72 -53.87 -27.52
C ALA A 99 -15.57 -55.15 -26.73
N TYR A 100 -16.44 -55.32 -25.75
CA TYR A 100 -16.50 -56.61 -25.07
C TYR A 100 -17.88 -56.95 -24.62
N LYS A 101 -18.01 -58.22 -24.32
CA LYS A 101 -19.24 -58.82 -23.92
C LYS A 101 -18.97 -59.75 -22.74
N LEU A 102 -19.74 -59.55 -21.67
CA LEU A 102 -19.79 -60.44 -20.52
C LEU A 102 -21.16 -61.12 -20.46
N VAL A 103 -21.16 -62.45 -20.57
CA VAL A 103 -22.40 -63.22 -20.52
C VAL A 103 -22.13 -64.56 -19.86
N VAL A 104 -23.16 -65.15 -19.26
N VAL A 104 -23.19 -65.17 -19.33
CA VAL A 104 -23.02 -66.50 -18.73
CA VAL A 104 -23.13 -66.47 -18.70
C VAL A 104 -23.58 -67.48 -19.73
C VAL A 104 -23.66 -67.53 -19.66
N VAL A 105 -22.94 -68.65 -19.77
CA VAL A 105 -23.34 -69.74 -20.63
CA VAL A 105 -23.34 -69.74 -20.62
C VAL A 105 -23.47 -71.02 -19.81
N ASP A 106 -24.55 -71.75 -20.04
CA ASP A 106 -24.79 -73.03 -19.38
C ASP A 106 -24.22 -74.16 -20.24
N LYS A 107 -23.57 -75.12 -19.56
CA LYS A 107 -22.92 -76.25 -20.22
C LYS A 107 -22.14 -75.85 -21.48
N PRO A 108 -21.23 -74.88 -21.35
CA PRO A 108 -20.40 -74.54 -22.50
C PRO A 108 -19.62 -75.76 -23.04
N PHE A 109 -19.30 -76.71 -22.15
CA PHE A 109 -18.62 -77.96 -22.52
C PHE A 109 -18.97 -79.05 -21.51
N PRO A 110 -18.76 -80.33 -21.87
CA PRO A 110 -19.29 -81.45 -21.08
C PRO A 110 -18.94 -81.43 -19.58
N ASN A 111 -17.71 -81.06 -19.24
CA ASN A 111 -17.28 -81.07 -17.84
C ASN A 111 -17.55 -79.74 -17.09
N ILE A 112 -18.13 -78.77 -17.79
CA ILE A 112 -18.35 -77.44 -17.21
C ILE A 112 -19.85 -77.15 -17.14
N GLU A 113 -20.37 -76.95 -15.94
CA GLU A 113 -21.79 -76.73 -15.78
C GLU A 113 -22.16 -75.25 -16.03
N LYS A 114 -21.25 -74.34 -15.73
CA LYS A 114 -21.50 -72.90 -15.89
C LYS A 114 -20.22 -72.12 -16.16
N ALA A 115 -20.30 -71.09 -17.00
CA ALA A 115 -19.17 -70.20 -17.21
C ALA A 115 -19.60 -68.77 -17.47
N LEU A 116 -18.81 -67.87 -16.92
CA LEU A 116 -18.82 -66.46 -17.34
C LEU A 116 -17.92 -66.37 -18.56
N VAL A 117 -18.46 -65.89 -19.67
CA VAL A 117 -17.66 -65.70 -20.87
C VAL A 117 -17.29 -64.22 -20.97
N ILE A 118 -16.00 -63.96 -21.20
CA ILE A 118 -15.52 -62.61 -21.43
C ILE A 118 -14.90 -62.57 -22.81
N ALA A 119 -15.64 -61.99 -23.74
CA ALA A 119 -15.24 -61.96 -25.15
C ALA A 119 -15.00 -60.52 -25.61
N GLY A 120 -13.86 -60.32 -26.25
CA GLY A 120 -13.47 -59.01 -26.76
C GLY A 120 -13.34 -59.03 -28.27
N SER A 121 -13.64 -57.91 -28.91
CA SER A 121 -13.55 -57.80 -30.35
C SER A 121 -12.10 -57.77 -30.82
N ASP A 122 -11.20 -57.37 -29.93
CA ASP A 122 -9.78 -57.23 -30.22
C ASP A 122 -9.06 -57.37 -28.87
N MSE A 123 -7.73 -57.22 -28.85
CA MSE A 123 -7.01 -57.47 -27.59
C MSE A 123 -7.47 -56.58 -26.43
O MSE A 123 -7.79 -57.06 -25.36
CB MSE A 123 -5.51 -57.31 -27.78
CG MSE A 123 -4.72 -57.68 -26.52
SE MSE A 123 -2.82 -57.37 -26.72
CE MSE A 123 -2.76 -55.41 -26.57
H MSE A 123 -7.24 -56.96 -29.50
HA MSE A 123 -7.17 -58.41 -27.34
HB2 MSE A 123 -5.21 -57.88 -28.50
HB3 MSE A 123 -5.32 -56.37 -27.98
HG2 MSE A 123 -5.04 -57.15 -25.77
HG3 MSE A 123 -4.86 -58.64 -26.33
HE1 MSE A 123 -1.83 -55.12 -26.66
HE2 MSE A 123 -3.29 -55.02 -27.28
HE3 MSE A 123 -3.11 -55.15 -25.71
N ARG A 124 -7.49 -55.27 -26.65
CA ARG A 124 -7.84 -54.37 -25.57
C ARG A 124 -9.30 -54.53 -25.13
N GLY A 125 -10.20 -54.82 -26.06
CA GLY A 125 -11.59 -55.06 -25.70
C GLY A 125 -11.67 -56.16 -24.66
N ALA A 126 -10.95 -57.25 -24.92
CA ALA A 126 -10.88 -58.39 -24.00
C ALA A 126 -10.25 -58.01 -22.65
N ILE A 127 -9.12 -57.30 -22.70
CA ILE A 127 -8.48 -56.80 -21.48
C ILE A 127 -9.44 -55.98 -20.61
N PHE A 128 -10.14 -55.04 -21.24
CA PHE A 128 -11.07 -54.17 -20.52
C PHE A 128 -12.19 -54.98 -19.89
N GLY A 129 -12.65 -56.03 -20.58
CA GLY A 129 -13.62 -56.93 -19.99
C GLY A 129 -13.09 -57.59 -18.73
N VAL A 130 -11.86 -58.09 -18.80
CA VAL A 130 -11.20 -58.68 -17.66
C VAL A 130 -11.14 -57.72 -16.46
N TYR A 131 -10.72 -56.49 -16.67
CA TYR A 131 -10.60 -55.53 -15.57
C TYR A 131 -11.94 -54.99 -15.10
N ASP A 132 -12.98 -55.11 -15.93
CA ASP A 132 -14.35 -54.84 -15.52
C ASP A 132 -14.67 -55.84 -14.39
N LEU A 133 -14.36 -57.12 -14.61
CA LEU A 133 -14.60 -58.15 -13.59
C LEU A 133 -13.73 -57.91 -12.35
N SER A 134 -12.45 -57.57 -12.53
CA SER A 134 -11.59 -57.30 -11.38
C SER A 134 -12.18 -56.24 -10.45
N GLN A 135 -12.69 -55.18 -11.04
CA GLN A 135 -13.24 -54.09 -10.26
C GLN A 135 -14.52 -54.53 -9.58
N GLN A 136 -15.38 -55.28 -10.27
CA GLN A 136 -16.64 -55.73 -9.70
C GLN A 136 -16.45 -56.72 -8.54
N ILE A 137 -15.39 -57.54 -8.55
CA ILE A 137 -15.17 -58.43 -7.41
C ILE A 137 -14.53 -57.68 -6.25
N GLY A 138 -14.07 -56.45 -6.53
CA GLY A 138 -13.62 -55.58 -5.44
C GLY A 138 -12.26 -54.90 -5.54
N VAL A 139 -11.55 -55.09 -6.65
CA VAL A 139 -10.25 -54.44 -6.80
C VAL A 139 -10.38 -53.11 -7.53
N SER A 140 -10.25 -52.03 -6.77
CA SER A 140 -10.25 -50.69 -7.35
C SER A 140 -9.09 -50.50 -8.33
N PRO A 141 -9.29 -49.69 -9.38
CA PRO A 141 -8.13 -49.30 -10.19
C PRO A 141 -7.03 -48.65 -9.34
N TRP A 142 -7.41 -48.09 -8.20
CA TRP A 142 -6.50 -47.38 -7.32
C TRP A 142 -6.06 -48.19 -6.10
N TYR A 143 -6.22 -49.51 -6.16
CA TYR A 143 -5.83 -50.40 -5.04
C TYR A 143 -4.37 -50.19 -4.66
N TRP A 144 -3.51 -49.87 -5.63
CA TRP A 144 -2.10 -49.57 -5.31
C TRP A 144 -1.80 -48.08 -5.38
N TRP A 145 -2.30 -47.42 -6.42
CA TRP A 145 -1.99 -46.03 -6.70
C TRP A 145 -2.57 -45.04 -5.70
N ALA A 146 -3.59 -45.45 -4.92
CA ALA A 146 -4.07 -44.64 -3.80
C ALA A 146 -4.47 -45.48 -2.58
N ASP A 147 -3.84 -46.65 -2.44
CA ASP A 147 -3.98 -47.49 -1.23
C ASP A 147 -5.43 -47.84 -0.89
N VAL A 148 -6.28 -47.97 -1.90
CA VAL A 148 -7.67 -48.30 -1.65
C VAL A 148 -7.78 -49.79 -1.27
N PRO A 149 -8.26 -50.09 -0.06
CA PRO A 149 -8.28 -51.50 0.37
C PRO A 149 -9.23 -52.36 -0.47
N VAL A 150 -8.85 -53.63 -0.62
CA VAL A 150 -9.69 -54.65 -1.25
C VAL A 150 -10.49 -55.37 -0.17
N GLN A 151 -11.80 -55.22 -0.20
CA GLN A 151 -12.65 -55.83 0.81
C GLN A 151 -12.62 -57.34 0.62
N PRO A 152 -12.46 -58.09 1.72
CA PRO A 152 -12.41 -59.54 1.60
C PRO A 152 -13.78 -60.13 1.28
N GLN A 153 -13.81 -61.19 0.47
CA GLN A 153 -15.06 -61.89 0.21
C GLN A 153 -14.75 -63.38 0.10
N SER A 154 -15.51 -64.22 0.81
CA SER A 154 -15.33 -65.67 0.67
C SER A 154 -16.23 -66.25 -0.41
N LYS A 155 -17.27 -65.49 -0.77
CA LYS A 155 -18.22 -65.89 -1.80
C LYS A 155 -18.30 -64.82 -2.91
N LEU A 156 -18.22 -65.28 -4.15
CA LEU A 156 -18.33 -64.42 -5.33
C LEU A 156 -19.19 -65.14 -6.36
N TYR A 157 -20.34 -64.57 -6.70
CA TYR A 157 -21.25 -65.17 -7.68
C TYR A 157 -21.62 -64.19 -8.77
N VAL A 158 -21.58 -64.67 -10.02
CA VAL A 158 -22.03 -63.89 -11.17
C VAL A 158 -23.49 -64.18 -11.46
N ARG A 159 -24.33 -63.14 -11.45
CA ARG A 159 -25.76 -63.32 -11.74
C ARG A 159 -25.91 -64.03 -13.08
N GLY A 160 -26.82 -65.00 -13.14
CA GLY A 160 -27.06 -65.75 -14.37
C GLY A 160 -27.63 -64.91 -15.51
N ASP A 161 -28.26 -63.78 -15.20
CA ASP A 161 -28.85 -62.93 -16.25
C ASP A 161 -27.88 -61.84 -16.73
N THR A 162 -26.61 -61.91 -16.31
CA THR A 162 -25.62 -60.91 -16.70
C THR A 162 -25.47 -60.84 -18.23
N HIS A 163 -25.58 -59.64 -18.77
CA HIS A 163 -25.44 -59.45 -20.20
C HIS A 163 -24.99 -58.01 -20.43
N ILE A 164 -23.67 -57.86 -20.50
CA ILE A 164 -23.01 -56.57 -20.59
C ILE A 164 -22.34 -56.49 -21.94
N VAL A 165 -22.66 -55.46 -22.69
CA VAL A 165 -22.02 -55.21 -23.97
C VAL A 165 -21.54 -53.77 -23.95
N GLU A 166 -20.22 -53.58 -24.01
CA GLU A 166 -19.58 -52.27 -23.86
C GLU A 166 -18.55 -51.99 -24.98
N GLN A 167 -18.42 -50.74 -25.39
CA GLN A 167 -17.32 -50.31 -26.27
C GLN A 167 -17.16 -48.79 -26.16
N PRO A 168 -15.97 -48.26 -26.44
CA PRO A 168 -15.72 -46.84 -26.18
C PRO A 168 -16.28 -45.93 -27.28
N LYS A 169 -16.69 -44.72 -26.91
CA LYS A 169 -17.12 -43.68 -27.86
C LYS A 169 -15.93 -42.87 -28.40
N VAL A 170 -14.92 -42.71 -27.57
CA VAL A 170 -13.71 -41.99 -27.95
C VAL A 170 -12.62 -43.04 -28.24
N GLN A 171 -11.93 -42.93 -29.36
CA GLN A 171 -11.11 -44.05 -29.82
C GLN A 171 -9.81 -44.22 -29.01
N TYR A 172 -9.14 -43.10 -28.72
CA TYR A 172 -7.89 -43.10 -27.94
C TYR A 172 -8.09 -42.21 -26.73
N ARG A 173 -7.75 -42.74 -25.54
CA ARG A 173 -8.15 -42.14 -24.26
C ARG A 173 -6.99 -42.26 -23.30
N GLY A 174 -6.52 -41.14 -22.76
CA GLY A 174 -5.38 -41.25 -21.88
C GLY A 174 -4.82 -39.99 -21.27
N ILE A 175 -3.55 -40.07 -20.87
CA ILE A 175 -2.91 -39.05 -20.04
C ILE A 175 -1.53 -38.65 -20.53
N PHE A 176 -1.08 -37.50 -20.03
CA PHE A 176 0.24 -36.92 -20.25
C PHE A 176 0.87 -36.65 -18.91
N LEU A 177 1.96 -37.34 -18.60
CA LEU A 177 2.79 -37.03 -17.41
C LEU A 177 3.65 -35.83 -17.71
N ASN A 178 3.46 -34.75 -16.95
CA ASN A 178 4.10 -33.48 -17.31
C ASN A 178 4.29 -32.63 -16.07
N ASP A 179 5.05 -31.53 -16.18
CA ASP A 179 5.34 -30.70 -15.01
C ASP A 179 5.87 -31.58 -13.85
N GLU A 180 6.68 -32.57 -14.20
CA GLU A 180 6.85 -33.72 -13.32
C GLU A 180 7.94 -33.54 -12.24
N ALA A 181 8.75 -32.48 -12.34
CA ALA A 181 9.73 -32.16 -11.31
C ALA A 181 9.20 -30.99 -10.46
N PRO A 182 9.41 -31.03 -9.14
CA PRO A 182 10.19 -31.99 -8.37
C PRO A 182 9.45 -33.28 -7.94
N ALA A 183 8.11 -33.28 -7.92
CA ALA A 183 7.38 -34.29 -7.14
C ALA A 183 7.39 -35.72 -7.73
N LEU A 184 6.87 -35.89 -8.94
CA LEU A 184 6.84 -37.23 -9.55
C LEU A 184 8.26 -37.72 -9.79
N THR A 185 9.09 -36.83 -10.30
CA THR A 185 10.47 -37.17 -10.64
C THR A 185 11.26 -37.66 -9.43
N ASN A 186 11.19 -36.94 -8.32
CA ASN A 186 11.92 -37.40 -7.13
C ASN A 186 11.34 -38.69 -6.54
N TRP A 187 10.03 -38.87 -6.64
CA TRP A 187 9.41 -40.15 -6.22
C TRP A 187 9.85 -41.28 -7.15
N VAL A 188 9.82 -41.04 -8.46
CA VAL A 188 10.24 -42.07 -9.41
C VAL A 188 11.70 -42.48 -9.17
N HIS A 189 12.55 -41.48 -8.99
CA HIS A 189 13.96 -41.78 -8.77
C HIS A 189 14.19 -42.54 -7.47
N ALA A 190 13.41 -42.23 -6.44
CA ALA A 190 13.60 -42.95 -5.17
C ALA A 190 13.10 -44.37 -5.27
N ASN A 191 12.09 -44.60 -6.09
CA ASN A 191 11.49 -45.92 -6.13
C ASN A 191 12.00 -46.85 -7.25
N TYR A 192 12.38 -46.28 -8.39
CA TYR A 192 12.73 -47.06 -9.59
C TYR A 192 14.10 -46.67 -10.18
N GLY A 193 14.68 -45.60 -9.66
CA GLY A 193 15.95 -45.09 -10.16
C GLY A 193 15.78 -44.07 -11.27
N ASN A 194 14.83 -44.32 -12.17
CA ASN A 194 14.51 -43.40 -13.26
C ASN A 194 13.18 -43.78 -13.92
N TYR A 195 12.77 -43.04 -14.95
CA TYR A 195 11.54 -43.34 -15.70
C TYR A 195 11.74 -44.52 -16.66
N ASN A 196 11.97 -45.70 -16.08
CA ASN A 196 12.21 -46.94 -16.83
C ASN A 196 10.97 -47.81 -16.84
N SER A 197 11.07 -49.04 -17.33
CA SER A 197 9.88 -49.85 -17.53
C SER A 197 9.32 -50.40 -16.20
N GLN A 198 10.12 -50.42 -15.15
CA GLN A 198 9.59 -50.78 -13.83
C GLN A 198 8.59 -49.73 -13.37
N PHE A 199 8.89 -48.46 -13.65
CA PHE A 199 7.91 -47.40 -13.39
C PHE A 199 6.76 -47.49 -14.39
N TYR A 200 7.07 -47.57 -15.68
CA TYR A 200 5.99 -47.36 -16.64
C TYR A 200 4.99 -48.52 -16.65
N THR A 201 5.41 -49.73 -16.27
CA THR A 201 4.41 -50.82 -16.26
C THR A 201 3.36 -50.57 -15.16
N GLN A 202 3.71 -49.86 -14.08
CA GLN A 202 2.72 -49.44 -13.09
C GLN A 202 1.69 -48.49 -13.68
N VAL A 203 2.16 -47.60 -14.55
CA VAL A 203 1.27 -46.66 -15.23
C VAL A 203 0.39 -47.40 -16.27
N PHE A 204 0.98 -48.30 -17.04
CA PHE A 204 0.21 -49.03 -18.05
C PHE A 204 -0.94 -49.77 -17.40
N GLU A 205 -0.66 -50.41 -16.27
CA GLU A 205 -1.65 -51.20 -15.60
C GLU A 205 -2.79 -50.31 -15.14
N LEU A 206 -2.46 -49.14 -14.58
CA LEU A 206 -3.50 -48.24 -14.13
C LEU A 206 -4.40 -47.81 -15.30
N LEU A 207 -3.79 -47.44 -16.41
CA LEU A 207 -4.55 -47.00 -17.56
C LEU A 207 -5.51 -48.10 -18.04
N LEU A 208 -5.05 -49.35 -18.10
CA LEU A 208 -5.91 -50.45 -18.58
C LEU A 208 -7.07 -50.69 -17.60
N ARG A 209 -6.80 -50.57 -16.30
CA ARG A 209 -7.82 -50.76 -15.28
C ARG A 209 -8.89 -49.66 -15.36
N LEU A 210 -8.50 -48.51 -15.89
CA LEU A 210 -9.40 -47.38 -16.12
C LEU A 210 -10.00 -47.40 -17.53
N LYS A 211 -9.78 -48.50 -18.25
CA LYS A 211 -10.28 -48.69 -19.63
C LYS A 211 -9.76 -47.63 -20.59
N ALA A 212 -8.53 -47.19 -20.32
CA ALA A 212 -7.81 -46.26 -21.16
C ALA A 212 -6.73 -46.96 -21.96
N ASN A 213 -6.17 -46.27 -22.95
CA ASN A 213 -5.27 -46.93 -23.90
C ASN A 213 -4.17 -46.05 -24.50
N PHE A 214 -3.89 -44.89 -23.90
CA PHE A 214 -3.10 -43.85 -24.59
C PHE A 214 -2.23 -43.09 -23.60
N LEU A 215 -1.01 -42.78 -24.00
CA LEU A 215 -0.04 -42.11 -23.11
C LEU A 215 0.94 -41.20 -23.85
N TRP A 216 1.11 -39.99 -23.32
CA TRP A 216 2.28 -39.18 -23.63
C TRP A 216 3.20 -39.28 -22.43
N PRO A 217 4.46 -39.72 -22.64
CA PRO A 217 5.34 -39.94 -21.49
C PRO A 217 6.03 -38.69 -20.97
N ALA A 218 6.63 -38.79 -19.78
CA ALA A 218 7.39 -37.68 -19.18
C ALA A 218 8.53 -37.27 -20.12
N MSE A 219 8.71 -35.97 -20.35
CA MSE A 219 9.68 -35.48 -21.34
C MSE A 219 10.43 -34.20 -20.93
O MSE A 219 11.19 -33.70 -21.72
CB MSE A 219 8.98 -35.26 -22.71
CG MSE A 219 7.67 -34.49 -22.66
SE MSE A 219 7.81 -32.61 -22.14
CE MSE A 219 8.62 -31.92 -23.72
H MSE A 219 8.28 -35.34 -19.95
HA MSE A 219 10.33 -36.19 -21.48
HB2 MSE A 219 9.58 -34.76 -23.29
HB3 MSE A 219 8.79 -36.12 -23.11
HG2 MSE A 219 7.26 -34.51 -23.54
HG3 MSE A 219 7.09 -34.92 -22.02
HE1 MSE A 219 8.77 -30.96 -23.62
HE2 MSE A 219 9.47 -32.37 -23.85
HE3 MSE A 219 8.04 -32.09 -24.48
N TRP A 220 10.30 -33.72 -19.69
CA TRP A 220 11.08 -32.56 -19.26
C TRP A 220 12.58 -32.88 -19.25
N ASN A 221 12.93 -34.03 -18.69
CA ASN A 221 14.35 -34.40 -18.62
C ASN A 221 14.53 -35.91 -18.84
N ASN A 222 13.64 -36.48 -19.66
CA ASN A 222 13.65 -37.91 -19.99
C ASN A 222 13.24 -38.14 -21.43
N SER A 223 13.66 -39.28 -21.97
CA SER A 223 13.29 -39.71 -23.31
C SER A 223 12.84 -41.15 -23.25
N PHE A 224 11.53 -41.36 -23.29
CA PHE A 224 10.86 -42.64 -23.11
C PHE A 224 11.53 -43.83 -23.79
N SER A 225 11.80 -43.70 -25.09
CA SER A 225 12.34 -44.79 -25.92
C SER A 225 13.81 -45.04 -25.68
N VAL A 226 14.49 -44.07 -25.06
CA VAL A 226 15.94 -44.15 -24.84
C VAL A 226 16.30 -44.63 -23.42
N ASP A 227 15.59 -44.11 -22.42
CA ASP A 227 15.95 -44.36 -21.02
C ASP A 227 15.84 -45.84 -20.66
N ASP A 228 14.89 -46.52 -21.30
CA ASP A 228 14.73 -47.98 -21.21
C ASP A 228 14.09 -48.50 -22.50
N PRO A 229 14.87 -49.23 -23.32
CA PRO A 229 14.33 -49.77 -24.56
C PRO A 229 13.09 -50.63 -24.34
N LEU A 230 12.92 -51.14 -23.12
CA LEU A 230 11.72 -51.91 -22.84
C LEU A 230 10.48 -51.02 -22.71
N ASN A 231 10.65 -49.71 -22.52
CA ASN A 231 9.49 -48.86 -22.32
C ASN A 231 8.49 -49.05 -23.46
N PRO A 232 8.92 -48.80 -24.71
CA PRO A 232 7.96 -48.97 -25.81
C PRO A 232 7.60 -50.44 -26.08
N VAL A 233 8.55 -51.34 -25.83
CA VAL A 233 8.31 -52.77 -26.05
C VAL A 233 7.14 -53.22 -25.17
N LEU A 234 7.18 -52.84 -23.90
CA LEU A 234 6.16 -53.28 -22.95
C LEU A 234 4.90 -52.45 -23.11
N ALA A 235 5.03 -51.19 -23.52
CA ALA A 235 3.83 -50.42 -23.81
C ALA A 235 2.99 -51.18 -24.85
N ASN A 236 3.65 -51.54 -25.94
CA ASN A 236 2.99 -52.20 -27.04
C ASN A 236 2.44 -53.57 -26.62
N GLU A 237 3.19 -54.29 -25.78
CA GLU A 237 2.77 -55.60 -25.33
C GLU A 237 1.56 -55.52 -24.40
N TYR A 238 1.57 -54.54 -23.49
CA TYR A 238 0.45 -54.35 -22.60
C TYR A 238 -0.80 -53.88 -23.33
N GLY A 239 -0.59 -53.09 -24.37
CA GLY A 239 -1.69 -52.50 -25.14
C GLY A 239 -1.82 -50.98 -25.05
N ILE A 240 -0.88 -50.28 -24.41
CA ILE A 240 -0.91 -48.81 -24.39
C ILE A 240 -0.36 -48.23 -25.70
N VAL A 241 -1.19 -47.46 -26.39
CA VAL A 241 -0.79 -46.76 -27.61
C VAL A 241 0.04 -45.55 -27.22
N MSE A 242 1.24 -45.46 -27.79
CA MSE A 242 2.17 -44.40 -27.45
C MSE A 242 2.13 -43.24 -28.42
O MSE A 242 1.99 -43.42 -29.62
CB MSE A 242 3.60 -44.94 -27.38
CG MSE A 242 3.83 -46.00 -26.33
SE MSE A 242 3.36 -45.39 -24.51
CE MSE A 242 4.36 -43.69 -24.48
H MSE A 242 1.53 -45.99 -28.40
HA MSE A 242 1.95 -44.07 -26.56
HB2 MSE A 242 3.82 -45.33 -28.25
HB3 MSE A 242 4.20 -44.21 -27.20
HG2 MSE A 242 3.29 -46.78 -26.54
HG3 MSE A 242 4.77 -46.24 -26.32
HE1 MSE A 242 4.22 -43.27 -23.62
HE2 MSE A 242 5.31 -43.89 -24.60
HE3 MSE A 242 4.05 -43.13 -25.20
N SER A 243 2.28 -42.04 -27.90
CA SER A 243 2.50 -40.87 -28.75
C SER A 243 3.43 -39.91 -27.98
N THR A 244 3.47 -38.67 -28.42
CA THR A 244 4.31 -37.65 -27.84
C THR A 244 3.51 -36.36 -27.74
N SER A 245 3.97 -35.41 -26.94
CA SER A 245 3.28 -34.12 -26.84
C SER A 245 3.43 -33.38 -28.16
N HIS A 246 2.60 -32.36 -28.38
CA HIS A 246 2.35 -31.98 -29.74
C HIS A 246 3.43 -31.10 -30.36
N HIS A 247 4.45 -30.71 -29.58
CA HIS A 247 5.64 -30.11 -30.20
C HIS A 247 6.84 -31.07 -30.25
N GLU A 248 6.60 -32.36 -30.03
CA GLU A 248 7.63 -33.41 -30.18
C GLU A 248 7.37 -34.30 -31.39
N PRO A 249 7.80 -33.86 -32.58
CA PRO A 249 7.33 -34.63 -33.74
C PRO A 249 8.07 -35.93 -33.99
N MSE A 250 7.38 -36.83 -34.70
CA MSE A 250 7.97 -38.00 -35.35
C MSE A 250 8.60 -39.00 -34.36
O MSE A 250 9.69 -39.52 -34.62
CB MSE A 250 9.00 -37.54 -36.42
CG MSE A 250 8.36 -36.65 -37.51
SE MSE A 250 7.24 -37.67 -38.76
CE MSE A 250 8.61 -38.34 -39.95
H MSE A 250 6.54 -36.77 -34.82
HA MSE A 250 7.25 -38.46 -35.84
HB2 MSE A 250 9.69 -37.02 -35.98
HB3 MSE A 250 9.38 -38.32 -36.84
HG2 MSE A 250 7.82 -35.98 -37.09
HG3 MSE A 250 9.08 -36.24 -38.02
HE1 MSE A 250 8.20 -38.87 -40.64
HE2 MSE A 250 9.08 -37.59 -40.36
HE3 MSE A 250 9.24 -38.88 -39.44
N MSE A 251 7.88 -39.26 -33.26
CA MSE A 251 8.24 -40.29 -32.25
C MSE A 251 9.59 -40.00 -31.57
O MSE A 251 10.22 -40.90 -30.99
CB MSE A 251 8.29 -41.68 -32.86
CG MSE A 251 6.98 -42.11 -33.55
SE MSE A 251 5.41 -41.97 -32.37
CE MSE A 251 6.05 -42.98 -30.84
H MSE A 251 7.16 -38.85 -33.07
HA MSE A 251 7.55 -40.29 -31.57
HB2 MSE A 251 8.99 -41.70 -33.53
HB3 MSE A 251 8.48 -42.32 -32.16
HG2 MSE A 251 6.83 -41.55 -34.32
HG3 MSE A 251 7.06 -43.04 -33.82
HE1 MSE A 251 5.36 -43.00 -30.15
HE2 MSE A 251 6.26 -43.88 -31.12
HE3 MSE A 251 6.85 -42.55 -30.49
N ARG A 252 10.02 -38.73 -31.63
CA ARG A 252 11.24 -38.30 -30.94
C ARG A 252 10.92 -37.46 -29.72
N ALA A 253 11.47 -37.81 -28.55
CA ALA A 253 11.25 -36.96 -27.39
C ALA A 253 12.06 -35.67 -27.56
N HIS A 254 11.59 -34.60 -26.92
CA HIS A 254 12.28 -33.31 -26.89
C HIS A 254 13.79 -33.42 -26.62
N LYS A 255 14.17 -34.16 -25.59
CA LYS A 255 15.59 -34.23 -25.19
C LYS A 255 16.48 -34.96 -26.17
N GLU A 256 15.89 -35.72 -27.11
CA GLU A 256 16.69 -36.51 -28.03
C GLU A 256 17.42 -35.63 -29.04
N TRP A 257 16.98 -34.38 -29.18
CA TRP A 257 17.61 -33.44 -30.10
C TRP A 257 18.77 -32.76 -29.41
N HIS A 258 19.97 -33.25 -29.70
CA HIS A 258 21.19 -32.71 -29.14
C HIS A 258 22.35 -33.03 -30.09
N GLY A 259 23.25 -32.05 -30.27
CA GLY A 259 24.47 -32.23 -31.05
C GLY A 259 24.29 -32.29 -32.56
N MSE A 260 23.18 -31.78 -33.07
CA MSE A 260 22.85 -31.90 -34.49
C MSE A 260 22.49 -30.55 -35.12
O MSE A 260 21.96 -30.51 -36.23
CB MSE A 260 21.71 -32.90 -34.66
CG MSE A 260 22.16 -34.35 -34.55
SE MSE A 260 20.67 -35.63 -34.53
CE MSE A 260 19.97 -35.15 -32.84
H MSE A 260 22.58 -31.35 -32.61
HA MSE A 260 23.63 -32.25 -34.95
HB2 MSE A 260 21.04 -32.74 -33.99
HB3 MSE A 260 21.32 -32.78 -35.56
HG2 MSE A 260 22.73 -34.57 -35.31
HG3 MSE A 260 22.66 -34.46 -33.72
HE1 MSE A 260 19.20 -35.69 -32.65
HE2 MSE A 260 20.66 -35.29 -32.17
HE3 MSE A 260 19.72 -34.21 -32.86
N GLY A 261 22.80 -29.46 -34.43
CA GLY A 261 22.53 -28.13 -34.96
C GLY A 261 21.23 -27.55 -34.45
N ARG A 262 20.77 -26.48 -35.11
CA ARG A 262 19.59 -25.75 -34.69
C ARG A 262 18.28 -26.47 -35.01
N TRP A 263 17.31 -26.30 -34.13
CA TRP A 263 15.95 -26.78 -34.35
C TRP A 263 15.25 -25.81 -35.32
N ASP A 264 15.66 -25.87 -36.59
CA ASP A 264 15.19 -24.92 -37.61
C ASP A 264 15.20 -25.55 -39.00
N PHE A 265 14.03 -25.65 -39.61
CA PHE A 265 13.91 -26.38 -40.87
C PHE A 265 14.45 -25.61 -42.07
N THR A 266 14.44 -24.28 -42.00
CA THR A 266 14.97 -23.50 -43.11
C THR A 266 16.47 -23.75 -43.30
N THR A 267 17.22 -23.88 -42.22
CA THR A 267 18.69 -24.00 -42.33
C THR A 267 19.22 -25.40 -42.01
N ASN A 268 18.41 -26.24 -41.39
CA ASN A 268 18.92 -27.53 -40.91
C ASN A 268 18.02 -28.72 -41.28
N ALA A 269 17.34 -28.60 -42.42
CA ALA A 269 16.33 -29.57 -42.87
C ALA A 269 16.86 -31.01 -42.99
N ASP A 270 18.02 -31.18 -43.60
CA ASP A 270 18.56 -32.51 -43.84
C ASP A 270 18.82 -33.26 -42.52
N ALA A 271 19.36 -32.56 -41.52
CA ALA A 271 19.59 -33.19 -40.22
C ALA A 271 18.27 -33.55 -39.51
N LEU A 272 17.29 -32.66 -39.60
CA LEU A 272 15.99 -32.92 -39.00
C LEU A 272 15.32 -34.14 -39.65
N LYS A 273 15.40 -34.21 -40.97
CA LYS A 273 14.74 -35.27 -41.70
C LYS A 273 15.33 -36.63 -41.35
N GLN A 274 16.65 -36.71 -41.25
CA GLN A 274 17.27 -37.99 -40.92
C GLN A 274 16.90 -38.42 -39.49
N PHE A 275 16.97 -37.46 -38.56
CA PHE A 275 16.56 -37.63 -37.16
C PHE A 275 15.13 -38.16 -37.09
N TRP A 276 14.22 -37.53 -37.84
CA TRP A 276 12.83 -37.95 -37.87
C TRP A 276 12.66 -39.35 -38.47
N ARG A 277 13.38 -39.63 -39.56
CA ARG A 277 13.28 -40.93 -40.21
C ARG A 277 13.73 -42.04 -39.26
N GLU A 278 14.82 -41.81 -38.54
CA GLU A 278 15.31 -42.83 -37.62
C GLU A 278 14.37 -43.05 -36.43
N GLY A 279 13.71 -41.98 -36.00
CA GLY A 279 12.75 -42.05 -34.91
C GLY A 279 11.57 -42.93 -35.29
N VAL A 280 10.96 -42.61 -36.43
CA VAL A 280 9.78 -43.31 -36.90
C VAL A 280 10.12 -44.77 -37.21
N GLU A 281 11.30 -45.02 -37.78
CA GLU A 281 11.75 -46.40 -38.01
C GLU A 281 11.91 -47.16 -36.67
N ARG A 282 12.55 -46.53 -35.69
CA ARG A 282 12.71 -47.15 -34.37
C ARG A 282 11.37 -47.62 -33.77
N ASN A 283 10.38 -46.73 -33.73
CA ASN A 283 9.14 -47.09 -33.07
C ASN A 283 8.10 -47.74 -33.98
N SER A 284 8.47 -48.00 -35.24
CA SER A 284 7.54 -48.58 -36.22
C SER A 284 6.94 -49.95 -35.84
N PRO A 285 7.64 -50.77 -35.02
CA PRO A 285 6.99 -52.03 -34.62
C PRO A 285 5.82 -51.89 -33.64
N TYR A 286 5.66 -50.71 -33.05
CA TYR A 286 4.73 -50.53 -31.93
C TYR A 286 3.50 -49.75 -32.35
N GLU A 287 2.42 -49.89 -31.59
CA GLU A 287 1.20 -49.14 -31.89
C GLU A 287 1.35 -47.67 -31.41
N ASN A 288 1.38 -46.74 -32.35
CA ASN A 288 1.58 -45.32 -32.05
C ASN A 288 0.62 -44.41 -32.79
N ILE A 289 0.59 -43.15 -32.36
CA ILE A 289 0.11 -42.06 -33.20
C ILE A 289 1.25 -41.08 -33.34
N ILE A 290 1.62 -40.77 -34.59
CA ILE A 290 2.80 -39.97 -34.86
C ILE A 290 2.46 -38.47 -34.86
N THR A 291 3.12 -37.71 -34.00
CA THR A 291 2.97 -36.24 -33.94
C THR A 291 3.65 -35.57 -35.13
N MSE A 292 2.93 -34.66 -35.76
CA MSE A 292 3.36 -34.02 -37.00
C MSE A 292 3.70 -32.54 -36.82
O MSE A 292 3.43 -31.95 -35.77
CB MSE A 292 2.26 -34.13 -38.05
CG MSE A 292 1.83 -35.58 -38.33
SE MSE A 292 3.24 -36.70 -39.04
CE MSE A 292 3.30 -35.96 -40.86
H MSE A 292 2.17 -34.37 -35.48
HA MSE A 292 4.14 -34.47 -37.34
HB2 MSE A 292 1.49 -33.65 -37.74
HB3 MSE A 292 2.58 -33.76 -38.88
HG2 MSE A 292 1.52 -35.98 -37.50
HG3 MSE A 292 1.10 -35.57 -38.97
HE1 MSE A 292 3.98 -36.42 -41.36
HE2 MSE A 292 2.43 -36.08 -41.27
HE3 MSE A 292 3.51 -35.02 -40.81
N ALA A 293 4.31 -31.97 -37.86
CA ALA A 293 4.68 -30.56 -37.94
C ALA A 293 5.83 -30.26 -36.97
N MSE A 294 5.92 -29.02 -36.51
CA MSE A 294 7.07 -28.57 -35.74
C MSE A 294 6.87 -27.11 -35.35
O MSE A 294 6.19 -26.38 -36.07
CB MSE A 294 8.35 -28.75 -36.58
CG MSE A 294 9.46 -27.79 -36.34
SE MSE A 294 10.95 -28.18 -37.55
CE MSE A 294 12.38 -27.49 -36.42
H MSE A 294 5.32 -28.42 -36.62
HA MSE A 294 7.16 -29.11 -34.93
HB2 MSE A 294 8.70 -29.65 -36.41
HB3 MSE A 294 8.10 -28.68 -37.52
HG2 MSE A 294 9.14 -26.88 -36.51
HG3 MSE A 294 9.77 -27.87 -35.42
HE1 MSE A 294 13.22 -27.60 -36.87
HE2 MSE A 294 12.22 -26.55 -36.24
HE3 MSE A 294 12.37 -27.98 -35.58
N ARG A 295 7.44 -26.68 -34.22
CA ARG A 295 7.58 -25.25 -33.91
C ARG A 295 9.08 -24.92 -33.89
N GLY A 296 9.55 -24.19 -34.89
CA GLY A 296 10.96 -23.90 -35.03
C GLY A 296 11.39 -22.88 -33.99
N ASP A 297 12.70 -22.72 -33.82
CA ASP A 297 13.21 -21.82 -32.77
C ASP A 297 13.07 -20.33 -33.11
N GLY A 298 12.98 -20.01 -34.40
CA GLY A 298 12.90 -18.62 -34.84
C GLY A 298 11.66 -18.27 -35.67
N ASP A 299 10.56 -18.98 -35.45
CA ASP A 299 9.31 -18.72 -36.17
C ASP A 299 8.77 -17.32 -35.88
N GLU A 300 9.13 -16.77 -34.72
CA GLU A 300 8.65 -15.45 -34.29
C GLU A 300 9.20 -14.35 -35.19
N ALA A 301 10.43 -14.53 -35.67
CA ALA A 301 11.11 -13.53 -36.49
C ALA A 301 10.62 -13.50 -37.94
N MSE A 302 9.67 -14.38 -38.27
CA MSE A 302 9.32 -14.65 -39.66
C MSE A 302 7.89 -14.21 -39.96
O MSE A 302 7.06 -14.14 -39.06
CB MSE A 302 9.49 -16.14 -39.94
CG MSE A 302 9.88 -16.48 -41.36
SE MSE A 302 10.66 -18.27 -41.46
CE MSE A 302 9.04 -19.24 -41.86
H MSE A 302 9.22 -14.84 -37.70
HA MSE A 302 9.92 -14.16 -40.24
HB2 MSE A 302 10.19 -16.49 -39.36
HB3 MSE A 302 8.66 -16.60 -39.75
HG2 MSE A 302 9.10 -16.45 -41.92
HG3 MSE A 302 10.56 -15.84 -41.67
HE1 MSE A 302 9.25 -20.18 -41.94
HE2 MSE A 302 8.40 -19.10 -41.14
HE3 MSE A 302 8.67 -18.90 -42.69
N SER A 303 7.61 -13.95 -41.23
CA SER A 303 6.29 -13.49 -41.65
C SER A 303 5.27 -14.63 -41.67
N GLU A 304 4.00 -14.28 -41.54
CA GLU A 304 2.94 -15.30 -41.56
C GLU A 304 2.98 -16.10 -42.85
N ASP A 305 3.12 -15.41 -43.97
CA ASP A 305 3.22 -16.04 -45.28
C ASP A 305 4.33 -17.09 -45.32
N ALA A 306 5.51 -16.71 -44.84
CA ALA A 306 6.67 -17.59 -44.84
C ALA A 306 6.48 -18.76 -43.86
N ASN A 307 5.82 -18.50 -42.74
CA ASN A 307 5.57 -19.55 -41.76
C ASN A 307 4.65 -20.62 -42.35
N VAL A 308 3.64 -20.17 -43.09
CA VAL A 308 2.67 -21.10 -43.63
C VAL A 308 3.35 -21.99 -44.66
N GLU A 309 4.18 -21.37 -45.50
CA GLU A 309 4.87 -22.12 -46.54
C GLU A 309 5.76 -23.17 -45.89
N LEU A 310 6.47 -22.75 -44.84
CA LEU A 310 7.43 -23.66 -44.19
C LEU A 310 6.70 -24.85 -43.54
N LEU A 311 5.53 -24.60 -42.92
CA LEU A 311 4.80 -25.71 -42.29
C LEU A 311 4.33 -26.72 -43.35
N GLU A 312 3.87 -26.23 -44.49
CA GLU A 312 3.47 -27.11 -45.58
C GLU A 312 4.67 -27.92 -46.08
N GLN A 313 5.83 -27.29 -46.19
CA GLN A 313 7.07 -28.00 -46.53
C GLN A 313 7.42 -29.10 -45.52
N ILE A 314 7.41 -28.73 -44.25
CA ILE A 314 7.79 -29.65 -43.19
C ILE A 314 6.88 -30.88 -43.17
N VAL A 315 5.57 -30.65 -43.18
CA VAL A 315 4.64 -31.77 -43.13
C VAL A 315 4.73 -32.64 -44.40
N GLU A 316 4.90 -32.05 -45.57
CA GLU A 316 5.10 -32.85 -46.78
C GLU A 316 6.32 -33.77 -46.60
N ALA A 317 7.40 -33.21 -46.07
CA ALA A 317 8.64 -33.97 -45.88
C ALA A 317 8.44 -35.11 -44.89
N GLN A 318 7.66 -34.84 -43.84
CA GLN A 318 7.37 -35.85 -42.82
C GLN A 318 6.52 -36.98 -43.40
N ARG A 319 5.54 -36.61 -44.22
CA ARG A 319 4.68 -37.59 -44.90
C ARG A 319 5.48 -38.49 -45.85
N ASN A 320 6.43 -37.92 -46.56
CA ASN A 320 7.28 -38.72 -47.46
C ASN A 320 8.11 -39.72 -46.67
N ILE A 321 8.62 -39.26 -45.52
CA ILE A 321 9.42 -40.10 -44.64
C ILE A 321 8.58 -41.28 -44.16
N ILE A 322 7.37 -41.00 -43.70
CA ILE A 322 6.50 -42.06 -43.24
C ILE A 322 6.20 -43.03 -44.38
N ALA A 323 5.89 -42.50 -45.56
CA ALA A 323 5.62 -43.33 -46.73
C ALA A 323 6.80 -44.29 -46.98
N GLU A 324 8.01 -43.74 -46.95
CA GLU A 324 9.21 -44.52 -47.23
C GLU A 324 9.45 -45.57 -46.16
N VAL A 325 9.26 -45.22 -44.90
CA VAL A 325 9.55 -46.14 -43.80
C VAL A 325 8.58 -47.31 -43.84
N PHE A 326 7.30 -47.03 -44.08
CA PHE A 326 6.27 -48.05 -43.93
C PHE A 326 5.94 -48.82 -45.21
N GLU A 327 6.41 -48.35 -46.35
CA GLU A 327 6.14 -49.04 -47.61
C GLU A 327 6.67 -50.48 -47.59
N PRO A 328 7.95 -50.70 -47.18
CA PRO A 328 8.44 -52.07 -47.05
C PRO A 328 7.65 -52.89 -46.03
N LYS A 329 6.99 -52.20 -45.09
CA LYS A 329 6.04 -52.86 -44.22
C LYS A 329 4.72 -52.85 -44.98
N GLY A 330 3.59 -53.18 -44.38
CA GLY A 330 2.39 -53.31 -45.19
C GLY A 330 1.58 -52.06 -45.49
N LYS A 331 2.13 -50.85 -45.31
CA LYS A 331 1.31 -49.64 -45.13
C LYS A 331 1.56 -48.44 -46.04
N GLN A 332 0.45 -47.83 -46.49
CA GLN A 332 0.45 -46.52 -47.13
C GLN A 332 0.42 -45.42 -46.06
N VAL A 333 0.91 -44.22 -46.40
CA VAL A 333 0.97 -43.13 -45.44
C VAL A 333 -0.40 -42.82 -44.83
N THR A 334 -1.46 -43.06 -45.62
CA THR A 334 -2.81 -42.77 -45.15
C THR A 334 -3.33 -43.85 -44.18
N GLU A 335 -2.52 -44.88 -43.93
CA GLU A 335 -2.88 -45.98 -43.03
C GLU A 335 -2.07 -45.91 -41.73
N VAL A 336 -1.22 -44.89 -41.62
CA VAL A 336 -0.35 -44.75 -40.45
C VAL A 336 -0.89 -43.59 -39.61
N PRO A 337 -1.38 -43.85 -38.39
CA PRO A 337 -2.03 -42.77 -37.64
C PRO A 337 -1.08 -41.62 -37.31
N GLN A 338 -1.55 -40.41 -37.62
CA GLN A 338 -0.81 -39.17 -37.42
C GLN A 338 -1.73 -38.14 -36.77
N VAL A 339 -1.13 -37.18 -36.07
CA VAL A 339 -1.87 -36.14 -35.38
C VAL A 339 -1.13 -34.82 -35.47
N TRP A 340 -1.89 -33.74 -35.58
CA TRP A 340 -1.35 -32.39 -35.65
C TRP A 340 -2.23 -31.48 -34.80
N CYS A 341 -1.61 -30.79 -33.84
CA CYS A 341 -2.28 -29.80 -33.02
C CYS A 341 -2.06 -28.43 -33.67
N LEU A 342 -3.10 -27.93 -34.33
CA LEU A 342 -3.06 -26.60 -34.93
C LEU A 342 -3.24 -25.59 -33.78
N TYR A 343 -2.13 -25.05 -33.30
CA TYR A 343 -2.10 -24.33 -32.02
C TYR A 343 -1.89 -22.80 -32.18
N LYS A 344 -2.75 -22.01 -31.54
CA LYS A 344 -2.65 -20.56 -31.56
C LYS A 344 -2.69 -20.05 -33.01
N GLU A 345 -1.65 -19.38 -33.46
CA GLU A 345 -1.69 -18.77 -34.80
C GLU A 345 -1.80 -19.84 -35.91
N VAL A 346 -1.40 -21.08 -35.62
CA VAL A 346 -1.45 -22.12 -36.64
C VAL A 346 -2.91 -22.52 -36.94
N GLN A 347 -3.78 -22.38 -35.94
CA GLN A 347 -5.21 -22.54 -36.17
C GLN A 347 -5.67 -21.51 -37.21
N ASP A 348 -5.22 -20.27 -37.05
CA ASP A 348 -5.56 -19.19 -38.01
C ASP A 348 -5.01 -19.51 -39.39
N TYR A 349 -3.79 -20.05 -39.45
CA TYR A 349 -3.21 -20.46 -40.72
C TYR A 349 -4.15 -21.40 -41.44
N TYR A 350 -4.62 -22.41 -40.72
CA TYR A 350 -5.55 -23.39 -41.27
C TYR A 350 -6.86 -22.77 -41.77
N GLU A 351 -7.41 -21.85 -40.99
CA GLU A 351 -8.68 -21.25 -41.36
C GLU A 351 -8.53 -20.38 -42.59
N LYS A 352 -7.30 -19.91 -42.84
CA LYS A 352 -7.00 -19.09 -44.02
C LYS A 352 -6.42 -19.85 -45.23
N GLY A 353 -6.47 -21.18 -45.21
CA GLY A 353 -6.18 -21.94 -46.41
C GLY A 353 -4.90 -22.76 -46.41
N MSE A 354 -4.24 -22.87 -45.27
CA MSE A 354 -3.05 -23.73 -45.20
C MSE A 354 -3.46 -25.18 -45.48
O MSE A 354 -4.48 -25.63 -45.01
CB MSE A 354 -2.35 -23.67 -43.84
CG MSE A 354 -1.13 -24.61 -43.76
SE MSE A 354 -0.23 -24.45 -42.03
CE MSE A 354 -1.67 -25.08 -40.88
H MSE A 354 -4.45 -22.48 -44.52
HA MSE A 354 -2.42 -23.45 -45.88
HB2 MSE A 354 -2.04 -22.76 -43.69
HB3 MSE A 354 -2.98 -23.93 -43.15
HG2 MSE A 354 -1.42 -25.53 -43.87
HG3 MSE A 354 -0.49 -24.37 -44.46
HE1 MSE A 354 -1.38 -25.07 -39.95
HE2 MSE A 354 -2.44 -24.50 -40.99
HE3 MSE A 354 -1.90 -26.00 -41.13
N ARG A 355 -2.66 -25.88 -46.27
CA ARG A 355 -2.89 -27.29 -46.55
C ARG A 355 -2.74 -28.16 -45.29
N VAL A 356 -3.71 -29.02 -45.05
CA VAL A 356 -3.65 -29.99 -43.95
C VAL A 356 -4.19 -31.32 -44.44
N PRO A 357 -3.30 -32.32 -44.63
CA PRO A 357 -3.76 -33.59 -45.19
C PRO A 357 -4.94 -34.17 -44.41
N ASP A 358 -5.88 -34.70 -45.17
CA ASP A 358 -7.21 -35.02 -44.68
C ASP A 358 -7.23 -36.13 -43.63
N ASP A 359 -6.27 -37.03 -43.70
CA ASP A 359 -6.27 -38.21 -42.83
C ASP A 359 -5.57 -37.97 -41.49
N ILE A 360 -4.88 -36.84 -41.35
CA ILE A 360 -4.27 -36.47 -40.09
C ILE A 360 -5.33 -36.04 -39.08
N THR A 361 -5.28 -36.59 -37.87
CA THR A 361 -6.19 -36.18 -36.80
C THR A 361 -5.85 -34.76 -36.30
N LEU A 362 -6.87 -33.91 -36.18
CA LEU A 362 -6.68 -32.57 -35.66
C LEU A 362 -6.90 -32.57 -34.17
N LEU A 363 -5.85 -32.27 -33.41
CA LEU A 363 -5.92 -32.21 -31.95
C LEU A 363 -6.19 -30.76 -31.51
N TRP A 364 -7.35 -30.52 -30.92
CA TRP A 364 -7.66 -29.20 -30.40
C TRP A 364 -7.30 -29.09 -28.92
N ALA A 365 -6.38 -28.17 -28.62
CA ALA A 365 -5.96 -27.93 -27.24
C ALA A 365 -6.92 -27.01 -26.52
N ASP A 366 -7.01 -27.17 -25.20
CA ASP A 366 -7.60 -26.14 -24.37
C ASP A 366 -6.62 -24.98 -24.21
N ASP A 367 -7.04 -23.98 -23.45
CA ASP A 367 -6.27 -22.76 -23.27
C ASP A 367 -5.25 -22.82 -22.12
N ASN A 368 -4.94 -24.05 -21.70
CA ASN A 368 -4.07 -24.39 -20.55
C ASN A 368 -4.78 -24.24 -19.20
N TRP A 369 -6.06 -23.88 -19.24
CA TRP A 369 -6.84 -23.58 -18.04
C TRP A 369 -8.21 -24.26 -18.09
N GLY A 370 -8.35 -25.27 -18.93
CA GLY A 370 -9.56 -26.07 -18.93
C GLY A 370 -10.71 -25.58 -19.82
N ASN A 371 -10.45 -24.58 -20.67
CA ASN A 371 -11.41 -24.07 -21.63
C ASN A 371 -10.95 -24.43 -23.03
N ILE A 372 -11.73 -25.24 -23.73
CA ILE A 372 -11.29 -25.74 -25.03
C ILE A 372 -11.27 -24.57 -26.01
N ARG A 373 -10.19 -24.42 -26.78
CA ARG A 373 -10.03 -23.23 -27.61
C ARG A 373 -10.88 -23.25 -28.86
N ARG A 374 -11.13 -24.45 -29.37
CA ARG A 374 -11.63 -24.64 -30.71
C ARG A 374 -12.15 -26.05 -30.83
N LEU A 375 -13.29 -26.23 -31.51
CA LEU A 375 -13.84 -27.55 -31.75
C LEU A 375 -14.23 -27.67 -33.22
N PRO A 376 -14.44 -28.91 -33.70
CA PRO A 376 -14.68 -29.05 -35.15
C PRO A 376 -15.92 -28.33 -35.63
N THR A 377 -15.86 -27.85 -36.87
CA THR A 377 -17.04 -27.37 -37.58
C THR A 377 -17.69 -28.51 -38.40
N ALA A 378 -18.90 -28.28 -38.91
CA ALA A 378 -19.63 -29.28 -39.69
C ALA A 378 -18.77 -29.82 -40.85
N GLU A 379 -18.12 -28.92 -41.56
CA GLU A 379 -17.29 -29.32 -42.70
C GLU A 379 -16.06 -30.13 -42.26
N GLU A 380 -15.42 -29.76 -41.17
CA GLU A 380 -14.24 -30.46 -40.66
C GLU A 380 -14.56 -31.89 -40.17
N ARG A 381 -15.80 -32.10 -39.72
CA ARG A 381 -16.21 -33.42 -39.24
C ARG A 381 -16.22 -34.46 -40.38
N LYS A 382 -16.22 -34.00 -41.64
CA LYS A 382 -16.12 -34.92 -42.77
C LYS A 382 -14.71 -35.49 -43.00
N ARG A 383 -13.71 -34.87 -42.38
CA ARG A 383 -12.32 -35.31 -42.52
C ARG A 383 -12.09 -36.71 -41.99
N SER A 384 -11.38 -37.54 -42.75
CA SER A 384 -11.23 -38.92 -42.36
C SER A 384 -10.42 -39.07 -41.05
N GLY A 385 -9.50 -38.14 -40.76
CA GLY A 385 -8.69 -38.24 -39.55
C GLY A 385 -9.41 -37.88 -38.26
N GLY A 386 -10.58 -37.28 -38.39
CA GLY A 386 -11.31 -36.84 -37.21
C GLY A 386 -10.57 -35.79 -36.39
N ALA A 387 -10.93 -35.69 -35.12
CA ALA A 387 -10.39 -34.65 -34.24
C ALA A 387 -10.43 -35.11 -32.78
N GLY A 388 -9.64 -34.46 -31.93
CA GLY A 388 -9.57 -34.78 -30.51
C GLY A 388 -9.35 -33.53 -29.66
N VAL A 389 -9.20 -33.75 -28.36
CA VAL A 389 -9.04 -32.68 -27.39
C VAL A 389 -7.85 -32.97 -26.46
N TYR A 390 -7.02 -31.96 -26.24
CA TYR A 390 -5.94 -32.00 -25.24
C TYR A 390 -6.30 -31.04 -24.11
N TYR A 391 -6.51 -31.59 -22.92
CA TYR A 391 -7.08 -30.87 -21.78
C TYR A 391 -6.02 -30.77 -20.66
N HIS A 392 -6.10 -29.73 -19.81
CA HIS A 392 -5.17 -29.56 -18.69
C HIS A 392 -5.81 -29.70 -17.29
N PHE A 393 -5.19 -30.49 -16.41
CA PHE A 393 -5.45 -30.46 -14.97
C PHE A 393 -4.33 -29.76 -14.18
N ASP A 394 -3.26 -29.41 -14.88
CA ASP A 394 -2.02 -28.89 -14.29
C ASP A 394 -1.35 -28.06 -15.38
N TYR A 395 -0.63 -26.99 -15.03
CA TYR A 395 0.02 -26.20 -16.05
C TYR A 395 1.17 -25.37 -15.50
N VAL A 396 2.27 -25.35 -16.26
CA VAL A 396 3.40 -24.46 -16.02
C VAL A 396 3.44 -23.38 -17.13
N GLY A 397 3.16 -22.15 -16.75
CA GLY A 397 3.10 -21.05 -17.71
C GLY A 397 2.22 -19.94 -17.20
N GLY A 398 1.74 -19.09 -18.10
CA GLY A 398 0.96 -17.92 -17.70
C GLY A 398 -0.56 -18.09 -17.69
N PRO A 399 -1.27 -17.20 -16.98
CA PRO A 399 -0.70 -16.10 -16.19
C PRO A 399 0.05 -16.51 -14.94
N ARG A 400 -0.24 -17.68 -14.38
CA ARG A 400 0.58 -18.21 -13.29
C ARG A 400 0.44 -19.71 -13.26
N SER A 401 1.53 -20.40 -12.92
CA SER A 401 1.54 -21.85 -12.87
C SER A 401 0.61 -22.37 -11.79
N TYR A 402 -0.01 -23.53 -12.02
CA TYR A 402 -0.74 -24.24 -10.98
C TYR A 402 -0.37 -25.73 -11.06
N ARG A 403 0.23 -26.20 -9.97
CA ARG A 403 1.07 -27.39 -9.97
C ARG A 403 0.88 -28.26 -8.75
N TRP A 404 0.11 -27.80 -7.76
CA TRP A 404 0.24 -28.39 -6.43
C TRP A 404 -0.85 -29.45 -6.13
N ILE A 405 -2.11 -29.03 -6.03
CA ILE A 405 -3.19 -29.96 -5.73
C ILE A 405 -4.31 -29.82 -6.75
N ASN A 406 -5.34 -30.65 -6.63
CA ASN A 406 -6.45 -30.67 -7.59
C ASN A 406 -7.28 -29.35 -7.50
N THR A 407 -7.48 -28.70 -8.64
CA THR A 407 -8.19 -27.43 -8.73
C THR A 407 -9.28 -27.44 -9.82
N THR A 408 -9.59 -28.63 -10.31
CA THR A 408 -10.55 -28.78 -11.41
C THR A 408 -11.84 -29.52 -10.97
N PRO A 409 -12.94 -28.78 -10.76
CA PRO A 409 -14.18 -29.47 -10.38
C PRO A 409 -14.70 -30.38 -11.52
N LEU A 410 -15.28 -31.49 -11.14
CA LEU A 410 -15.85 -32.42 -12.10
C LEU A 410 -16.82 -31.72 -13.06
N ALA A 411 -17.67 -30.81 -12.55
CA ALA A 411 -18.72 -30.25 -13.40
C ALA A 411 -18.10 -29.38 -14.51
N LYS A 412 -16.95 -28.77 -14.22
CA LYS A 412 -16.25 -27.96 -15.24
C LYS A 412 -15.80 -28.89 -16.39
N ILE A 413 -15.23 -30.02 -16.03
CA ILE A 413 -14.81 -31.01 -17.00
C ILE A 413 -16.01 -31.47 -17.81
N TRP A 414 -17.12 -31.74 -17.13
CA TRP A 414 -18.31 -32.26 -17.79
C TRP A 414 -18.76 -31.30 -18.89
N GLU A 415 -18.88 -30.02 -18.57
CA GLU A 415 -19.55 -29.10 -19.48
C GLU A 415 -18.69 -28.87 -20.73
N GLN A 416 -17.37 -28.77 -20.59
CA GLN A 416 -16.49 -28.63 -21.75
C GLN A 416 -16.35 -29.92 -22.57
N MSE A 417 -16.18 -31.08 -21.92
CA MSE A 417 -15.96 -32.32 -22.68
C MSE A 417 -17.26 -32.77 -23.34
O MSE A 417 -17.22 -33.41 -24.39
CB MSE A 417 -15.40 -33.41 -21.78
CG MSE A 417 -14.02 -32.99 -21.17
SE MSE A 417 -12.70 -32.32 -22.51
CE MSE A 417 -12.75 -33.86 -23.73
H MSE A 417 -16.17 -31.17 -21.07
HA MSE A 417 -15.31 -32.15 -23.36
HB2 MSE A 417 -16.02 -33.57 -21.05
HB3 MSE A 417 -15.28 -34.22 -22.30
HG2 MSE A 417 -14.17 -32.29 -20.53
HG3 MSE A 417 -13.64 -33.76 -20.74
HE1 MSE A 417 -12.15 -33.70 -24.46
HE2 MSE A 417 -12.48 -34.66 -23.25
HE3 MSE A 417 -13.66 -33.97 -24.07
N HIS A 418 -18.40 -32.42 -22.75
CA HIS A 418 -19.67 -32.70 -23.41
C HIS A 418 -19.79 -31.95 -24.76
N LEU A 419 -19.35 -30.70 -24.79
CA LEU A 419 -19.28 -29.94 -26.05
C LEU A 419 -18.37 -30.63 -27.06
N ALA A 420 -17.20 -31.04 -26.61
CA ALA A 420 -16.27 -31.78 -27.44
C ALA A 420 -16.93 -33.02 -28.05
N TYR A 421 -17.66 -33.76 -27.23
CA TYR A 421 -18.34 -34.96 -27.68
C TYR A 421 -19.37 -34.64 -28.77
N LYS A 422 -20.21 -33.65 -28.49
CA LYS A 422 -21.29 -33.30 -29.42
C LYS A 422 -20.78 -32.63 -30.69
N TYR A 423 -19.62 -31.97 -30.65
CA TYR A 423 -19.06 -31.41 -31.88
C TYR A 423 -18.11 -32.40 -32.56
N GLU A 424 -18.06 -33.63 -32.03
CA GLU A 424 -17.37 -34.78 -32.66
C GLU A 424 -15.83 -34.66 -32.73
N ALA A 425 -15.24 -34.21 -31.63
CA ALA A 425 -13.81 -34.35 -31.44
C ALA A 425 -13.56 -35.62 -30.62
N ASN A 426 -13.87 -36.77 -31.19
CA ASN A 426 -13.88 -38.03 -30.43
C ASN A 426 -12.84 -39.06 -30.86
N LYS A 427 -11.83 -38.62 -31.59
CA LYS A 427 -10.74 -39.51 -31.98
C LYS A 427 -9.75 -39.72 -30.81
N ILE A 428 -9.36 -38.62 -30.17
CA ILE A 428 -8.42 -38.60 -29.03
C ILE A 428 -8.91 -37.68 -27.93
N TRP A 429 -8.97 -38.19 -26.70
CA TRP A 429 -9.09 -37.37 -25.50
C TRP A 429 -7.88 -37.64 -24.61
N ILE A 430 -7.03 -36.64 -24.40
CA ILE A 430 -5.87 -36.82 -23.52
C ILE A 430 -5.78 -35.62 -22.56
N VAL A 431 -5.44 -35.90 -21.30
CA VAL A 431 -5.37 -34.85 -20.29
C VAL A 431 -4.00 -34.79 -19.65
N ASN A 432 -3.50 -33.57 -19.49
CA ASN A 432 -2.26 -33.30 -18.77
C ASN A 432 -2.57 -33.47 -17.29
N VAL A 433 -1.99 -34.49 -16.67
CA VAL A 433 -2.29 -34.81 -15.26
C VAL A 433 -1.20 -34.37 -14.29
N GLY A 434 -0.24 -33.59 -14.78
CA GLY A 434 0.89 -33.20 -13.96
C GLY A 434 1.60 -34.45 -13.45
N ASP A 435 1.78 -34.51 -12.12
CA ASP A 435 2.41 -35.64 -11.44
C ASP A 435 1.50 -36.88 -11.25
N LEU A 436 0.31 -36.84 -11.83
CA LEU A 436 -0.71 -37.92 -11.72
C LEU A 436 -1.43 -37.77 -10.37
N LYS A 437 -0.76 -38.10 -9.27
CA LYS A 437 -1.29 -37.76 -7.95
C LYS A 437 -1.07 -36.23 -7.78
N PRO A 438 -2.03 -35.50 -7.17
CA PRO A 438 -3.27 -35.93 -6.51
C PRO A 438 -4.53 -35.68 -7.35
N MSE A 439 -4.47 -36.04 -8.62
CA MSE A 439 -5.59 -35.84 -9.57
C MSE A 439 -6.42 -37.11 -9.77
O MSE A 439 -7.03 -37.26 -10.83
CB MSE A 439 -5.07 -35.39 -10.94
CG MSE A 439 -4.03 -34.32 -10.94
SE MSE A 439 -4.84 -32.79 -10.13
CE MSE A 439 -3.27 -31.68 -10.08
H MSE A 439 -3.79 -36.43 -8.98
HA MSE A 439 -6.15 -35.13 -9.22
HB2 MSE A 439 -4.69 -36.17 -11.38
HB3 MSE A 439 -5.82 -35.06 -11.46
HG2 MSE A 439 -3.26 -34.59 -10.42
HG3 MSE A 439 -3.77 -34.11 -11.86
HE1 MSE A 439 -3.50 -30.83 -9.69
HE2 MSE A 439 -2.59 -32.12 -9.55
HE3 MSE A 439 -2.94 -31.55 -10.98
N GLU A 440 -6.45 -38.00 -8.79
CA GLU A 440 -7.03 -39.33 -8.98
C GLU A 440 -8.52 -39.29 -9.40
N ALA A 441 -9.34 -38.51 -8.71
CA ALA A 441 -10.77 -38.48 -9.01
C ALA A 441 -11.06 -37.87 -10.39
N PRO A 442 -10.51 -36.68 -10.69
CA PRO A 442 -10.81 -36.17 -12.04
C PRO A 442 -10.22 -36.99 -13.20
N ILE A 443 -9.09 -37.66 -12.98
CA ILE A 443 -8.55 -38.57 -14.01
C ILE A 443 -9.54 -39.67 -14.35
N GLU A 444 -10.06 -40.31 -13.32
CA GLU A 444 -11.00 -41.39 -13.54
C GLU A 444 -12.28 -40.83 -14.20
N TYR A 445 -12.72 -39.66 -13.76
CA TYR A 445 -13.91 -39.05 -14.36
C TYR A 445 -13.72 -38.80 -15.85
N PHE A 446 -12.63 -38.12 -16.19
CA PHE A 446 -12.28 -37.83 -17.57
C PHE A 446 -12.28 -39.09 -18.43
N LEU A 447 -11.71 -40.16 -17.90
CA LEU A 447 -11.55 -41.38 -18.68
C LEU A 447 -12.82 -42.22 -18.76
N GLU A 448 -13.63 -42.20 -17.70
CA GLU A 448 -14.96 -42.82 -17.77
C GLU A 448 -15.87 -42.05 -18.72
N MSE A 449 -15.78 -40.73 -18.71
CA MSE A 449 -16.54 -39.95 -19.68
C MSE A 449 -16.08 -40.29 -21.09
O MSE A 449 -16.91 -40.46 -21.98
CB MSE A 449 -16.38 -38.43 -19.43
CG MSE A 449 -17.57 -37.78 -18.82
SE MSE A 449 -17.38 -35.83 -18.94
CE MSE A 449 -18.27 -35.53 -20.60
H MSE A 449 -15.29 -40.26 -18.17
HA MSE A 449 -17.48 -40.17 -19.58
HB2 MSE A 449 -15.63 -38.30 -18.83
HB3 MSE A 449 -16.21 -37.99 -20.27
HG2 MSE A 449 -18.38 -38.04 -19.29
HG3 MSE A 449 -17.64 -38.03 -17.88
HE1 MSE A 449 -18.25 -34.58 -20.80
HE2 MSE A 449 -17.81 -36.02 -21.31
HE3 MSE A 449 -19.19 -35.84 -20.53
N ALA A 450 -14.77 -40.36 -21.30
CA ALA A 450 -14.23 -40.68 -22.61
C ALA A 450 -14.75 -42.02 -23.07
N TRP A 451 -14.83 -42.97 -22.15
CA TRP A 451 -15.36 -44.28 -22.52
C TRP A 451 -16.79 -44.16 -23.07
N ASN A 452 -17.64 -43.40 -22.39
CA ASN A 452 -18.95 -43.12 -22.95
C ASN A 452 -19.60 -41.91 -22.31
N PRO A 453 -19.57 -40.76 -23.01
CA PRO A 453 -20.11 -39.54 -22.39
C PRO A 453 -21.61 -39.66 -22.11
N GLU A 454 -22.30 -40.50 -22.86
CA GLU A 454 -23.74 -40.67 -22.66
C GLU A 454 -24.06 -41.44 -21.38
N GLN A 455 -23.08 -42.14 -20.81
CA GLN A 455 -23.28 -42.80 -19.52
C GLN A 455 -23.15 -41.81 -18.39
N TRP A 456 -22.63 -40.61 -18.70
CA TRP A 456 -22.33 -39.63 -17.68
C TRP A 456 -22.90 -38.27 -18.01
N PRO A 457 -24.22 -38.17 -18.13
CA PRO A 457 -24.88 -36.88 -18.36
C PRO A 457 -24.74 -35.96 -17.16
N LYS A 458 -25.11 -34.70 -17.34
CA LYS A 458 -24.93 -33.72 -16.28
C LYS A 458 -25.71 -34.11 -14.99
N GLU A 459 -26.80 -34.85 -15.14
CA GLU A 459 -27.58 -35.27 -13.98
C GLU A 459 -26.87 -36.35 -13.15
N ARG A 460 -25.72 -36.84 -13.64
CA ARG A 460 -24.94 -37.81 -12.89
C ARG A 460 -23.58 -37.30 -12.44
N ILE A 461 -23.34 -35.99 -12.52
CA ILE A 461 -22.07 -35.43 -12.06
C ILE A 461 -21.90 -35.70 -10.53
N THR A 462 -22.92 -35.39 -9.75
CA THR A 462 -22.84 -35.63 -8.31
C THR A 462 -22.79 -37.13 -8.03
N GLN A 463 -23.56 -37.87 -8.79
CA GLN A 463 -23.62 -39.30 -8.60
C GLN A 463 -22.27 -39.98 -8.87
N PHE A 464 -21.49 -39.47 -9.84
CA PHE A 464 -20.17 -40.07 -10.10
C PHE A 464 -19.32 -40.02 -8.85
N ALA A 465 -19.31 -38.86 -8.20
CA ALA A 465 -18.49 -38.67 -7.01
C ALA A 465 -18.98 -39.55 -5.87
N GLU A 466 -20.30 -39.69 -5.74
CA GLU A 466 -20.84 -40.57 -4.71
C GLU A 466 -20.53 -42.04 -4.98
N LEU A 467 -20.59 -42.45 -6.25
CA LEU A 467 -20.30 -43.83 -6.60
C LEU A 467 -18.80 -44.14 -6.44
N TRP A 468 -17.97 -43.20 -6.81
CA TRP A 468 -16.53 -43.32 -6.61
C TRP A 468 -16.24 -43.45 -5.11
N ALA A 469 -16.80 -42.57 -4.28
CA ALA A 469 -16.61 -42.66 -2.82
C ALA A 469 -17.11 -43.99 -2.29
N GLU A 470 -18.22 -44.49 -2.82
CA GLU A 470 -18.76 -45.73 -2.33
C GLU A 470 -17.86 -46.90 -2.68
N ARG A 471 -17.30 -46.88 -3.88
CA ARG A 471 -16.39 -47.94 -4.27
C ARG A 471 -15.18 -48.00 -3.35
N GLU A 472 -14.56 -46.86 -3.06
CA GLU A 472 -13.29 -46.86 -2.31
C GLU A 472 -13.50 -47.01 -0.80
N PHE A 473 -14.61 -46.48 -0.28
CA PHE A 473 -14.81 -46.38 1.17
C PHE A 473 -16.05 -47.10 1.66
N GLY A 474 -16.91 -47.53 0.74
CA GLY A 474 -18.18 -48.14 1.10
C GLY A 474 -19.31 -47.14 1.29
N PRO A 475 -20.54 -47.64 1.41
CA PRO A 475 -21.73 -46.77 1.33
C PRO A 475 -21.98 -45.87 2.53
N THR A 476 -21.53 -46.24 3.73
CA THR A 476 -21.91 -45.50 4.94
C THR A 476 -21.65 -43.99 4.90
N TYR A 477 -20.49 -43.56 4.42
CA TYR A 477 -20.18 -42.12 4.39
C TYR A 477 -19.89 -41.63 2.97
N ALA A 478 -20.34 -42.39 1.97
CA ALA A 478 -20.05 -42.05 0.57
C ALA A 478 -20.55 -40.65 0.22
N LYS A 479 -21.76 -40.30 0.63
CA LYS A 479 -22.32 -39.00 0.25
C LYS A 479 -21.56 -37.85 0.90
N GLU A 480 -21.20 -38.02 2.17
CA GLU A 480 -20.41 -36.99 2.85
C GLU A 480 -19.01 -36.86 2.25
N ILE A 481 -18.43 -37.99 1.86
CA ILE A 481 -17.08 -37.94 1.28
C ILE A 481 -17.12 -37.25 -0.08
N ALA A 482 -18.10 -37.61 -0.91
CA ALA A 482 -18.28 -36.96 -2.22
C ALA A 482 -18.46 -35.46 -2.05
N GLN A 483 -19.23 -35.04 -1.05
CA GLN A 483 -19.46 -33.62 -0.84
C GLN A 483 -18.18 -32.88 -0.47
N LEU A 484 -17.30 -33.52 0.30
CA LEU A 484 -16.00 -32.90 0.67
C LEU A 484 -15.13 -32.68 -0.57
N VAL A 485 -15.09 -33.66 -1.46
CA VAL A 485 -14.30 -33.53 -2.69
C VAL A 485 -14.91 -32.43 -3.58
N GLN A 486 -16.22 -32.44 -3.69
CA GLN A 486 -16.92 -31.40 -4.47
C GLN A 486 -16.68 -30.01 -3.86
N ASP A 487 -16.68 -29.92 -2.54
CA ASP A 487 -16.45 -28.63 -1.88
C ASP A 487 -15.05 -28.08 -2.07
N TYR A 488 -14.02 -28.90 -1.89
CA TYR A 488 -12.68 -28.35 -1.93
C TYR A 488 -12.33 -28.02 -3.38
N THR A 489 -12.83 -28.82 -4.32
CA THR A 489 -12.54 -28.54 -5.74
C THR A 489 -13.28 -27.31 -6.24
N GLN A 490 -14.51 -27.14 -5.79
CA GLN A 490 -15.24 -25.91 -6.10
C GLN A 490 -14.49 -24.69 -5.58
N HIS A 491 -14.02 -24.77 -4.35
CA HIS A 491 -13.32 -23.65 -3.78
C HIS A 491 -12.03 -23.36 -4.56
N ASN A 492 -11.30 -24.40 -4.87
CA ASN A 492 -10.05 -24.20 -5.62
C ASN A 492 -10.31 -23.69 -7.05
N GLY A 493 -11.48 -24.01 -7.59
CA GLY A 493 -11.87 -23.53 -8.91
C GLY A 493 -12.14 -22.04 -8.93
N ARG A 494 -12.29 -21.44 -7.75
CA ARG A 494 -12.50 -19.99 -7.61
C ARG A 494 -11.20 -19.23 -7.89
N ARG A 495 -10.10 -19.78 -7.40
CA ARG A 495 -8.76 -19.22 -7.61
C ARG A 495 -7.74 -20.25 -7.20
N LYS A 496 -6.82 -20.58 -8.11
CA LYS A 496 -5.76 -21.53 -7.78
C LYS A 496 -5.04 -21.10 -6.51
N PRO A 497 -4.64 -22.06 -5.66
CA PRO A 497 -3.87 -21.71 -4.45
C PRO A 497 -2.68 -20.80 -4.78
N GLU A 498 -1.98 -21.10 -5.87
CA GLU A 498 -0.83 -20.32 -6.31
C GLU A 498 -1.19 -18.85 -6.56
N LEU A 499 -2.43 -18.60 -6.98
CA LEU A 499 -2.90 -17.23 -7.34
C LEU A 499 -3.57 -16.51 -6.16
N GLN A 500 -3.83 -17.23 -5.08
CA GLN A 500 -4.46 -16.59 -3.92
C GLN A 500 -3.51 -15.64 -3.20
N GLU A 501 -4.07 -14.60 -2.56
CA GLU A 501 -3.29 -13.58 -1.86
C GLU A 501 -4.21 -12.86 -0.88
N ALA A 502 -3.63 -11.99 -0.06
CA ALA A 502 -4.40 -11.29 0.98
C ALA A 502 -5.62 -10.57 0.38
N LYS A 503 -5.45 -10.00 -0.82
CA LYS A 503 -6.53 -9.19 -1.37
C LYS A 503 -7.67 -9.99 -2.02
N THR A 504 -7.51 -11.31 -2.17
CA THR A 504 -8.53 -12.06 -2.94
C THR A 504 -9.94 -11.91 -2.39
N TYR A 505 -10.16 -12.34 -1.15
CA TYR A 505 -11.48 -12.29 -0.53
C TYR A 505 -11.66 -11.05 0.33
N SER A 506 -12.74 -10.32 0.09
CA SER A 506 -12.91 -9.00 0.68
C SER A 506 -13.12 -9.02 2.19
N LEU A 507 -12.35 -8.20 2.88
CA LEU A 507 -12.57 -7.99 4.30
C LEU A 507 -13.65 -6.95 4.55
N LEU A 508 -13.86 -6.07 3.58
CA LEU A 508 -14.75 -4.93 3.77
C LEU A 508 -16.20 -5.12 3.39
N ASN A 509 -16.43 -5.90 2.34
CA ASN A 509 -17.74 -5.96 1.71
C ASN A 509 -18.38 -7.34 1.78
N TYR A 510 -19.66 -7.34 2.15
CA TYR A 510 -20.52 -8.52 2.17
C TYR A 510 -19.97 -9.63 3.07
N ASP A 511 -19.15 -9.23 4.05
CA ASP A 511 -18.54 -10.18 4.98
C ASP A 511 -17.88 -11.34 4.24
N GLU A 512 -17.26 -11.06 3.10
CA GLU A 512 -16.87 -12.16 2.22
C GLU A 512 -15.78 -13.02 2.83
N ALA A 513 -14.70 -12.40 3.29
CA ALA A 513 -13.61 -13.20 3.88
C ALA A 513 -14.05 -13.97 5.13
N ALA A 514 -14.90 -13.38 5.98
CA ALA A 514 -15.37 -14.08 7.18
C ALA A 514 -16.24 -15.28 6.83
N ARG A 515 -17.10 -15.13 5.82
CA ARG A 515 -17.95 -16.23 5.35
C ARG A 515 -17.13 -17.36 4.72
N ILE A 516 -16.15 -17.00 3.90
CA ILE A 516 -15.27 -18.01 3.29
C ILE A 516 -14.49 -18.75 4.38
N GLU A 517 -13.97 -18.01 5.34
CA GLU A 517 -13.25 -18.65 6.43
C GLU A 517 -14.11 -19.68 7.17
N GLN A 518 -15.36 -19.32 7.44
CA GLN A 518 -16.27 -20.18 8.18
C GLN A 518 -16.67 -21.42 7.38
N GLN A 519 -16.90 -21.23 6.09
N GLN A 519 -16.92 -21.21 6.09
CA GLN A 519 -17.23 -22.35 5.22
CA GLN A 519 -17.17 -22.31 5.16
C GLN A 519 -16.02 -23.31 5.11
C GLN A 519 -16.02 -23.29 5.24
N LEU A 520 -14.81 -22.77 5.08
CA LEU A 520 -13.61 -23.60 5.00
C LEU A 520 -13.35 -24.32 6.33
N THR A 521 -13.55 -23.63 7.44
CA THR A 521 -13.42 -24.25 8.77
C THR A 521 -14.43 -25.37 8.95
N ASP A 522 -15.67 -25.16 8.50
N ASP A 522 -15.65 -25.17 8.47
CA ASP A 522 -16.69 -26.20 8.58
CA ASP A 522 -16.69 -26.19 8.62
C ASP A 522 -16.24 -27.43 7.80
C ASP A 522 -16.42 -27.42 7.72
N MSE A 523 -15.79 -27.19 6.58
CA MSE A 523 -15.36 -28.26 5.69
C MSE A 523 -14.27 -29.08 6.35
O MSE A 523 -14.32 -30.30 6.35
CB MSE A 523 -14.87 -27.67 4.35
CG MSE A 523 -14.64 -28.65 3.22
SE MSE A 523 -13.74 -27.72 1.72
CE MSE A 523 -14.90 -26.14 1.70
H MSE A 523 -15.73 -26.40 6.22
H MSE A 523 -15.60 -26.40 6.28
HA MSE A 523 -16.12 -28.84 5.50
HB2 MSE A 523 -15.54 -27.03 4.05
HB3 MSE A 523 -14.04 -27.21 4.51
HG2 MSE A 523 -14.06 -29.36 3.52
HG3 MSE A 523 -15.48 -29.00 2.90
HE1 MSE A 523 -14.60 -25.53 1.00
HE2 MSE A 523 -15.81 -26.42 1.53
HE3 MSE A 523 -14.84 -25.70 2.56
N GLU A 524 -13.27 -28.40 6.93
CA GLU A 524 -12.24 -29.06 7.72
C GLU A 524 -12.80 -29.90 8.88
N SER A 525 -13.76 -29.33 9.61
N SER A 525 -13.76 -29.34 9.61
CA SER A 525 -14.38 -30.04 10.72
CA SER A 525 -14.36 -30.06 10.73
C SER A 525 -15.05 -31.34 10.25
C SER A 525 -15.08 -31.33 10.28
N ARG A 526 -15.75 -31.28 9.14
CA ARG A 526 -16.40 -32.47 8.60
C ARG A 526 -15.35 -33.51 8.23
N ALA A 527 -14.26 -33.07 7.61
CA ALA A 527 -13.24 -34.00 7.17
C ALA A 527 -12.59 -34.70 8.36
N GLU A 528 -12.35 -33.94 9.42
CA GLU A 528 -11.67 -34.45 10.61
C GLU A 528 -12.57 -35.40 11.40
N THR A 529 -13.84 -35.04 11.51
CA THR A 529 -14.82 -35.86 12.19
C THR A 529 -14.96 -37.22 11.51
N LEU A 530 -14.98 -37.20 10.19
CA LEU A 530 -15.14 -38.43 9.41
C LEU A 530 -13.93 -39.36 9.52
N PHE A 531 -12.73 -38.77 9.54
CA PHE A 531 -11.48 -39.51 9.70
C PHE A 531 -11.54 -40.49 10.87
N ASN A 532 -12.07 -40.05 11.98
CA ASN A 532 -12.13 -40.92 13.16
C ASN A 532 -13.21 -42.01 13.07
N LYS A 533 -14.10 -41.91 12.09
CA LYS A 533 -15.20 -42.88 11.96
C LYS A 533 -14.87 -43.97 10.96
N ILE A 534 -13.93 -43.75 10.04
CA ILE A 534 -13.70 -44.77 9.02
C ILE A 534 -12.77 -45.88 9.52
N PRO A 535 -12.89 -47.07 8.92
CA PRO A 535 -12.04 -48.20 9.32
C PRO A 535 -10.56 -47.90 9.15
N ALA A 536 -9.74 -48.53 9.98
CA ALA A 536 -8.32 -48.25 10.04
C ALA A 536 -7.68 -48.46 8.66
N ASN A 537 -8.07 -49.51 7.96
CA ASN A 537 -7.43 -49.84 6.69
C ASN A 537 -7.87 -48.90 5.53
N GLN A 538 -8.81 -47.99 5.80
CA GLN A 538 -9.21 -46.95 4.82
C GLN A 538 -8.54 -45.61 5.06
N ARG A 539 -7.79 -45.46 6.13
CA ARG A 539 -7.31 -44.14 6.51
C ARG A 539 -6.21 -43.60 5.61
N ASP A 540 -5.33 -44.45 5.08
CA ASP A 540 -4.32 -43.94 4.15
C ASP A 540 -4.96 -43.36 2.87
N ALA A 541 -5.90 -44.11 2.31
CA ALA A 541 -6.59 -43.69 1.10
C ALA A 541 -7.43 -42.45 1.36
N TYR A 542 -8.12 -42.45 2.50
CA TYR A 542 -8.95 -41.30 2.89
C TYR A 542 -8.06 -40.05 3.07
N TYR A 543 -6.89 -40.25 3.66
CA TYR A 543 -6.00 -39.12 3.88
C TYR A 543 -5.58 -38.54 2.52
N GLN A 544 -5.11 -39.39 1.62
CA GLN A 544 -4.55 -38.87 0.38
C GLN A 544 -5.61 -38.42 -0.64
N LEU A 545 -6.82 -38.98 -0.59
CA LEU A 545 -7.88 -38.64 -1.55
C LEU A 545 -8.88 -37.57 -1.07
N VAL A 546 -8.93 -37.32 0.23
CA VAL A 546 -9.96 -36.46 0.80
C VAL A 546 -9.39 -35.52 1.84
N MSE A 547 -8.88 -36.04 2.93
CA MSE A 547 -8.57 -35.14 4.04
C MSE A 547 -7.40 -34.20 3.74
O MSE A 547 -7.48 -33.02 4.03
CB MSE A 547 -8.30 -35.90 5.32
CG MSE A 547 -8.20 -34.91 6.50
SE MSE A 547 -8.42 -35.74 8.16
CE MSE A 547 -6.93 -36.80 8.07
H MSE A 547 -8.70 -36.87 3.06
HA MSE A 547 -9.37 -34.60 4.20
HB2 MSE A 547 -9.02 -36.52 5.49
HB3 MSE A 547 -7.46 -36.38 5.24
HG2 MSE A 547 -7.33 -34.50 6.48
HG3 MSE A 547 -8.89 -34.24 6.41
HE1 MSE A 547 -6.87 -37.33 8.87
HE2 MSE A 547 -6.99 -37.38 7.29
HE3 MSE A 547 -6.14 -36.24 7.98
N HIS A 548 -6.33 -34.70 3.13
CA HIS A 548 -5.21 -33.82 2.82
C HIS A 548 -5.61 -32.64 1.91
N PRO A 549 -6.27 -32.91 0.76
CA PRO A 549 -6.63 -31.76 -0.05
C PRO A 549 -7.66 -30.82 0.60
N VAL A 550 -8.58 -31.36 1.38
CA VAL A 550 -9.50 -30.51 2.12
C VAL A 550 -8.74 -29.58 3.10
N LEU A 551 -7.96 -30.14 4.01
CA LEU A 551 -7.24 -29.32 4.98
C LEU A 551 -6.21 -28.42 4.34
N ALA A 552 -5.53 -28.91 3.30
CA ALA A 552 -4.49 -28.13 2.67
C ALA A 552 -5.07 -26.94 1.91
N SER A 553 -6.17 -27.15 1.21
CA SER A 553 -6.83 -26.08 0.46
C SER A 553 -7.35 -25.00 1.41
N ALA A 554 -7.96 -25.45 2.49
CA ALA A 554 -8.52 -24.53 3.47
C ALA A 554 -7.42 -23.72 4.14
N THR A 555 -6.30 -24.38 4.42
CA THR A 555 -5.25 -23.76 5.21
C THR A 555 -4.60 -22.63 4.42
N VAL A 556 -4.37 -22.83 3.13
CA VAL A 556 -3.82 -21.75 2.33
C VAL A 556 -4.70 -20.50 2.28
N THR A 557 -5.99 -20.68 2.04
CA THR A 557 -6.89 -19.53 1.97
C THR A 557 -7.00 -18.82 3.32
N LYS A 558 -7.11 -19.60 4.38
CA LYS A 558 -7.24 -19.05 5.75
C LYS A 558 -5.99 -18.27 6.11
N MSE A 559 -4.86 -18.73 5.59
CA MSE A 559 -3.59 -18.05 5.82
C MSE A 559 -3.59 -16.64 5.20
O MSE A 559 -3.16 -15.66 5.84
CB MSE A 559 -2.44 -18.85 5.22
CG MSE A 559 -1.08 -18.23 5.48
SE MSE A 559 0.30 -19.18 4.48
CE MSE A 559 -0.36 -18.75 2.68
H MSE A 559 -4.80 -19.45 5.11
HA MSE A 559 -3.44 -17.97 6.77
HB2 MSE A 559 -2.44 -19.74 5.62
HB3 MSE A 559 -2.56 -18.92 4.26
HG2 MSE A 559 -1.09 -17.30 5.20
HG3 MSE A 559 -0.87 -18.30 6.42
HE1 MSE A 559 0.22 -19.15 2.02
HE2 MSE A 559 -1.25 -19.10 2.59
HE3 MSE A 559 -0.37 -17.78 2.58
N TYR A 560 -4.04 -16.53 3.96
CA TYR A 560 -4.11 -15.21 3.32
C TYR A 560 -5.18 -14.30 3.92
N ILE A 561 -6.27 -14.87 4.42
CA ILE A 561 -7.27 -14.07 5.13
C ILE A 561 -6.66 -13.52 6.43
N ALA A 562 -5.93 -14.37 7.15
CA ALA A 562 -5.22 -13.93 8.36
C ALA A 562 -4.21 -12.83 8.00
N GLN A 563 -3.49 -12.99 6.88
CA GLN A 563 -2.54 -11.98 6.46
C GLN A 563 -3.25 -10.65 6.13
N ALA A 564 -4.37 -10.74 5.43
CA ALA A 564 -5.16 -9.56 5.07
C ALA A 564 -5.59 -8.79 6.31
N ARG A 565 -6.07 -9.51 7.33
CA ARG A 565 -6.49 -8.88 8.56
C ARG A 565 -5.31 -8.27 9.30
N ASN A 566 -4.19 -9.00 9.36
CA ASN A 566 -2.98 -8.45 9.96
C ASN A 566 -2.58 -7.12 9.31
N ARG A 567 -2.62 -7.08 7.98
CA ARG A 567 -2.19 -5.90 7.23
C ARG A 567 -3.15 -4.71 7.40
N LEU A 568 -4.43 -4.97 7.29
CA LEU A 568 -5.43 -3.90 7.44
C LEU A 568 -5.44 -3.37 8.88
N TYR A 569 -5.48 -4.28 9.83
CA TYR A 569 -5.60 -3.87 11.22
C TYR A 569 -4.31 -3.15 11.64
N ALA A 570 -3.17 -3.54 11.09
CA ALA A 570 -1.95 -2.82 11.34
C ALA A 570 -2.03 -1.38 10.74
N LYS A 571 -2.53 -1.23 9.52
CA LYS A 571 -2.75 0.10 8.95
C LYS A 571 -3.72 0.94 9.82
N GLN A 572 -4.69 0.28 10.44
CA GLN A 572 -5.66 0.96 11.30
C GLN A 572 -5.06 1.29 12.68
N GLY A 573 -3.88 0.74 12.98
CA GLY A 573 -3.19 1.00 14.24
C GLY A 573 -3.68 0.17 15.41
N ARG A 574 -4.28 -0.98 15.09
CA ARG A 574 -4.88 -1.83 16.11
C ARG A 574 -3.89 -2.88 16.60
N PRO A 575 -3.57 -2.86 17.89
CA PRO A 575 -2.66 -3.91 18.40
C PRO A 575 -3.14 -5.36 18.15
N ILE A 576 -4.43 -5.56 17.99
CA ILE A 576 -4.95 -6.89 17.66
C ILE A 576 -4.38 -7.46 16.36
N ALA A 577 -3.82 -6.59 15.52
CA ALA A 577 -3.14 -7.04 14.31
C ALA A 577 -2.10 -8.13 14.60
N ASN A 578 -1.44 -8.03 15.75
CA ASN A 578 -0.35 -8.96 16.05
C ASN A 578 -0.82 -10.40 16.22
N SER A 579 -2.04 -10.59 16.72
CA SER A 579 -2.55 -11.95 16.88
C SER A 579 -2.84 -12.56 15.50
N TYR A 580 -3.26 -11.75 14.54
CA TYR A 580 -3.44 -12.23 13.17
C TYR A 580 -2.13 -12.54 12.51
N GLY A 581 -1.08 -11.80 12.87
CA GLY A 581 0.26 -12.16 12.43
C GLY A 581 0.68 -13.52 12.94
N GLN A 582 0.37 -13.80 14.21
CA GLN A 582 0.69 -15.09 14.79
C GLN A 582 -0.10 -16.21 14.07
N GLN A 583 -1.34 -15.91 13.65
CA GLN A 583 -2.18 -16.89 12.91
C GLN A 583 -1.57 -17.21 11.55
N VAL A 584 -1.03 -16.20 10.86
CA VAL A 584 -0.34 -16.41 9.58
C VAL A 584 0.75 -17.46 9.77
N LYS A 585 1.55 -17.28 10.81
CA LYS A 585 2.61 -18.22 11.12
C LYS A 585 2.07 -19.62 11.40
N GLU A 586 1.03 -19.73 12.21
CA GLU A 586 0.51 -21.02 12.60
C GLU A 586 -0.04 -21.74 11.39
N LEU A 587 -0.66 -20.99 10.50
CA LEU A 587 -1.30 -21.60 9.32
C LEU A 587 -0.22 -22.04 8.32
N PHE A 588 0.80 -21.22 8.13
CA PHE A 588 1.96 -21.62 7.32
C PHE A 588 2.63 -22.88 7.88
N GLU A 589 2.80 -22.95 9.20
CA GLU A 589 3.38 -24.14 9.81
C GLU A 589 2.46 -25.35 9.63
N LYS A 590 1.15 -25.13 9.68
CA LYS A 590 0.18 -26.20 9.42
C LYS A 590 0.29 -26.74 8.00
N ASP A 591 0.42 -25.85 7.01
CA ASP A 591 0.62 -26.26 5.62
C ASP A 591 1.84 -27.21 5.51
N ALA A 592 2.90 -26.82 6.19
CA ALA A 592 4.16 -27.59 6.15
C ALA A 592 3.99 -28.96 6.81
N ALA A 593 3.25 -28.98 7.92
CA ALA A 593 2.98 -30.22 8.65
C ALA A 593 2.08 -31.20 7.87
N LEU A 594 1.11 -30.67 7.14
CA LEU A 594 0.25 -31.52 6.32
C LEU A 594 1.07 -32.22 5.24
N THR A 595 2.04 -31.50 4.67
CA THR A 595 2.95 -32.07 3.70
C THR A 595 3.78 -33.21 4.34
N LYS A 596 4.27 -32.98 5.55
CA LYS A 596 5.01 -34.03 6.25
C LYS A 596 4.14 -35.25 6.44
N ARG A 597 2.87 -35.03 6.79
CA ARG A 597 1.95 -36.13 7.06
C ARG A 597 1.68 -36.95 5.79
N TYR A 598 1.43 -36.27 4.68
CA TYR A 598 1.27 -36.93 3.39
C TYR A 598 2.50 -37.77 3.02
N HIS A 599 3.69 -37.23 3.29
CA HIS A 599 4.93 -37.91 2.97
C HIS A 599 5.25 -39.07 3.91
N SER A 600 4.48 -39.18 5.00
N SER A 600 4.48 -39.19 4.99
CA SER A 600 4.76 -40.16 6.03
CA SER A 600 4.76 -40.17 6.03
C SER A 600 3.80 -41.34 6.03
C SER A 600 3.79 -41.34 6.04
N ILE A 601 2.60 -41.18 5.48
CA ILE A 601 1.61 -42.25 5.55
C ILE A 601 2.09 -43.51 4.82
N ASN A 602 1.64 -44.66 5.30
CA ASN A 602 1.98 -45.95 4.68
C ASN A 602 3.50 -46.10 4.51
N ASN A 603 4.23 -45.83 5.59
N ASN A 603 4.22 -45.82 5.60
CA ASN A 603 5.70 -45.99 5.64
CA ASN A 603 5.67 -45.97 5.65
C ASN A 603 6.44 -45.14 4.61
C ASN A 603 6.40 -45.17 4.58
N GLY A 604 5.91 -43.96 4.33
CA GLY A 604 6.52 -43.05 3.40
C GLY A 604 6.34 -43.46 1.94
N LYS A 605 5.31 -44.22 1.63
CA LYS A 605 5.10 -44.71 0.27
C LYS A 605 5.07 -43.56 -0.74
N TRP A 606 4.49 -42.42 -0.35
CA TRP A 606 4.28 -41.32 -1.29
C TRP A 606 5.20 -40.12 -1.02
N ASN A 607 6.32 -40.36 -0.35
CA ASN A 607 7.28 -39.29 -0.05
C ASN A 607 7.68 -38.56 -1.34
N HIS A 608 7.72 -37.21 -1.26
CA HIS A 608 8.02 -36.28 -2.37
C HIS A 608 6.79 -35.81 -3.16
N PHE A 609 5.66 -36.52 -3.11
CA PHE A 609 4.54 -36.13 -3.98
C PHE A 609 3.88 -34.78 -3.62
N MSE A 610 4.13 -34.25 -2.44
CA MSE A 610 3.55 -32.97 -2.05
C MSE A 610 4.62 -31.90 -1.88
O MSE A 610 4.40 -30.92 -1.17
CB MSE A 610 2.73 -33.12 -0.75
CG MSE A 610 1.35 -33.65 -0.92
SE MSE A 610 0.27 -32.43 -2.04
CE MSE A 610 -0.06 -33.65 -3.46
H MSE A 610 4.64 -34.62 -1.84
HA MSE A 610 2.94 -32.70 -2.76
HB2 MSE A 610 3.19 -33.73 -0.16
HB3 MSE A 610 2.66 -32.25 -0.33
HG2 MSE A 610 1.38 -34.51 -1.35
HG3 MSE A 610 0.92 -33.73 -0.06
HE1 MSE A 610 -0.61 -33.22 -4.13
HE2 MSE A 610 0.78 -33.94 -3.83
HE3 MSE A 610 -0.54 -34.43 -3.10
N SER A 611 5.77 -32.08 -2.54
CA SER A 611 6.90 -31.19 -2.34
C SER A 611 6.87 -29.95 -3.22
N GLN A 612 5.83 -29.78 -4.03
CA GLN A 612 5.74 -28.62 -4.93
C GLN A 612 5.62 -27.29 -4.16
N PRO A 613 6.54 -26.34 -4.38
CA PRO A 613 6.33 -25.03 -3.73
C PRO A 613 5.05 -24.34 -4.22
N HIS A 614 4.22 -23.82 -3.32
CA HIS A 614 2.96 -23.24 -3.72
C HIS A 614 2.58 -21.93 -2.98
N ILE A 615 3.48 -21.43 -2.14
CA ILE A 615 3.28 -20.18 -1.38
C ILE A 615 4.50 -19.30 -1.63
N GLY A 616 4.28 -18.16 -2.26
CA GLY A 616 5.36 -17.20 -2.46
C GLY A 616 5.55 -16.78 -3.91
N TYR A 617 4.55 -17.04 -4.74
CA TYR A 617 4.62 -16.62 -6.15
C TYR A 617 4.56 -15.09 -6.31
N THR A 618 5.40 -14.57 -7.20
CA THR A 618 5.37 -13.16 -7.59
C THR A 618 5.30 -12.97 -9.11
N HIS A 619 5.44 -14.08 -9.85
CA HIS A 619 5.32 -14.09 -11.30
C HIS A 619 4.92 -15.51 -11.69
N TRP A 620 4.84 -15.80 -12.99
CA TRP A 620 4.22 -17.04 -13.45
C TRP A 620 4.94 -18.29 -12.95
N ASN A 621 6.24 -18.20 -12.70
CA ASN A 621 7.05 -19.39 -12.38
C ASN A 621 7.19 -19.57 -10.88
N ASN A 622 7.19 -20.82 -10.43
CA ASN A 622 7.19 -21.09 -9.00
C ASN A 622 8.44 -20.55 -8.30
N PRO A 623 8.30 -20.17 -7.01
CA PRO A 623 9.48 -19.94 -6.17
C PRO A 623 10.19 -21.27 -5.92
N GLU A 624 11.41 -21.22 -5.42
CA GLU A 624 12.20 -22.43 -5.17
C GLU A 624 11.78 -23.14 -3.89
N ASP A 625 11.11 -22.42 -3.01
CA ASP A 625 10.61 -23.00 -1.76
C ASP A 625 9.43 -22.18 -1.29
N ASN A 626 8.61 -22.72 -0.40
CA ASN A 626 7.56 -21.92 0.21
C ASN A 626 8.18 -20.83 1.08
N ILE A 627 7.59 -19.65 1.05
CA ILE A 627 8.02 -18.53 1.91
C ILE A 627 6.83 -18.02 2.72
N MSE A 628 6.98 -17.92 4.06
CA MSE A 628 5.87 -17.40 4.87
C MSE A 628 5.59 -15.94 4.47
O MSE A 628 6.53 -15.17 4.34
CB MSE A 628 6.18 -17.48 6.37
CG MSE A 628 4.96 -17.09 7.24
SE MSE A 628 5.52 -16.97 9.04
CE MSE A 628 4.63 -15.32 9.56
H MSE A 628 7.68 -18.14 4.50
HA MSE A 628 5.08 -17.94 4.70
HB2 MSE A 628 6.42 -18.39 6.60
HB3 MSE A 628 6.90 -16.87 6.58
HG2 MSE A 628 4.61 -16.21 6.97
HG3 MSE A 628 4.27 -17.76 7.17
HE1 MSE A 628 4.84 -15.12 10.49
HE2 MSE A 628 4.94 -14.60 8.99
HE3 MSE A 628 3.67 -15.42 9.45
N PRO A 629 4.30 -15.59 4.29
CA PRO A 629 3.98 -14.23 3.85
C PRO A 629 4.44 -13.18 4.86
N VAL A 630 4.69 -11.97 4.37
CA VAL A 630 5.10 -10.84 5.19
C VAL A 630 4.02 -10.47 6.20
N VAL A 631 4.41 -10.15 7.44
CA VAL A 631 3.44 -9.67 8.42
C VAL A 631 3.88 -8.35 9.03
N SER A 632 2.91 -7.61 9.55
CA SER A 632 3.12 -6.31 10.19
C SER A 632 3.07 -6.46 11.70
N VAL A 633 3.84 -5.65 12.41
CA VAL A 633 3.88 -5.65 13.86
C VAL A 633 3.48 -4.27 14.35
N VAL A 634 2.43 -4.24 15.18
CA VAL A 634 1.94 -3.00 15.79
C VAL A 634 2.49 -2.85 17.22
N SER A 635 2.87 -1.62 17.58
CA SER A 635 3.38 -1.31 18.92
C SER A 635 2.30 -0.57 19.70
N LYS A 636 2.33 -0.69 21.02
CA LYS A 636 1.45 0.09 21.89
C LYS A 636 2.15 1.26 22.53
N GLY A 637 1.37 2.29 22.84
CA GLY A 637 1.85 3.37 23.68
C GLY A 637 1.61 2.99 25.13
N ASN A 638 1.45 3.98 25.99
CA ASN A 638 1.20 3.76 27.41
C ASN A 638 -0.20 4.29 27.79
N ASN A 639 -0.36 5.59 27.73
CA ASN A 639 -1.64 6.23 28.00
C ASN A 639 -2.76 5.72 27.11
N ALA A 640 -3.96 5.63 27.68
CA ALA A 640 -5.19 5.31 26.96
C ALA A 640 -5.33 6.23 25.76
N ASP A 641 -5.59 5.64 24.61
CA ASP A 641 -5.71 6.39 23.38
C ASP A 641 -6.72 5.65 22.48
N MSE A 642 -7.83 6.30 22.20
CA MSE A 642 -8.95 5.63 21.51
C MSE A 642 -8.84 5.67 19.98
O MSE A 642 -8.57 6.71 19.40
CB MSE A 642 -10.26 6.26 21.93
CG MSE A 642 -11.47 5.49 21.38
SE MSE A 642 -13.11 6.23 22.02
CE MSE A 642 -13.13 7.87 21.01
H MSE A 642 -7.99 7.12 22.39
HA MSE A 642 -8.96 4.70 21.79
HB2 MSE A 642 -10.33 6.26 22.90
HB3 MSE A 642 -10.31 7.17 21.59
HG2 MSE A 642 -11.47 5.55 20.42
HG3 MSE A 642 -11.42 4.57 21.67
HE1 MSE A 642 -13.92 8.37 21.23
HE2 MSE A 642 -12.33 8.38 21.24
HE3 MSE A 642 -13.12 7.65 20.07
N GLY A 643 -9.06 4.51 19.35
CA GLY A 643 -9.37 4.41 17.92
C GLY A 643 -10.78 3.80 17.70
N VAL A 644 -11.37 4.02 16.52
CA VAL A 644 -12.63 3.40 16.15
C VAL A 644 -12.53 2.90 14.70
N ALA A 645 -12.70 1.60 14.54
CA ALA A 645 -12.77 0.97 13.24
C ALA A 645 -14.23 0.86 12.86
N VAL A 646 -14.51 1.20 11.62
CA VAL A 646 -15.87 1.29 11.10
C VAL A 646 -16.06 0.21 10.04
N GLU A 647 -17.11 -0.60 10.21
CA GLU A 647 -17.42 -1.64 9.25
C GLU A 647 -17.52 -1.09 7.84
N GLY A 648 -16.85 -1.77 6.90
CA GLY A 648 -16.85 -1.40 5.49
C GLY A 648 -15.83 -0.36 5.05
N MSE A 649 -15.06 0.18 6.00
CA MSE A 649 -14.05 1.22 5.74
C MSE A 649 -12.64 0.81 6.11
O MSE A 649 -12.41 0.19 7.15
CB MSE A 649 -14.34 2.49 6.57
CG MSE A 649 -15.51 3.26 6.16
SE MSE A 649 -15.48 4.91 7.13
CE MSE A 649 -13.90 5.72 6.40
H MSE A 649 -15.10 -0.04 6.83
HA MSE A 649 -14.08 1.46 4.81
HB2 MSE A 649 -14.49 2.22 7.50
HB3 MSE A 649 -13.56 3.07 6.53
HG2 MSE A 649 -15.44 3.46 5.20
HG3 MSE A 649 -16.32 2.78 6.36
HE1 MSE A 649 -13.77 6.58 6.81
HE2 MSE A 649 -13.15 5.14 6.58
HE3 MSE A 649 -14.02 5.82 5.44
N GLU A 650 -11.66 1.20 5.29
CA GLU A 650 -10.26 0.89 5.60
C GLU A 650 -9.64 1.84 6.63
N PRO A 651 -9.80 3.17 6.44
CA PRO A 651 -9.28 4.08 7.48
C PRO A 651 -10.01 3.94 8.81
N ALA A 652 -9.25 3.95 9.88
CA ALA A 652 -9.82 3.99 11.22
C ALA A 652 -9.81 5.41 11.74
N TRP A 653 -10.76 5.71 12.62
CA TRP A 653 -10.82 7.02 13.26
C TRP A 653 -9.77 7.10 14.36
N PRO A 654 -9.09 8.25 14.50
CA PRO A 654 -9.20 9.44 13.66
C PRO A 654 -8.22 9.44 12.46
N THR A 655 -8.63 9.97 11.32
CA THR A 655 -7.78 10.10 10.14
C THR A 655 -8.18 11.38 9.45
N GLN A 656 -7.20 12.24 9.21
CA GLN A 656 -7.46 13.51 8.51
C GLN A 656 -8.17 13.26 7.17
N ASP A 657 -9.09 14.16 6.84
CA ASP A 657 -9.67 14.23 5.50
C ASP A 657 -10.49 12.99 5.09
N VAL A 658 -11.05 12.31 6.07
CA VAL A 658 -11.86 11.10 5.83
C VAL A 658 -13.25 11.30 6.42
N ALA A 659 -14.26 11.02 5.62
CA ALA A 659 -15.64 11.11 6.09
C ALA A 659 -16.03 9.76 6.66
N PHE A 660 -16.24 9.68 7.96
CA PHE A 660 -16.52 8.38 8.57
C PHE A 660 -18.01 8.11 8.55
N ALA A 661 -18.36 6.96 7.99
CA ALA A 661 -19.75 6.57 7.88
C ALA A 661 -19.87 5.06 7.77
N LEU A 662 -20.93 4.50 8.34
CA LEU A 662 -21.31 3.09 8.13
C LEU A 662 -22.00 2.97 6.79
N PRO A 663 -21.98 1.79 6.16
CA PRO A 663 -22.75 1.65 4.91
C PRO A 663 -24.22 1.87 5.18
N THR A 664 -24.91 2.44 4.21
CA THR A 664 -26.30 2.84 4.36
C THR A 664 -27.17 1.65 4.74
N PHE A 665 -28.02 1.84 5.73
CA PHE A 665 -29.01 0.85 6.13
C PHE A 665 -30.21 0.85 5.17
N THR A 666 -30.61 -0.34 4.73
CA THR A 666 -31.78 -0.52 3.87
C THR A 666 -32.73 -1.56 4.50
N PRO A 667 -34.04 -1.47 4.19
CA PRO A 667 -35.05 -2.27 4.90
C PRO A 667 -34.81 -3.78 4.84
N TYR A 668 -34.29 -4.32 3.73
CA TYR A 668 -34.11 -5.77 3.64
C TYR A 668 -32.66 -6.18 3.64
N GLY A 669 -31.78 -5.23 3.96
CA GLY A 669 -30.35 -5.49 3.97
C GLY A 669 -29.85 -5.92 5.34
N LYS A 670 -28.54 -5.92 5.49
CA LYS A 670 -27.90 -6.22 6.78
C LYS A 670 -28.39 -5.28 7.88
N GLN A 671 -28.90 -5.83 8.99
CA GLN A 671 -29.57 -5.03 10.00
C GLN A 671 -28.72 -4.55 11.17
N THR A 672 -27.58 -5.21 11.41
CA THR A 672 -26.68 -4.83 12.49
C THR A 672 -25.27 -4.65 11.95
N LYS A 673 -24.68 -3.48 12.15
CA LYS A 673 -23.32 -3.18 11.66
C LYS A 673 -22.45 -2.71 12.84
N ILE A 674 -21.13 -2.85 12.69
CA ILE A 674 -20.21 -2.81 13.84
C ILE A 674 -19.25 -1.63 13.82
N LEU A 675 -19.23 -0.92 14.95
CA LEU A 675 -18.14 -0.02 15.28
C LEU A 675 -17.26 -0.69 16.33
N THR A 676 -15.97 -0.78 16.06
CA THR A 676 -15.06 -1.41 17.01
C THR A 676 -14.15 -0.39 17.70
N VAL A 677 -14.32 -0.26 19.01
CA VAL A 677 -13.51 0.67 19.82
C VAL A 677 -12.26 -0.07 20.29
N PHE A 678 -11.09 0.53 20.06
CA PHE A 678 -9.85 -0.07 20.53
C PHE A 678 -8.93 0.93 21.19
N ASN A 679 -8.00 0.38 21.96
CA ASN A 679 -7.02 1.12 22.76
C ASN A 679 -5.65 0.98 22.12
N LYS A 680 -5.03 2.11 21.80
CA LYS A 680 -3.68 2.12 21.26
C LYS A 680 -2.63 2.14 22.38
N GLY A 681 -3.09 2.29 23.62
CA GLY A 681 -2.22 2.30 24.79
C GLY A 681 -2.47 1.05 25.63
N VAL A 682 -2.02 1.06 26.89
CA VAL A 682 -2.26 -0.06 27.78
C VAL A 682 -3.13 0.31 28.98
N LYS A 683 -3.13 1.59 29.37
CA LYS A 683 -3.92 2.00 30.53
C LYS A 683 -5.40 1.92 30.22
N PRO A 684 -6.25 1.89 31.26
CA PRO A 684 -7.69 1.78 31.05
C PRO A 684 -8.27 2.94 30.24
N LEU A 685 -9.10 2.58 29.27
CA LEU A 685 -9.73 3.52 28.36
C LEU A 685 -11.24 3.49 28.54
N LYS A 686 -11.80 4.59 29.03
CA LYS A 686 -13.25 4.73 29.25
C LYS A 686 -13.86 5.62 28.18
N PHE A 687 -15.08 5.30 27.77
CA PHE A 687 -15.76 6.08 26.76
C PHE A 687 -17.27 5.95 26.89
N SER A 688 -17.97 6.92 26.34
CA SER A 688 -19.41 6.96 26.23
C SER A 688 -19.82 6.87 24.76
N VAL A 689 -21.01 6.34 24.55
CA VAL A 689 -21.57 6.14 23.21
C VAL A 689 -22.97 6.73 23.23
N SER A 690 -23.26 7.58 22.24
CA SER A 690 -24.61 8.13 22.14
C SER A 690 -25.06 8.25 20.68
N SER A 691 -26.37 8.15 20.49
CA SER A 691 -26.99 8.24 19.18
C SER A 691 -27.69 9.58 19.06
N GLY A 692 -27.70 10.17 17.87
CA GLY A 692 -28.31 11.47 17.67
C GLY A 692 -29.74 11.45 17.17
N ALA A 693 -30.39 10.30 17.21
CA ALA A 693 -31.74 10.16 16.66
C ALA A 693 -32.43 8.95 17.23
N ALA A 694 -33.75 9.09 17.45
CA ALA A 694 -34.56 8.05 18.07
C ALA A 694 -34.61 6.77 17.23
N TRP A 695 -34.39 6.88 15.92
CA TRP A 695 -34.45 5.70 15.06
C TRP A 695 -33.10 4.94 14.98
N LEU A 696 -32.06 5.52 15.54
CA LEU A 696 -30.71 4.98 15.48
C LEU A 696 -30.39 4.34 16.83
N LYS A 697 -30.22 3.02 16.86
CA LYS A 697 -30.02 2.30 18.10
C LYS A 697 -28.58 1.86 18.24
N VAL A 698 -28.01 1.99 19.44
CA VAL A 698 -26.68 1.45 19.73
C VAL A 698 -26.74 0.47 20.91
N SER A 699 -25.89 -0.55 20.90
CA SER A 699 -26.02 -1.65 21.88
C SER A 699 -25.43 -1.34 23.27
N ALA A 700 -24.70 -0.24 23.40
CA ALA A 700 -24.10 0.17 24.66
C ALA A 700 -24.00 1.69 24.70
N SER A 701 -24.07 2.25 25.90
CA SER A 701 -24.02 3.69 26.09
C SER A 701 -22.68 4.12 26.70
N SER A 702 -21.88 3.14 27.12
CA SER A 702 -20.54 3.42 27.63
C SER A 702 -19.72 2.12 27.67
N GLY A 703 -18.42 2.24 27.93
CA GLY A 703 -17.57 1.06 27.98
C GLY A 703 -16.22 1.36 28.58
N GLU A 704 -15.48 0.31 28.92
CA GLU A 704 -14.15 0.46 29.46
C GLU A 704 -13.35 -0.73 29.03
N ILE A 705 -12.21 -0.46 28.39
CA ILE A 705 -11.36 -1.52 27.89
C ILE A 705 -9.90 -1.26 28.27
N THR A 706 -9.14 -2.35 28.32
CA THR A 706 -7.69 -2.28 28.52
C THR A 706 -7.03 -2.88 27.29
N HIS A 707 -6.92 -4.21 27.26
CA HIS A 707 -6.24 -4.92 26.17
C HIS A 707 -7.20 -5.44 25.07
N GLN A 708 -8.48 -5.55 25.42
CA GLN A 708 -9.49 -6.04 24.48
C GLN A 708 -10.10 -4.91 23.66
N GLU A 709 -10.70 -5.27 22.52
CA GLU A 709 -11.50 -4.32 21.74
C GLU A 709 -12.97 -4.45 22.20
N MSE A 710 -13.83 -3.49 21.87
CA MSE A 710 -15.26 -3.63 22.15
C MSE A 710 -16.08 -3.28 20.94
O MSE A 710 -15.91 -2.22 20.33
CB MSE A 710 -15.71 -2.75 23.31
CG MSE A 710 -17.24 -2.76 23.50
SE MSE A 710 -17.78 -1.87 25.13
CE MSE A 710 -16.93 -3.13 26.35
H MSE A 710 -13.61 -2.74 21.49
HA MSE A 710 -15.44 -4.55 22.38
HB2 MSE A 710 -15.31 -3.08 24.13
HB3 MSE A 710 -15.43 -1.84 23.14
HG2 MSE A 710 -17.66 -2.29 22.75
HG3 MSE A 710 -17.56 -3.68 23.53
HE1 MSE A 710 -17.09 -2.84 27.26
HE2 MSE A 710 -17.31 -4.01 26.20
HE3 MSE A 710 -15.97 -3.15 26.16
N GLN A 711 -16.96 -4.18 20.59
CA GLN A 711 -17.85 -3.94 19.47
C GLN A 711 -19.12 -3.21 19.92
N ILE A 712 -19.45 -2.13 19.23
CA ILE A 712 -20.75 -1.48 19.37
C ILE A 712 -21.58 -1.88 18.16
N GLN A 713 -22.72 -2.48 18.44
CA GLN A 713 -23.68 -2.85 17.40
C GLN A 713 -24.64 -1.71 17.09
N VAL A 714 -24.74 -1.36 15.81
CA VAL A 714 -25.58 -0.26 15.37
C VAL A 714 -26.73 -0.84 14.52
N SER A 715 -27.93 -0.33 14.74
CA SER A 715 -29.11 -0.83 14.04
C SER A 715 -30.17 0.26 14.00
N ILE A 716 -31.19 0.01 13.19
CA ILE A 716 -32.29 0.96 12.95
C ILE A 716 -33.62 0.52 13.57
N ASP A 717 -34.34 1.45 14.17
CA ASP A 717 -35.73 1.21 14.55
C ASP A 717 -36.60 1.76 13.41
N TRP A 718 -36.93 0.89 12.46
CA TRP A 718 -37.59 1.33 11.23
C TRP A 718 -38.94 2.01 11.49
N ALA A 719 -39.61 1.66 12.59
CA ALA A 719 -40.90 2.27 12.91
C ALA A 719 -40.74 3.74 13.25
N LYS A 720 -39.58 4.13 13.76
CA LYS A 720 -39.36 5.51 14.16
C LYS A 720 -38.70 6.33 13.07
N LEU A 721 -38.45 5.72 11.92
CA LEU A 721 -37.78 6.39 10.79
C LEU A 721 -38.83 6.93 9.81
N PRO A 722 -38.82 8.24 9.54
CA PRO A 722 -39.73 8.76 8.51
C PRO A 722 -39.34 8.29 7.11
N LEU A 723 -40.25 8.37 6.14
CA LEU A 723 -39.93 7.95 4.78
C LEU A 723 -38.82 8.83 4.22
N GLY A 724 -38.09 8.29 3.26
CA GLY A 724 -36.99 9.01 2.63
C GLY A 724 -35.65 8.57 3.15
N ILE A 725 -34.64 9.41 2.94
CA ILE A 725 -33.28 9.16 3.37
C ILE A 725 -32.97 10.06 4.53
N HIS A 726 -32.50 9.49 5.63
CA HIS A 726 -32.16 10.30 6.81
C HIS A 726 -30.79 9.92 7.36
N GLU A 727 -30.14 10.89 8.02
CA GLU A 727 -28.84 10.62 8.62
C GLU A 727 -28.75 11.15 10.05
N SER A 728 -27.88 10.53 10.83
CA SER A 728 -27.59 11.00 12.18
C SER A 728 -26.19 10.51 12.49
N ASN A 729 -25.67 10.82 13.67
CA ASN A 729 -24.36 10.34 14.07
C ASN A 729 -24.43 9.43 15.30
N VAL A 730 -23.50 8.48 15.35
CA VAL A 730 -23.11 7.86 16.59
C VAL A 730 -21.92 8.65 17.10
N THR A 731 -22.00 9.14 18.35
CA THR A 731 -20.90 9.92 18.92
C THR A 731 -20.22 9.14 20.03
N ILE A 732 -18.91 8.95 19.89
CA ILE A 732 -18.12 8.21 20.86
C ILE A 732 -17.06 9.12 21.44
N LYS A 733 -17.19 9.34 22.74
CA LYS A 733 -16.33 10.26 23.48
C LYS A 733 -15.38 9.48 24.39
N GLY A 734 -14.10 9.53 24.07
CA GLY A 734 -13.07 8.90 24.87
C GLY A 734 -12.33 9.97 25.66
N PRO A 735 -11.08 9.69 26.09
CA PRO A 735 -10.23 10.61 26.84
C PRO A 735 -9.98 11.94 26.16
N SER A 736 -9.51 11.92 24.91
CA SER A 736 -9.31 13.15 24.17
C SER A 736 -10.59 13.97 24.12
N TRP A 737 -10.46 15.28 23.97
CA TRP A 737 -11.63 16.15 23.94
C TRP A 737 -12.29 16.12 22.56
N VAL A 738 -11.59 15.61 21.55
CA VAL A 738 -12.17 15.40 20.22
C VAL A 738 -12.92 14.06 20.18
N ALA A 739 -14.24 14.14 20.03
CA ALA A 739 -15.11 12.96 19.95
C ALA A 739 -15.15 12.42 18.53
N ALA A 740 -15.39 11.13 18.42
CA ALA A 740 -15.61 10.48 17.14
C ALA A 740 -17.07 10.57 16.75
N ASN A 741 -17.33 11.06 15.55
CA ASN A 741 -18.69 11.08 15.02
C ASN A 741 -18.75 10.23 13.77
N ILE A 742 -19.50 9.15 13.85
CA ILE A 742 -19.66 8.24 12.71
C ILE A 742 -21.05 8.45 12.15
N LYS A 743 -21.14 8.83 10.88
CA LYS A 743 -22.41 9.08 10.25
C LYS A 743 -23.13 7.76 9.95
N VAL A 744 -24.43 7.77 10.18
CA VAL A 744 -25.29 6.65 9.86
C VAL A 744 -26.42 7.16 8.99
N THR A 745 -26.67 6.45 7.90
CA THR A 745 -27.70 6.82 6.95
C THR A 745 -28.65 5.65 6.77
N ALA A 746 -29.92 5.95 6.65
CA ALA A 746 -30.95 4.93 6.48
C ALA A 746 -31.88 5.39 5.38
N ASN A 747 -32.22 4.48 4.47
CA ASN A 747 -33.04 4.79 3.29
C ASN A 747 -34.30 3.92 3.25
N LYS A 748 -35.43 4.55 3.57
CA LYS A 748 -36.72 3.90 3.63
C LYS A 748 -37.69 4.54 2.62
N PRO A 749 -37.63 4.10 1.35
CA PRO A 749 -38.37 4.83 0.30
C PRO A 749 -39.88 4.70 0.41
N ALA A 750 -40.33 3.70 1.15
CA ALA A 750 -41.76 3.47 1.29
C ALA A 750 -42.02 2.63 2.52
N LYS A 751 -43.30 2.45 2.82
CA LYS A 751 -43.74 1.52 3.85
C LYS A 751 -43.07 0.19 3.62
N VAL A 752 -42.64 -0.46 4.70
CA VAL A 752 -41.85 -1.69 4.59
C VAL A 752 -42.73 -2.92 4.74
N ILE A 753 -43.04 -3.54 3.61
CA ILE A 753 -43.85 -4.74 3.58
C ILE A 753 -43.03 -5.93 4.10
N PRO A 754 -43.64 -6.79 4.93
CA PRO A 754 -42.87 -7.97 5.36
C PRO A 754 -42.41 -8.83 4.18
N LEU A 755 -41.18 -9.34 4.26
CA LEU A 755 -40.57 -10.10 3.17
C LEU A 755 -41.48 -11.22 2.64
N LYS A 756 -42.21 -11.89 3.53
CA LYS A 756 -43.06 -12.99 3.09
C LYS A 756 -44.15 -12.53 2.12
N LYS A 757 -44.52 -11.25 2.18
CA LYS A 757 -45.57 -10.71 1.31
C LYS A 757 -44.99 -10.19 0.00
N LEU A 758 -43.67 -10.20 -0.12
CA LEU A 758 -43.01 -9.75 -1.34
C LEU A 758 -42.84 -10.90 -2.32
N THR A 759 -42.50 -10.55 -3.57
CA THR A 759 -42.26 -11.55 -4.60
C THR A 759 -40.86 -11.44 -5.20
N GLY A 760 -40.23 -12.60 -5.36
CA GLY A 760 -38.96 -12.71 -6.02
C GLY A 760 -37.78 -12.24 -5.19
N PHE A 761 -36.65 -12.01 -5.85
CA PHE A 761 -35.44 -11.54 -5.17
C PHE A 761 -35.52 -10.05 -4.93
N VAL A 762 -35.19 -9.64 -3.70
CA VAL A 762 -35.50 -8.28 -3.22
C VAL A 762 -34.24 -7.46 -3.09
N GLU A 763 -34.31 -6.24 -3.59
CA GLU A 763 -33.17 -5.31 -3.50
C GLU A 763 -32.80 -5.07 -2.04
N ALA A 764 -31.52 -5.07 -1.76
CA ALA A 764 -31.01 -4.73 -0.44
C ALA A 764 -29.57 -4.28 -0.55
N ASP A 765 -29.17 -3.28 0.22
CA ASP A 765 -27.78 -2.81 0.21
C ASP A 765 -27.23 -2.57 -1.19
N GLY A 766 -28.07 -2.03 -2.08
CA GLY A 766 -27.60 -1.59 -3.38
C GLY A 766 -27.48 -2.62 -4.49
N TYR A 767 -28.01 -3.83 -4.27
CA TYR A 767 -27.94 -4.87 -5.29
C TYR A 767 -29.12 -5.86 -5.20
N ILE A 768 -29.25 -6.62 -6.28
CA ILE A 768 -30.03 -7.84 -6.30
C ILE A 768 -29.13 -8.94 -6.85
N SER A 769 -29.06 -10.07 -6.16
CA SER A 769 -28.13 -11.13 -6.54
C SER A 769 -28.84 -12.46 -6.49
N PHE A 770 -28.63 -13.31 -7.51
CA PHE A 770 -29.26 -14.62 -7.48
C PHE A 770 -28.56 -15.61 -8.41
N ASP A 771 -28.64 -16.89 -8.05
CA ASP A 771 -28.10 -17.95 -8.90
C ASP A 771 -28.89 -18.05 -10.20
N ALA A 772 -28.20 -18.41 -11.29
CA ALA A 772 -28.85 -18.50 -12.59
C ALA A 772 -29.95 -19.57 -12.61
N ALA A 773 -29.83 -20.59 -11.76
CA ALA A 773 -30.81 -21.67 -11.72
C ALA A 773 -32.10 -21.26 -10.98
N ALA A 774 -32.08 -20.14 -10.26
CA ALA A 774 -33.24 -19.70 -9.47
C ALA A 774 -34.28 -18.95 -10.30
N THR A 775 -34.76 -19.62 -11.35
CA THR A 775 -35.74 -19.05 -12.26
C THR A 775 -37.17 -19.19 -11.74
N THR A 776 -38.06 -18.35 -12.24
CA THR A 776 -39.50 -18.53 -11.99
C THR A 776 -40.15 -19.29 -13.14
N HIS A 777 -39.61 -19.12 -14.34
CA HIS A 777 -40.05 -19.93 -15.51
C HIS A 777 -38.87 -20.22 -16.45
N SER A 778 -38.95 -21.36 -17.13
CA SER A 778 -37.91 -21.81 -18.05
C SER A 778 -38.55 -22.31 -19.35
N LYS A 779 -38.82 -21.36 -20.26
CA LYS A 779 -39.51 -21.62 -21.51
C LYS A 779 -38.69 -22.46 -22.50
N ALA A 780 -39.19 -23.68 -22.81
CA ALA A 780 -38.61 -24.52 -23.85
C ALA A 780 -39.17 -24.15 -25.22
N VAL A 781 -38.33 -24.22 -26.24
CA VAL A 781 -38.71 -23.78 -27.57
C VAL A 781 -38.06 -24.70 -28.57
N ASP A 782 -38.85 -25.35 -29.41
CA ASP A 782 -38.29 -26.11 -30.52
C ASP A 782 -37.46 -27.29 -30.02
N GLY A 783 -37.76 -27.77 -28.83
CA GLY A 783 -36.99 -28.87 -28.26
C GLY A 783 -35.75 -28.46 -27.46
N PHE A 784 -35.51 -27.15 -27.34
CA PHE A 784 -34.35 -26.64 -26.61
C PHE A 784 -34.80 -25.97 -25.34
N GLU A 785 -33.98 -26.11 -24.31
CA GLU A 785 -34.30 -25.57 -23.01
C GLU A 785 -33.06 -25.21 -22.22
N TRP A 786 -33.13 -24.13 -21.46
CA TRP A 786 -32.07 -23.84 -20.50
C TRP A 786 -32.20 -24.87 -19.37
N GLN A 787 -31.13 -25.59 -19.06
CA GLN A 787 -31.18 -26.62 -18.03
C GLN A 787 -29.98 -26.54 -17.08
N GLU A 788 -30.16 -27.04 -15.86
CA GLU A 788 -29.18 -26.86 -14.81
C GLU A 788 -28.03 -27.88 -14.89
N ILE A 789 -26.82 -27.36 -14.79
CA ILE A 789 -25.64 -28.19 -14.57
C ILE A 789 -25.30 -28.19 -13.09
N PRO A 790 -25.59 -29.30 -12.38
CA PRO A 790 -25.32 -29.32 -10.94
C PRO A 790 -23.84 -29.16 -10.61
N ALA A 791 -23.58 -28.46 -9.50
CA ALA A 791 -22.21 -28.27 -8.95
C ALA A 791 -21.28 -27.53 -9.87
N HIS A 792 -21.82 -26.83 -10.87
CA HIS A 792 -21.00 -26.08 -11.78
C HIS A 792 -20.75 -24.66 -11.26
N GLY A 793 -19.56 -24.15 -11.50
CA GLY A 793 -19.26 -22.76 -11.20
C GLY A 793 -18.75 -22.57 -9.77
N ARG A 794 -18.62 -21.31 -9.38
CA ARG A 794 -17.93 -20.95 -8.14
C ARG A 794 -18.73 -21.06 -6.85
N THR A 795 -20.05 -21.03 -6.94
CA THR A 795 -20.90 -20.96 -5.73
C THR A 795 -22.07 -21.93 -5.66
N HIS A 796 -22.64 -22.38 -6.80
CA HIS A 796 -23.84 -23.23 -6.75
C HIS A 796 -24.01 -24.10 -8.00
N SER A 797 -24.50 -23.53 -9.08
CA SER A 797 -24.66 -24.29 -10.31
C SER A 797 -24.64 -23.33 -11.51
N SER A 798 -24.82 -23.88 -12.71
CA SER A 798 -24.93 -23.08 -13.93
C SER A 798 -26.13 -23.53 -14.76
N MSE A 799 -26.51 -22.70 -15.72
CA MSE A 799 -27.59 -22.99 -16.67
C MSE A 799 -27.01 -22.92 -18.08
O MSE A 799 -26.22 -22.01 -18.38
CB MSE A 799 -28.73 -21.97 -16.54
CG MSE A 799 -29.46 -21.98 -15.20
SE MSE A 799 -30.57 -23.55 -15.00
CE MSE A 799 -32.16 -22.98 -15.99
H MSE A 799 -26.15 -21.93 -15.85
HA MSE A 799 -27.94 -23.88 -16.50
HB2 MSE A 799 -28.37 -21.08 -16.67
HB3 MSE A 799 -29.38 -22.16 -17.23
HG2 MSE A 799 -28.81 -21.97 -14.49
HG3 MSE A 799 -30.03 -21.20 -15.15
HE1 MSE A 799 -32.83 -23.69 -15.97
HE2 MSE A 799 -32.52 -22.18 -15.58
HE3 MSE A 799 -31.91 -22.80 -16.91
N SER A 800 -27.39 -23.85 -18.94
CA SER A 800 -26.98 -23.84 -20.33
C SER A 800 -28.07 -24.48 -21.19
N VAL A 801 -28.09 -24.16 -22.49
CA VAL A 801 -29.11 -24.70 -23.39
C VAL A 801 -28.74 -26.10 -23.88
N TYR A 802 -29.67 -27.05 -23.76
CA TYR A 802 -29.51 -28.42 -24.29
C TYR A 802 -30.77 -28.77 -25.05
N PRO A 803 -30.64 -29.62 -26.09
CA PRO A 803 -29.40 -30.20 -26.63
C PRO A 803 -28.44 -29.16 -27.19
N ILE A 804 -27.16 -29.53 -27.25
CA ILE A 804 -26.14 -28.69 -27.87
C ILE A 804 -26.49 -28.51 -29.34
N ARG A 805 -26.43 -27.25 -29.76
CA ARG A 805 -26.69 -26.86 -31.15
C ARG A 805 -25.41 -26.44 -31.81
N ASP A 806 -25.38 -26.54 -33.12
CA ASP A 806 -24.26 -26.05 -33.92
C ASP A 806 -24.78 -24.99 -34.87
N ALA A 807 -25.74 -24.20 -34.38
CA ALA A 807 -26.31 -23.04 -35.08
C ALA A 807 -26.85 -22.10 -34.02
N SER A 808 -26.97 -20.83 -34.36
CA SER A 808 -27.45 -19.82 -33.45
C SER A 808 -28.95 -19.60 -33.65
N PHE A 809 -29.68 -19.32 -32.59
CA PHE A 809 -31.05 -18.83 -32.76
C PHE A 809 -30.99 -17.42 -33.37
N ALA A 810 -32.03 -17.01 -34.07
CA ALA A 810 -32.16 -15.62 -34.45
C ALA A 810 -32.29 -14.78 -33.19
N ALA A 811 -31.66 -13.62 -33.17
CA ALA A 811 -31.84 -12.69 -32.07
C ALA A 811 -33.28 -12.18 -32.06
N PRO A 812 -33.85 -11.95 -30.89
CA PRO A 812 -35.25 -11.49 -30.90
C PRO A 812 -35.39 -10.04 -31.37
N ALA A 813 -36.23 -9.80 -32.36
CA ALA A 813 -36.33 -8.45 -32.93
C ALA A 813 -37.07 -7.53 -31.97
N ASN A 814 -37.88 -8.13 -31.10
CA ASN A 814 -38.66 -7.37 -30.15
C ASN A 814 -39.13 -8.27 -29.02
N ALA A 815 -39.90 -7.71 -28.10
CA ALA A 815 -40.29 -8.40 -26.87
C ALA A 815 -41.23 -9.58 -27.13
N SER A 816 -41.92 -9.56 -28.26
CA SER A 816 -42.90 -10.60 -28.61
C SER A 816 -42.24 -11.83 -29.25
N ALA A 817 -40.93 -11.73 -29.53
CA ALA A 817 -40.26 -12.76 -30.31
C ALA A 817 -40.05 -14.04 -29.50
N ASN A 818 -40.50 -15.14 -30.05
CA ASN A 818 -40.34 -16.45 -29.42
C ASN A 818 -39.28 -17.22 -30.20
N THR A 819 -38.12 -16.61 -30.31
CA THR A 819 -37.02 -17.09 -31.14
C THR A 819 -36.24 -18.26 -30.53
N ALA A 820 -36.41 -18.50 -29.23
CA ALA A 820 -35.46 -19.31 -28.50
C ALA A 820 -35.90 -19.60 -27.07
N PRO A 821 -35.31 -20.64 -26.47
CA PRO A 821 -35.59 -20.82 -25.04
C PRO A 821 -35.23 -19.61 -24.19
N GLN A 822 -36.05 -19.36 -23.17
CA GLN A 822 -35.88 -18.23 -22.27
C GLN A 822 -35.86 -18.61 -20.79
N MSE A 823 -35.09 -17.87 -20.01
CA MSE A 823 -35.19 -17.92 -18.56
C MSE A 823 -35.82 -16.64 -18.05
O MSE A 823 -35.45 -15.54 -18.50
CB MSE A 823 -33.82 -18.11 -17.93
CG MSE A 823 -33.16 -19.43 -18.32
SE MSE A 823 -31.40 -19.59 -17.51
CE MSE A 823 -30.49 -18.20 -18.39
H MSE A 823 -34.49 -17.32 -20.29
HA MSE A 823 -35.74 -18.67 -18.30
HB2 MSE A 823 -33.23 -17.40 -18.22
HB3 MSE A 823 -33.90 -18.10 -16.96
HG2 MSE A 823 -33.71 -20.17 -18.00
HG3 MSE A 823 -33.06 -19.47 -19.27
HE1 MSE A 823 -29.58 -18.15 -18.07
HE2 MSE A 823 -30.51 -18.36 -19.34
HE3 MSE A 823 -30.94 -17.36 -18.20
N HIS A 824 -36.75 -16.79 -17.11
CA HIS A 824 -37.43 -15.69 -16.43
C HIS A 824 -37.11 -15.70 -14.93
N TYR A 825 -36.90 -14.52 -14.35
CA TYR A 825 -36.63 -14.36 -12.93
C TYR A 825 -37.54 -13.27 -12.39
N SER A 826 -37.88 -13.33 -11.11
CA SER A 826 -38.69 -12.29 -10.47
C SER A 826 -37.87 -11.51 -9.46
N ILE A 827 -38.00 -10.19 -9.51
CA ILE A 827 -37.29 -9.29 -8.60
C ILE A 827 -38.24 -8.22 -8.05
N THR A 828 -37.87 -7.66 -6.90
CA THR A 828 -38.51 -6.47 -6.36
C THR A 828 -37.45 -5.38 -6.19
N LEU A 829 -37.64 -4.28 -6.90
CA LEU A 829 -36.76 -3.13 -6.86
C LEU A 829 -37.32 -2.03 -5.96
N LEU A 830 -36.52 -1.53 -5.02
CA LEU A 830 -36.93 -0.37 -4.22
C LEU A 830 -36.41 0.94 -4.81
N THR A 831 -35.25 0.88 -5.48
CA THR A 831 -34.58 2.07 -6.02
C THR A 831 -34.89 2.24 -7.53
N ALA A 832 -35.79 3.15 -7.89
CA ALA A 832 -36.10 3.40 -9.31
C ALA A 832 -34.90 4.03 -10.01
N GLY A 833 -34.63 3.64 -11.26
CA GLY A 833 -33.57 4.27 -12.04
C GLY A 833 -32.78 3.27 -12.84
N GLU A 834 -31.57 3.64 -13.24
CA GLU A 834 -30.79 2.76 -14.08
C GLU A 834 -30.17 1.69 -13.20
N VAL A 835 -30.21 0.46 -13.68
CA VAL A 835 -29.51 -0.67 -13.05
C VAL A 835 -28.55 -1.27 -14.06
N THR A 836 -27.53 -1.96 -13.55
CA THR A 836 -26.60 -2.72 -14.39
C THR A 836 -26.66 -4.19 -14.04
N VAL A 837 -27.07 -5.00 -15.01
CA VAL A 837 -27.16 -6.44 -14.83
C VAL A 837 -25.88 -7.12 -15.30
N GLU A 838 -25.14 -7.69 -14.38
CA GLU A 838 -23.95 -8.45 -14.76
C GLU A 838 -24.18 -9.95 -14.62
N GLY A 839 -23.77 -10.70 -15.63
CA GLY A 839 -23.82 -12.15 -15.58
C GLY A 839 -22.39 -12.70 -15.43
N LEU A 840 -22.26 -13.80 -14.70
CA LEU A 840 -21.01 -14.57 -14.56
C LEU A 840 -21.14 -15.86 -15.36
N PHE A 841 -20.22 -16.02 -16.31
CA PHE A 841 -20.28 -17.09 -17.31
C PHE A 841 -19.06 -18.00 -17.28
N ALA A 842 -19.23 -19.23 -17.76
CA ALA A 842 -18.09 -20.10 -17.97
C ALA A 842 -17.13 -19.37 -18.93
N PRO A 843 -15.82 -19.43 -18.64
CA PRO A 843 -14.84 -18.66 -19.40
C PRO A 843 -14.48 -19.33 -20.73
N THR A 844 -15.51 -19.43 -21.56
CA THR A 844 -15.45 -20.18 -22.79
C THR A 844 -14.89 -19.37 -23.97
N TRP A 845 -14.36 -20.11 -24.97
CA TRP A 845 -13.77 -19.56 -26.18
C TRP A 845 -14.77 -19.51 -27.34
N PRO A 846 -14.45 -18.75 -28.40
CA PRO A 846 -15.23 -18.88 -29.63
C PRO A 846 -14.85 -20.16 -30.37
N ILE A 847 -15.46 -21.25 -29.94
CA ILE A 847 -15.08 -22.60 -30.36
C ILE A 847 -15.51 -22.89 -31.78
N HIS A 848 -16.44 -22.09 -32.29
CA HIS A 848 -16.78 -22.08 -33.71
C HIS A 848 -16.35 -20.72 -34.28
N PRO A 849 -15.45 -20.71 -35.28
CA PRO A 849 -14.98 -19.43 -35.81
C PRO A 849 -16.15 -18.57 -36.32
N GLU A 850 -16.04 -17.26 -36.12
CA GLU A 850 -17.00 -16.28 -36.61
C GLU A 850 -18.26 -16.20 -35.75
N ARG A 851 -18.33 -17.03 -34.70
CA ARG A 851 -19.52 -17.09 -33.85
C ARG A 851 -19.14 -16.66 -32.45
N GLY A 852 -19.92 -15.74 -31.87
CA GLY A 852 -19.68 -15.26 -30.52
C GLY A 852 -20.40 -16.04 -29.43
N LEU A 853 -20.58 -15.40 -28.27
CA LEU A 853 -21.28 -15.97 -27.13
C LEU A 853 -22.40 -15.00 -26.71
N ARG A 854 -23.37 -14.83 -27.59
CA ARG A 854 -24.44 -13.86 -27.37
C ARG A 854 -25.64 -14.42 -26.63
N TYR A 855 -26.29 -13.53 -25.89
CA TYR A 855 -27.61 -13.77 -25.36
C TYR A 855 -28.37 -12.46 -25.51
N ALA A 856 -29.67 -12.48 -25.27
CA ALA A 856 -30.42 -11.23 -25.21
C ALA A 856 -31.14 -11.14 -23.86
N ILE A 857 -31.40 -9.91 -23.41
CA ILE A 857 -31.96 -9.71 -22.08
C ILE A 857 -32.84 -8.49 -22.06
N ALA A 858 -33.93 -8.59 -21.29
CA ALA A 858 -34.87 -7.51 -21.10
C ALA A 858 -35.65 -7.67 -19.79
N PHE A 859 -36.28 -6.59 -19.34
CA PHE A 859 -37.23 -6.65 -18.24
C PHE A 859 -38.65 -6.46 -18.79
N ASP A 860 -39.61 -7.15 -18.18
CA ASP A 860 -41.02 -7.02 -18.52
C ASP A 860 -41.25 -7.07 -20.04
N ASP A 861 -41.96 -6.08 -20.60
CA ASP A 861 -42.16 -5.99 -22.05
C ASP A 861 -41.22 -5.04 -22.78
N GLN A 862 -40.10 -4.70 -22.17
CA GLN A 862 -39.15 -3.79 -22.81
C GLN A 862 -38.42 -4.50 -23.97
N PRO A 863 -37.87 -3.71 -24.91
CA PRO A 863 -37.17 -4.30 -26.05
C PRO A 863 -35.92 -5.06 -25.61
N PRO A 864 -35.68 -6.24 -26.19
CA PRO A 864 -34.46 -6.97 -25.84
C PRO A 864 -33.18 -6.28 -26.29
N GLN A 865 -32.13 -6.47 -25.50
CA GLN A 865 -30.81 -5.99 -25.84
C GLN A 865 -29.95 -7.21 -26.03
N ILE A 866 -29.10 -7.23 -27.04
CA ILE A 866 -28.24 -8.37 -27.21
C ILE A 866 -26.83 -8.08 -26.61
N VAL A 867 -26.34 -9.03 -25.84
CA VAL A 867 -25.06 -8.95 -25.15
C VAL A 867 -24.20 -10.07 -25.66
N ASP A 868 -22.97 -9.76 -26.05
CA ASP A 868 -21.98 -10.79 -26.42
C ASP A 868 -20.98 -10.90 -25.28
N VAL A 869 -20.94 -12.06 -24.64
CA VAL A 869 -20.00 -12.29 -23.56
C VAL A 869 -18.54 -12.04 -24.03
N LEU A 870 -18.26 -12.26 -25.31
CA LEU A 870 -16.91 -12.10 -25.85
C LEU A 870 -16.68 -10.69 -26.41
N ALA A 871 -17.61 -9.79 -26.22
CA ALA A 871 -17.39 -8.40 -26.63
C ALA A 871 -16.21 -7.83 -25.85
N GLY A 872 -15.31 -7.15 -26.54
CA GLY A 872 -14.17 -6.55 -25.88
C GLY A 872 -13.09 -7.54 -25.51
N ASN A 873 -13.14 -8.73 -26.10
CA ASN A 873 -12.15 -9.74 -25.78
C ASN A 873 -10.73 -9.27 -26.09
N SER A 874 -9.78 -9.77 -25.31
CA SER A 874 -8.39 -9.43 -25.45
C SER A 874 -7.57 -10.39 -24.63
N HIS A 875 -6.27 -10.36 -24.83
CA HIS A 875 -5.40 -11.22 -24.03
C HIS A 875 -5.59 -10.95 -22.53
N LYS A 876 -5.70 -9.67 -22.16
CA LYS A 876 -5.86 -9.31 -20.76
C LYS A 876 -7.18 -9.76 -20.18
N VAL A 877 -8.24 -9.63 -20.96
CA VAL A 877 -9.55 -10.10 -20.53
C VAL A 877 -9.51 -11.61 -20.36
N TRP A 878 -8.84 -12.29 -21.29
CA TRP A 878 -8.66 -13.75 -21.17
C TRP A 878 -7.89 -14.12 -19.88
N GLN A 879 -6.79 -13.43 -19.59
CA GLN A 879 -5.98 -13.71 -18.41
C GLN A 879 -6.85 -13.61 -17.16
N GLU A 880 -7.66 -12.57 -17.08
CA GLU A 880 -8.48 -12.37 -15.88
C GLU A 880 -9.59 -13.44 -15.81
N SER A 881 -10.08 -13.90 -16.97
CA SER A 881 -11.08 -14.96 -16.95
C SER A 881 -10.53 -16.26 -16.38
N VAL A 882 -9.24 -16.57 -16.61
CA VAL A 882 -8.73 -17.83 -16.08
C VAL A 882 -8.23 -17.65 -14.63
N ARG A 883 -7.77 -16.45 -14.27
CA ARG A 883 -7.46 -16.18 -12.87
C ARG A 883 -8.72 -16.33 -12.01
N THR A 884 -9.85 -15.83 -12.49
CA THR A 884 -11.05 -15.76 -11.68
C THR A 884 -12.02 -16.89 -11.96
N GLY A 885 -11.80 -17.63 -13.05
CA GLY A 885 -12.67 -18.75 -13.39
C GLY A 885 -13.97 -18.38 -14.07
N VAL A 886 -14.18 -17.09 -14.36
CA VAL A 886 -15.42 -16.66 -15.03
C VAL A 886 -15.15 -15.59 -16.06
N ARG A 887 -16.03 -15.51 -17.06
CA ARG A 887 -16.12 -14.34 -17.90
C ARG A 887 -17.33 -13.53 -17.41
N ARG A 888 -17.29 -12.22 -17.63
CA ARG A 888 -18.37 -11.33 -17.19
C ARG A 888 -18.93 -10.56 -18.37
N ALA A 889 -20.21 -10.21 -18.30
CA ALA A 889 -20.82 -9.34 -19.31
C ALA A 889 -21.98 -8.59 -18.65
N SER A 890 -22.33 -7.41 -19.15
CA SER A 890 -23.35 -6.62 -18.48
C SER A 890 -24.21 -5.84 -19.47
N SER A 891 -25.36 -5.38 -18.99
CA SER A 891 -26.26 -4.56 -19.75
C SER A 891 -26.92 -3.58 -18.78
N LYS A 892 -27.37 -2.45 -19.31
CA LYS A 892 -28.01 -1.41 -18.54
C LYS A 892 -29.48 -1.29 -18.90
N HIS A 893 -30.28 -1.07 -17.87
CA HIS A 893 -31.73 -0.98 -17.99
C HIS A 893 -32.25 0.10 -17.02
N THR A 894 -33.31 0.81 -17.42
CA THR A 894 -33.96 1.80 -16.57
C THR A 894 -35.29 1.24 -16.09
N LEU A 895 -35.42 1.09 -14.77
CA LEU A 895 -36.55 0.38 -14.15
C LEU A 895 -37.26 1.24 -13.09
N THR A 896 -38.56 1.07 -13.01
CA THR A 896 -39.35 1.72 -11.99
C THR A 896 -39.25 0.91 -10.71
N ALA A 897 -39.56 1.55 -9.59
CA ALA A 897 -39.67 0.82 -8.34
C ALA A 897 -40.84 -0.16 -8.41
N GLY A 898 -40.65 -1.36 -7.89
CA GLY A 898 -41.70 -2.36 -7.85
C GLY A 898 -41.21 -3.68 -8.38
N THR A 899 -42.17 -4.54 -8.73
CA THR A 899 -41.83 -5.90 -9.17
C THR A 899 -41.52 -5.91 -10.66
N HIS A 900 -40.58 -6.74 -11.05
CA HIS A 900 -40.23 -6.89 -12.45
C HIS A 900 -39.91 -8.36 -12.75
N THR A 901 -40.09 -8.72 -14.01
CA THR A 901 -39.59 -9.99 -14.53
C THR A 901 -38.39 -9.75 -15.43
N MSE A 902 -37.25 -10.36 -15.11
CA MSE A 902 -36.11 -10.35 -15.99
C MSE A 902 -36.18 -11.53 -16.95
O MSE A 902 -36.44 -12.64 -16.52
CB MSE A 902 -34.81 -10.40 -15.20
CG MSE A 902 -33.57 -10.09 -16.02
SE MSE A 902 -31.97 -9.97 -14.88
CE MSE A 902 -31.29 -11.79 -15.04
H MSE A 902 -37.13 -10.79 -14.38
HA MSE A 902 -36.12 -9.52 -16.50
HB2 MSE A 902 -34.85 -9.76 -14.47
HB3 MSE A 902 -34.69 -11.30 -14.84
HG2 MSE A 902 -33.43 -10.80 -16.67
HG3 MSE A 902 -33.69 -9.23 -16.46
HE1 MSE A 902 -30.47 -11.86 -14.51
HE2 MSE A 902 -31.96 -12.41 -14.72
HE3 MSE A 902 -31.09 -11.97 -15.98
N LYS A 903 -35.87 -11.30 -18.23
CA LYS A 903 -36.00 -12.33 -19.26
C LYS A 903 -34.71 -12.44 -20.05
N VAL A 904 -34.25 -13.68 -20.25
CA VAL A 904 -33.02 -13.97 -20.97
C VAL A 904 -33.32 -14.94 -22.10
N TRP A 905 -33.00 -14.52 -23.33
CA TRP A 905 -33.12 -15.36 -24.52
C TRP A 905 -31.78 -15.97 -24.91
N ALA A 906 -31.80 -17.24 -25.28
CA ALA A 906 -30.64 -17.89 -25.85
C ALA A 906 -30.39 -17.36 -27.27
N ILE A 907 -29.13 -17.19 -27.66
CA ILE A 907 -28.81 -16.91 -29.06
C ILE A 907 -27.73 -17.91 -29.51
N ASP A 908 -26.51 -17.75 -29.03
CA ASP A 908 -25.39 -18.60 -29.46
C ASP A 908 -25.22 -19.82 -28.52
N PRO A 909 -24.74 -20.96 -29.04
CA PRO A 909 -24.40 -22.10 -28.18
C PRO A 909 -23.24 -21.83 -27.23
N ALA A 910 -23.21 -22.62 -26.17
CA ALA A 910 -22.08 -22.70 -25.25
C ALA A 910 -22.00 -21.49 -24.31
N VAL A 911 -23.08 -20.70 -24.26
CA VAL A 911 -23.28 -19.70 -23.23
C VAL A 911 -23.77 -20.42 -21.95
N THR A 912 -22.95 -20.36 -20.90
CA THR A 912 -23.20 -21.08 -19.65
C THR A 912 -23.06 -20.12 -18.48
N VAL A 913 -24.17 -19.87 -17.77
CA VAL A 913 -24.21 -18.74 -16.83
C VAL A 913 -24.48 -19.29 -15.43
N GLN A 914 -23.76 -18.78 -14.43
CA GLN A 914 -23.90 -19.31 -13.07
C GLN A 914 -24.61 -18.36 -12.10
N LYS A 915 -24.55 -17.05 -12.35
CA LYS A 915 -24.97 -16.06 -11.38
C LYS A 915 -25.24 -14.71 -12.04
N TRP A 916 -26.25 -14.03 -11.54
CA TRP A 916 -26.60 -12.66 -11.95
C TRP A 916 -26.45 -11.70 -10.76
N ILE A 917 -25.82 -10.57 -11.00
CA ILE A 917 -25.68 -9.53 -9.99
C ILE A 917 -26.13 -8.21 -10.60
N ILE A 918 -27.22 -7.67 -10.04
CA ILE A 918 -27.79 -6.40 -10.47
C ILE A 918 -27.35 -5.29 -9.53
N ASP A 919 -26.60 -4.33 -10.07
CA ASP A 919 -26.19 -3.15 -9.30
C ASP A 919 -27.26 -2.08 -9.44
N THR A 920 -27.90 -1.69 -8.34
CA THR A 920 -28.93 -0.65 -8.38
C THR A 920 -28.34 0.70 -7.99
N GLY A 921 -27.02 0.73 -7.78
CA GLY A 921 -26.31 1.98 -7.57
C GLY A 921 -25.21 1.96 -6.53
N GLU A 922 -25.28 1.04 -5.57
CA GLU A 922 -24.30 1.04 -4.49
C GLU A 922 -23.55 -0.27 -4.32
N LEU A 923 -23.60 -1.12 -5.31
CA LEU A 923 -22.84 -2.38 -5.25
C LEU A 923 -21.36 -2.09 -5.03
N LYS A 924 -20.76 -2.85 -4.11
CA LYS A 924 -19.34 -2.74 -3.80
C LYS A 924 -18.57 -3.96 -4.33
N PRO A 925 -17.24 -3.82 -4.49
CA PRO A 925 -16.47 -4.94 -5.05
C PRO A 925 -16.31 -6.14 -4.09
N SER A 926 -16.38 -7.33 -4.66
CA SER A 926 -16.05 -8.56 -3.93
C SER A 926 -15.60 -9.61 -4.93
N TYR A 927 -14.96 -10.67 -4.46
CA TYR A 927 -14.45 -11.67 -5.38
C TYR A 927 -15.61 -12.46 -6.03
N LEU A 928 -16.56 -12.92 -5.22
CA LEU A 928 -17.60 -13.81 -5.68
C LEU A 928 -18.95 -13.15 -5.89
N GLY A 929 -19.07 -11.89 -5.47
CA GLY A 929 -20.35 -11.21 -5.49
C GLY A 929 -21.12 -11.52 -4.22
N PRO A 930 -22.11 -10.67 -3.88
CA PRO A 930 -22.91 -10.89 -2.67
C PRO A 930 -23.64 -12.23 -2.73
N THR A 931 -23.96 -12.83 -1.58
CA THR A 931 -24.75 -14.06 -1.57
C THR A 931 -26.16 -13.73 -2.08
N PRO A 932 -26.90 -14.76 -2.52
CA PRO A 932 -28.20 -14.44 -3.10
C PRO A 932 -29.10 -13.61 -2.16
N SER A 933 -29.86 -12.72 -2.78
CA SER A 933 -30.73 -11.80 -2.10
C SER A 933 -31.87 -12.48 -1.35
N PRO A 934 -32.45 -11.76 -0.38
CA PRO A 934 -33.67 -12.23 0.30
C PRO A 934 -34.74 -12.54 -0.74
N ARG A 935 -35.46 -13.61 -0.53
CA ARG A 935 -36.43 -14.07 -1.52
C ARG A 935 -37.82 -13.93 -0.92
N GLY A 936 -38.68 -13.24 -1.62
CA GLY A 936 -40.00 -12.95 -1.10
C GLY A 936 -40.79 -14.23 -0.96
N GLY A 937 -41.73 -14.26 -0.01
CA GLY A 937 -42.52 -15.46 0.27
C GLY A 937 -43.49 -15.79 -0.85
N LYS A 938 -44.13 -14.76 -1.39
CA LYS A 938 -45.08 -14.94 -2.48
C LYS A 938 -44.41 -15.56 -3.69
N GLY B 4 31.68 46.11 22.50
CA GLY B 4 30.83 46.86 23.41
C GLY B 4 31.62 47.82 24.28
N TYR B 5 31.00 48.26 25.36
CA TYR B 5 31.61 49.28 26.22
C TYR B 5 32.25 48.75 27.51
N ILE B 6 32.17 47.43 27.72
CA ILE B 6 32.81 46.84 28.91
C ILE B 6 34.15 46.22 28.52
N SER B 7 35.15 46.48 29.35
CA SER B 7 36.47 45.90 29.18
C SER B 7 36.80 45.10 30.42
N PHE B 8 37.59 44.04 30.26
CA PHE B 8 37.95 43.16 31.38
C PHE B 8 39.36 43.40 31.88
N LYS B 9 39.92 44.53 31.46
CA LYS B 9 41.15 45.06 32.03
C LYS B 9 41.02 46.58 32.16
N ALA B 10 41.82 47.17 33.04
CA ALA B 10 41.77 48.61 33.30
C ALA B 10 41.93 49.41 32.02
N ASN B 11 41.17 50.49 31.88
CA ASN B 11 41.26 51.30 30.67
C ASN B 11 41.08 52.80 30.90
N GLY B 12 41.21 53.24 32.15
CA GLY B 12 41.09 54.66 32.46
C GLY B 12 39.65 55.16 32.48
N GLY B 13 38.70 54.23 32.37
CA GLY B 13 37.28 54.57 32.39
C GLY B 13 36.67 54.40 33.77
N VAL B 14 35.40 54.01 33.82
CA VAL B 14 34.71 53.82 35.11
C VAL B 14 35.04 52.43 35.63
N ARG B 15 35.51 52.34 36.88
CA ARG B 15 35.92 51.07 37.46
C ARG B 15 34.78 50.38 38.22
N LEU B 16 34.06 49.50 37.54
CA LEU B 16 32.95 48.80 38.17
C LEU B 16 33.48 47.78 39.16
N ALA B 17 34.58 47.13 38.80
CA ALA B 17 35.23 46.14 39.64
C ALA B 17 36.70 46.02 39.29
N ASP B 18 37.53 45.85 40.32
CA ASP B 18 38.93 45.55 40.15
C ASP B 18 39.44 44.98 41.47
N GLU B 19 39.48 43.66 41.53
CA GLU B 19 39.86 42.95 42.75
C GLU B 19 38.88 43.38 43.85
N GLU B 20 39.38 43.98 44.93
CA GLU B 20 38.56 44.26 46.10
C GLU B 20 37.64 45.46 45.85
N HIS B 21 38.05 46.35 44.96
CA HIS B 21 37.30 47.58 44.67
C HIS B 21 36.09 47.33 43.76
N LEU B 22 34.90 47.63 44.25
CA LEU B 22 33.69 47.63 43.40
C LEU B 22 33.03 49.00 43.44
N ALA B 23 32.49 49.43 42.31
CA ALA B 23 31.78 50.70 42.24
C ALA B 23 30.53 50.65 43.10
N SER B 24 30.12 51.82 43.56
CA SER B 24 28.84 51.96 44.26
C SER B 24 27.71 52.05 43.25
N LEU B 25 26.61 51.35 43.49
CA LEU B 25 25.40 51.49 42.69
C LEU B 25 24.49 52.50 43.39
N LEU B 26 23.99 53.48 42.65
CA LEU B 26 23.15 54.52 43.22
C LEU B 26 21.77 54.59 42.57
N VAL B 27 20.72 54.48 43.38
CA VAL B 27 19.37 54.70 42.87
C VAL B 27 18.53 55.39 43.95
N ASP B 28 17.73 56.34 43.52
CA ASP B 28 16.92 57.15 44.42
C ASP B 28 15.83 56.26 45.00
N THR B 29 15.67 56.30 46.31
N THR B 29 15.66 56.28 46.31
CA THR B 29 14.65 55.53 47.02
CA THR B 29 14.63 55.45 46.94
C THR B 29 13.25 55.97 46.61
C THR B 29 13.23 55.94 46.58
N ASN B 30 13.14 57.17 46.05
CA ASN B 30 11.86 57.69 45.53
C ASN B 30 11.60 57.42 44.03
N ASP B 31 12.51 56.74 43.36
CA ASP B 31 12.31 56.37 41.96
C ASP B 31 11.35 55.20 41.87
N TYR B 32 10.90 54.89 40.66
CA TYR B 32 10.01 53.76 40.44
C TYR B 32 10.48 52.50 41.14
N LYS B 33 9.55 51.79 41.77
CA LYS B 33 9.89 50.54 42.45
C LYS B 33 10.45 49.50 41.52
N GLY B 34 9.88 49.41 40.32
CA GLY B 34 10.38 48.48 39.31
C GLY B 34 11.83 48.73 38.88
N LEU B 35 12.23 49.99 38.87
CA LEU B 35 13.61 50.34 38.56
C LEU B 35 14.53 50.00 39.74
N GLN B 36 14.08 50.29 40.96
CA GLN B 36 14.83 49.88 42.15
C GLN B 36 15.05 48.37 42.19
N ARG B 37 14.06 47.62 41.72
CA ARG B 37 14.13 46.17 41.69
C ARG B 37 15.19 45.73 40.69
N ALA B 38 15.22 46.35 39.51
CA ALA B 38 16.21 46.03 38.49
C ALA B 38 17.62 46.38 38.98
N ALA B 39 17.75 47.49 39.69
CA ALA B 39 19.04 47.88 40.28
C ALA B 39 19.53 46.80 41.25
N ALA B 40 18.60 46.23 42.00
CA ALA B 40 18.93 45.15 42.93
C ALA B 40 19.41 43.91 42.16
N ASP B 41 18.82 43.65 40.99
CA ASP B 41 19.29 42.54 40.13
C ASP B 41 20.70 42.83 39.63
N LEU B 42 20.98 44.08 39.24
CA LEU B 42 22.35 44.42 38.82
C LEU B 42 23.34 44.13 39.95
N GLN B 43 22.96 44.47 41.17
CA GLN B 43 23.78 44.16 42.36
C GLN B 43 24.12 42.67 42.46
N THR B 44 23.12 41.80 42.33
N THR B 44 23.09 41.83 42.34
CA THR B 44 23.41 40.38 42.41
CA THR B 44 23.28 40.38 42.36
C THR B 44 24.11 39.89 41.14
C THR B 44 24.12 39.94 41.16
N ASP B 45 23.80 40.49 40.00
CA ASP B 45 24.51 40.16 38.74
C ASP B 45 26.01 40.40 38.88
N MSE B 46 26.38 41.49 39.53
CA MSE B 46 27.80 41.79 39.70
C MSE B 46 28.46 40.80 40.65
O MSE B 46 29.63 40.48 40.50
CB MSE B 46 27.99 43.22 40.18
CG MSE B 46 27.78 44.17 39.03
SE MSE B 46 28.26 45.97 39.42
CE MSE B 46 30.17 45.73 39.67
H MSE B 46 25.85 42.07 39.87
HA MSE B 46 28.22 41.71 38.84
HB2 MSE B 46 27.34 43.42 40.87
HB3 MSE B 46 28.90 43.33 40.51
HG2 MSE B 46 28.32 43.88 38.28
HG3 MSE B 46 26.85 44.16 38.78
HE1 MSE B 46 30.57 46.58 39.88
HE2 MSE B 46 30.31 45.10 40.39
HE3 MSE B 46 30.55 45.37 38.84
N GLN B 47 27.69 40.30 41.61
CA GLN B 47 28.21 39.28 42.49
C GLN B 47 28.40 37.98 41.72
N ARG B 48 27.51 37.70 40.79
N ARG B 48 27.50 37.70 40.79
CA ARG B 48 27.60 36.50 39.96
CA ARG B 48 27.61 36.51 39.97
C ARG B 48 28.88 36.51 39.13
C ARG B 48 28.91 36.52 39.18
N VAL B 49 29.26 37.70 38.67
CA VAL B 49 30.47 37.89 37.86
C VAL B 49 31.77 37.98 38.68
N THR B 50 31.73 38.73 39.77
CA THR B 50 32.93 39.04 40.51
C THR B 50 33.07 38.23 41.79
N GLY B 51 31.97 37.65 42.26
CA GLY B 51 31.95 36.98 43.53
C GLY B 51 31.79 37.94 44.72
N LYS B 52 31.74 39.24 44.43
CA LYS B 52 31.64 40.26 45.45
C LYS B 52 30.39 41.10 45.24
N LEU B 53 29.82 41.58 46.34
CA LEU B 53 28.55 42.30 46.30
C LEU B 53 28.75 43.79 46.38
N PRO B 54 28.41 44.54 45.31
CA PRO B 54 28.56 45.99 45.42
C PRO B 54 27.48 46.58 46.33
N THR B 55 27.75 47.77 46.88
CA THR B 55 26.80 48.43 47.76
C THR B 55 25.77 49.20 46.95
N LEU B 56 24.59 49.33 47.51
CA LEU B 56 23.48 50.04 46.88
C LEU B 56 22.99 51.16 47.80
N HIS B 57 23.17 52.40 47.37
CA HIS B 57 22.83 53.59 48.17
C HIS B 57 21.89 54.52 47.42
N SER B 58 21.26 55.42 48.16
CA SER B 58 20.40 56.45 47.58
C SER B 58 21.02 57.85 47.61
N GLN B 59 22.04 58.04 48.44
CA GLN B 59 22.63 59.36 48.64
C GLN B 59 24.04 59.45 48.09
N LEU B 60 24.26 60.44 47.23
CA LEU B 60 25.53 60.61 46.53
C LEU B 60 26.71 60.65 47.50
N LYS B 61 26.45 61.10 48.73
CA LYS B 61 27.51 61.30 49.70
C LYS B 61 28.11 59.96 50.13
N ASP B 62 27.28 58.90 50.08
CA ASP B 62 27.68 57.58 50.53
C ASP B 62 28.42 56.80 49.45
N ALA B 63 28.58 57.40 48.28
CA ALA B 63 29.21 56.71 47.13
C ALA B 63 30.73 56.66 47.24
N GLY B 64 31.34 55.66 46.61
CA GLY B 64 32.79 55.57 46.56
C GLY B 64 33.34 56.38 45.39
N ARG B 65 34.62 56.21 45.10
CA ARG B 65 35.28 56.95 44.01
C ARG B 65 34.60 56.71 42.66
N HIS B 66 34.12 55.48 42.47
CA HIS B 66 33.46 55.09 41.22
C HIS B 66 32.03 54.63 41.50
N ALA B 67 31.12 54.98 40.60
CA ALA B 67 29.69 54.73 40.81
C ALA B 67 28.93 54.45 39.51
N VAL B 68 27.84 53.71 39.63
CA VAL B 68 26.81 53.67 38.58
C VAL B 68 25.59 54.42 39.10
N ILE B 69 25.20 55.48 38.41
CA ILE B 69 24.07 56.29 38.82
C ILE B 69 22.87 55.97 37.92
N ILE B 70 21.84 55.41 38.54
CA ILE B 70 20.70 54.85 37.84
C ILE B 70 19.42 55.64 38.14
N GLY B 71 18.67 56.07 37.12
CA GLY B 71 17.42 56.77 37.38
C GLY B 71 16.53 57.07 36.18
N SER B 72 15.26 57.32 36.45
CA SER B 72 14.35 57.83 35.44
C SER B 72 14.43 59.35 35.45
N VAL B 73 14.21 59.97 34.29
CA VAL B 73 14.23 61.41 34.20
C VAL B 73 13.12 62.01 35.07
N GLY B 74 11.98 61.35 35.12
CA GLY B 74 10.81 61.89 35.80
C GLY B 74 10.80 61.74 37.32
N ARG B 75 11.47 60.73 37.85
CA ARG B 75 11.38 60.47 39.29
C ARG B 75 12.71 60.32 40.01
N SER B 76 13.84 60.50 39.32
CA SER B 76 15.13 60.39 40.02
C SER B 76 15.66 61.74 40.45
N GLY B 77 15.85 61.90 41.76
CA GLY B 77 16.49 63.07 42.28
C GLY B 77 17.96 63.12 41.90
N LEU B 78 18.54 61.95 41.66
CA LEU B 78 19.92 61.88 41.21
C LEU B 78 20.09 62.42 39.76
N ILE B 79 19.30 61.90 38.83
CA ILE B 79 19.32 62.38 37.44
C ILE B 79 19.00 63.86 37.39
N GLN B 80 18.01 64.28 38.15
CA GLN B 80 17.59 65.67 38.11
C GLN B 80 18.65 66.63 38.62
N LEU B 81 19.37 66.22 39.66
CA LEU B 81 20.43 67.05 40.19
C LEU B 81 21.55 67.17 39.14
N LEU B 82 21.87 66.07 38.46
CA LEU B 82 22.92 66.11 37.45
C LEU B 82 22.50 67.07 36.33
N VAL B 83 21.22 67.04 35.96
CA VAL B 83 20.73 67.93 34.91
C VAL B 83 20.76 69.39 35.37
N GLU B 84 20.28 69.64 36.58
CA GLU B 84 20.26 70.97 37.18
C GLU B 84 21.64 71.60 37.21
N GLN B 85 22.65 70.78 37.43
CA GLN B 85 24.03 71.28 37.56
C GLN B 85 24.81 71.15 36.26
N ASN B 86 24.06 70.99 35.17
CA ASN B 86 24.59 70.67 33.82
C ASN B 86 25.81 69.74 33.86
N LYS B 87 25.63 68.61 34.53
CA LYS B 87 26.58 67.51 34.44
C LYS B 87 26.07 66.52 33.41
N LEU B 88 24.81 66.69 33.03
CA LEU B 88 24.11 65.75 32.19
C LEU B 88 23.06 66.48 31.38
N ASN B 89 22.95 66.09 30.11
CA ASN B 89 21.85 66.54 29.27
C ASN B 89 20.97 65.33 28.90
N VAL B 90 19.65 65.47 29.03
CA VAL B 90 18.74 64.37 28.67
C VAL B 90 17.76 64.76 27.54
N ALA B 91 18.08 65.80 26.77
CA ALA B 91 17.18 66.24 25.70
C ALA B 91 16.94 65.17 24.65
N ASP B 92 17.93 64.30 24.44
CA ASP B 92 17.83 63.25 23.44
C ASP B 92 16.88 62.09 23.86
N ILE B 93 16.54 61.95 25.15
CA ILE B 93 15.66 60.86 25.58
C ILE B 93 14.37 61.35 26.20
N GLU B 94 14.38 62.59 26.66
CA GLU B 94 13.27 63.10 27.45
C GLU B 94 11.95 63.00 26.67
N GLY B 95 10.91 62.49 27.32
CA GLY B 95 9.62 62.34 26.67
C GLY B 95 9.50 61.14 25.72
N GLN B 96 10.58 60.42 25.48
CA GLN B 96 10.52 59.32 24.52
C GLN B 96 9.99 58.05 25.18
N TRP B 97 9.55 57.12 24.35
CA TRP B 97 9.04 55.83 24.83
C TRP B 97 10.21 54.85 24.99
N GLU B 98 10.48 54.49 26.23
CA GLU B 98 11.44 53.44 26.62
C GLU B 98 12.86 53.69 26.12
N ALA B 99 13.27 54.95 26.16
CA ALA B 99 14.62 55.34 25.77
C ALA B 99 15.58 55.32 26.96
N TYR B 100 16.84 55.02 26.69
CA TYR B 100 17.85 55.18 27.71
C TYR B 100 19.13 55.67 27.11
N LYS B 101 19.92 56.26 27.99
CA LYS B 101 21.19 56.85 27.68
C LYS B 101 22.22 56.27 28.66
N LEU B 102 23.32 55.73 28.12
CA LEU B 102 24.47 55.35 28.95
C LEU B 102 25.63 56.27 28.62
N VAL B 103 26.06 57.08 29.59
CA VAL B 103 27.20 57.98 29.43
C VAL B 103 28.09 57.95 30.64
N VAL B 104 29.35 58.35 30.46
CA VAL B 104 30.27 58.50 31.58
C VAL B 104 30.38 59.97 31.94
N VAL B 105 30.28 60.27 33.24
CA VAL B 105 30.45 61.62 33.74
C VAL B 105 31.63 61.70 34.72
N ASP B 106 32.49 62.68 34.50
CA ASP B 106 33.60 62.97 35.41
C ASP B 106 33.19 63.90 36.56
N LYS B 107 33.64 63.55 37.76
CA LYS B 107 33.31 64.32 38.97
C LYS B 107 31.85 64.77 39.04
N PRO B 108 30.92 63.81 38.99
CA PRO B 108 29.50 64.17 39.06
C PRO B 108 29.14 64.82 40.41
N PHE B 109 29.94 64.52 41.43
CA PHE B 109 29.70 64.95 42.80
C PHE B 109 31.05 64.90 43.53
N PRO B 110 31.27 65.77 44.54
CA PRO B 110 32.63 65.92 45.09
C PRO B 110 33.37 64.64 45.52
N ASN B 111 32.69 63.65 46.07
CA ASN B 111 33.35 62.41 46.48
C ASN B 111 33.44 61.34 45.38
N ILE B 112 32.94 61.65 44.18
CA ILE B 112 32.90 60.68 43.08
C ILE B 112 33.78 61.14 41.92
N GLU B 113 34.78 60.35 41.58
CA GLU B 113 35.70 60.66 40.50
C GLU B 113 35.06 60.42 39.13
N LYS B 114 34.39 59.28 39.00
CA LYS B 114 33.82 58.82 37.74
C LYS B 114 32.52 58.07 38.00
N ALA B 115 31.51 58.32 37.16
CA ALA B 115 30.29 57.52 37.20
C ALA B 115 29.79 57.15 35.82
N LEU B 116 29.32 55.92 35.70
CA LEU B 116 28.50 55.55 34.58
C LEU B 116 27.08 55.97 34.94
N VAL B 117 26.48 56.81 34.10
CA VAL B 117 25.08 57.22 34.31
C VAL B 117 24.17 56.38 33.38
N ILE B 118 23.16 55.76 33.98
CA ILE B 118 22.10 55.09 33.26
C ILE B 118 20.81 55.86 33.47
N ALA B 119 20.43 56.62 32.44
CA ALA B 119 19.26 57.47 32.51
C ALA B 119 18.18 56.99 31.56
N GLY B 120 16.95 56.86 32.07
CA GLY B 120 15.84 56.42 31.24
C GLY B 120 14.75 57.48 31.09
N SER B 121 14.08 57.49 29.94
CA SER B 121 12.98 58.42 29.70
C SER B 121 11.77 58.12 30.58
N ASP B 122 11.63 56.86 30.97
CA ASP B 122 10.51 56.41 31.77
C ASP B 122 11.00 55.20 32.53
N MSE B 123 10.14 54.52 33.27
CA MSE B 123 10.62 53.44 34.11
C MSE B 123 11.28 52.33 33.28
O MSE B 123 12.40 51.91 33.59
CB MSE B 123 9.50 52.82 34.94
CG MSE B 123 10.02 51.70 35.83
SE MSE B 123 8.62 50.86 36.89
CE MSE B 123 7.87 49.66 35.57
H MSE B 123 9.29 54.68 33.32
HA MSE B 123 11.28 53.79 34.72
HB2 MSE B 123 9.10 53.51 35.51
HB3 MSE B 123 8.82 52.45 34.35
HG2 MSE B 123 10.43 51.01 35.28
HG3 MSE B 123 10.68 52.06 36.45
HE1 MSE B 123 7.14 49.17 35.97
HE2 MSE B 123 7.55 50.19 34.82
HE3 MSE B 123 8.56 49.05 35.28
N ARG B 124 10.59 51.81 32.26
CA ARG B 124 11.14 50.69 31.51
C ARG B 124 12.42 51.06 30.75
N GLY B 125 12.50 52.29 30.25
CA GLY B 125 13.72 52.77 29.63
C GLY B 125 14.94 52.58 30.54
N ALA B 126 14.81 52.99 31.79
CA ALA B 126 15.89 52.88 32.77
C ALA B 126 16.18 51.41 33.06
N ILE B 127 15.12 50.61 33.20
CA ILE B 127 15.29 49.17 33.43
C ILE B 127 16.07 48.51 32.29
N PHE B 128 15.74 48.87 31.05
CA PHE B 128 16.41 48.28 29.91
C PHE B 128 17.89 48.66 29.89
N GLY B 129 18.22 49.86 30.35
CA GLY B 129 19.61 50.27 30.40
C GLY B 129 20.36 49.49 31.44
N VAL B 130 19.73 49.25 32.58
CA VAL B 130 20.30 48.41 33.62
C VAL B 130 20.59 47.00 33.12
N TYR B 131 19.63 46.38 32.45
CA TYR B 131 19.82 45.00 32.00
C TYR B 131 20.75 44.94 30.78
N ASP B 132 20.93 46.07 30.10
CA ASP B 132 21.95 46.17 29.04
C ASP B 132 23.31 45.96 29.70
N LEU B 133 23.54 46.67 30.80
CA LEU B 133 24.80 46.54 31.56
C LEU B 133 24.99 45.13 32.13
N SER B 134 23.94 44.55 32.72
CA SER B 134 23.95 43.17 33.24
C SER B 134 24.47 42.19 32.21
N GLN B 135 23.95 42.29 31.00
CA GLN B 135 24.37 41.39 29.94
C GLN B 135 25.81 41.67 29.53
N GLN B 136 26.17 42.94 29.43
CA GLN B 136 27.53 43.27 29.01
C GLN B 136 28.61 42.85 30.02
N ILE B 137 28.30 42.77 31.32
CA ILE B 137 29.30 42.30 32.27
C ILE B 137 29.33 40.75 32.32
N GLY B 138 28.34 40.13 31.70
CA GLY B 138 28.39 38.70 31.41
C GLY B 138 27.18 37.88 31.81
N VAL B 139 26.09 38.51 32.22
CA VAL B 139 24.90 37.74 32.63
C VAL B 139 23.91 37.64 31.49
N SER B 140 23.88 36.46 30.86
CA SER B 140 22.91 36.21 29.80
C SER B 140 21.48 36.36 30.31
N PRO B 141 20.56 36.85 29.45
CA PRO B 141 19.14 36.76 29.81
C PRO B 141 18.73 35.34 30.21
N TRP B 142 19.50 34.36 29.75
CA TRP B 142 19.14 32.95 29.94
C TRP B 142 19.99 32.25 31.02
N TYR B 143 20.60 33.02 31.92
CA TYR B 143 21.46 32.47 32.98
C TYR B 143 20.69 31.45 33.84
N TRP B 144 19.40 31.68 34.05
CA TRP B 144 18.56 30.71 34.77
C TRP B 144 17.66 29.89 33.85
N TRP B 145 17.04 30.54 32.88
CA TRP B 145 16.06 29.89 32.01
C TRP B 145 16.67 28.85 31.04
N ALA B 146 17.98 28.93 30.81
CA ALA B 146 18.67 27.84 30.12
C ALA B 146 20.05 27.53 30.70
N ASP B 147 20.24 27.79 32.00
CA ASP B 147 21.47 27.43 32.69
C ASP B 147 22.76 27.92 32.05
N VAL B 148 22.72 29.07 31.39
CA VAL B 148 23.92 29.60 30.76
C VAL B 148 24.87 30.16 31.85
N PRO B 149 26.10 29.63 31.94
CA PRO B 149 26.98 30.05 33.04
C PRO B 149 27.46 31.50 32.89
N VAL B 150 27.71 32.14 34.02
CA VAL B 150 28.21 33.51 34.06
C VAL B 150 29.73 33.42 34.19
N GLN B 151 30.47 33.90 33.20
CA GLN B 151 31.93 33.80 33.21
C GLN B 151 32.47 34.75 34.27
N PRO B 152 33.40 34.26 35.11
CA PRO B 152 33.93 35.13 36.17
C PRO B 152 34.83 36.22 35.61
N GLN B 153 34.77 37.40 36.21
CA GLN B 153 35.73 38.47 35.92
C GLN B 153 36.13 39.13 37.24
N SER B 154 37.41 39.39 37.44
CA SER B 154 37.83 40.18 38.60
C SER B 154 37.90 41.68 38.27
N LYS B 155 37.93 42.00 36.99
CA LYS B 155 38.04 43.37 36.50
C LYS B 155 36.93 43.70 35.51
N LEU B 156 36.23 44.81 35.73
CA LEU B 156 35.18 45.30 34.85
C LEU B 156 35.32 46.81 34.73
N TYR B 157 35.61 47.33 33.54
CA TYR B 157 35.76 48.78 33.30
C TYR B 157 34.87 49.27 32.17
N VAL B 158 34.26 50.43 32.37
CA VAL B 158 33.42 51.07 31.34
C VAL B 158 34.23 52.07 30.57
N ARG B 159 34.24 51.96 29.25
CA ARG B 159 35.01 52.90 28.42
C ARG B 159 34.58 54.34 28.67
N GLY B 160 35.57 55.21 28.82
CA GLY B 160 35.35 56.62 29.10
C GLY B 160 34.52 57.35 28.05
N ASP B 161 34.59 56.89 26.80
CA ASP B 161 33.90 57.55 25.69
C ASP B 161 32.54 56.92 25.39
N THR B 162 32.08 56.04 26.28
CA THR B 162 30.78 55.39 26.12
C THR B 162 29.67 56.43 26.03
N HIS B 163 28.90 56.34 24.96
CA HIS B 163 27.79 57.23 24.72
C HIS B 163 26.73 56.52 23.90
N ILE B 164 25.79 55.90 24.61
CA ILE B 164 24.80 55.05 23.97
C ILE B 164 23.43 55.61 24.24
N VAL B 165 22.66 55.79 23.17
CA VAL B 165 21.29 56.26 23.26
C VAL B 165 20.44 55.25 22.49
N GLU B 166 19.56 54.57 23.20
CA GLU B 166 18.77 53.51 22.63
C GLU B 166 17.29 53.69 22.95
N GLN B 167 16.44 53.28 22.02
CA GLN B 167 15.00 53.17 22.24
C GLN B 167 14.34 52.23 21.22
N PRO B 168 13.19 51.65 21.57
CA PRO B 168 12.64 50.64 20.66
C PRO B 168 11.89 51.22 19.47
N LYS B 169 11.90 50.50 18.36
CA LYS B 169 11.12 50.84 17.18
C LYS B 169 9.69 50.30 17.20
N VAL B 170 9.50 49.18 17.91
CA VAL B 170 8.19 48.58 18.08
C VAL B 170 7.75 48.87 19.52
N GLN B 171 6.54 49.40 19.72
CA GLN B 171 6.18 49.94 21.04
C GLN B 171 5.93 48.88 22.12
N TYR B 172 5.25 47.81 21.76
CA TYR B 172 4.97 46.71 22.67
C TYR B 172 5.50 45.40 22.04
N ARG B 173 6.27 44.67 22.83
CA ARG B 173 7.08 43.58 22.30
C ARG B 173 6.99 42.43 23.31
N GLY B 174 6.57 41.25 22.88
CA GLY B 174 6.48 40.18 23.85
C GLY B 174 5.96 38.85 23.34
N ILE B 175 5.41 38.08 24.27
CA ILE B 175 5.13 36.65 24.06
C ILE B 175 3.77 36.26 24.57
N PHE B 176 3.29 35.14 24.04
CA PHE B 176 2.06 34.46 24.49
C PHE B 176 2.43 33.04 24.91
N LEU B 177 2.23 32.73 26.18
CA LEU B 177 2.33 31.36 26.67
C LEU B 177 1.06 30.58 26.30
N ASN B 178 1.21 29.54 25.48
CA ASN B 178 0.06 28.85 24.91
C ASN B 178 0.38 27.39 24.58
N ASP B 179 -0.64 26.60 24.24
CA ASP B 179 -0.41 25.18 23.97
C ASP B 179 0.34 24.57 25.16
N GLU B 180 0.04 25.03 26.38
CA GLU B 180 0.96 24.87 27.51
C GLU B 180 0.91 23.51 28.23
N ALA B 181 -0.11 22.72 27.97
CA ALA B 181 -0.18 21.36 28.54
C ALA B 181 0.26 20.35 27.47
N PRO B 182 0.97 19.28 27.86
CA PRO B 182 1.32 18.89 29.24
C PRO B 182 2.60 19.57 29.77
N ALA B 183 3.42 20.11 28.87
CA ALA B 183 4.82 20.35 29.23
C ALA B 183 5.01 21.49 30.22
N LEU B 184 4.75 22.72 29.79
CA LEU B 184 4.92 23.85 30.71
C LEU B 184 4.05 23.66 31.94
N THR B 185 2.82 23.21 31.73
CA THR B 185 1.87 23.09 32.83
C THR B 185 2.33 22.08 33.90
N ASN B 186 2.83 20.92 33.51
CA ASN B 186 3.27 19.95 34.53
C ASN B 186 4.56 20.43 35.23
N TRP B 187 5.41 21.17 34.52
CA TRP B 187 6.60 21.75 35.14
C TRP B 187 6.20 22.85 36.14
N VAL B 188 5.27 23.70 35.73
CA VAL B 188 4.85 24.79 36.60
C VAL B 188 4.20 24.23 37.88
N HIS B 189 3.39 23.19 37.73
CA HIS B 189 2.70 22.64 38.88
C HIS B 189 3.69 21.95 39.82
N ALA B 190 4.70 21.30 39.24
CA ALA B 190 5.74 20.66 40.04
C ALA B 190 6.60 21.67 40.79
N ASN B 191 6.88 22.82 40.19
CA ASN B 191 7.79 23.78 40.78
C ASN B 191 7.12 24.87 41.63
N TYR B 192 5.92 25.28 41.23
CA TYR B 192 5.28 26.45 41.81
C TYR B 192 3.89 26.18 42.36
N GLY B 193 3.32 25.03 42.02
CA GLY B 193 1.99 24.67 42.47
C GLY B 193 0.95 25.01 41.40
N ASN B 194 1.08 26.21 40.81
CA ASN B 194 0.19 26.64 39.74
C ASN B 194 0.78 27.86 39.06
N TYR B 195 0.05 28.40 38.10
CA TYR B 195 0.47 29.60 37.37
C TYR B 195 0.23 30.85 38.24
N ASN B 196 0.97 30.91 39.34
CA ASN B 196 0.87 31.97 40.34
C ASN B 196 2.05 32.92 40.20
N SER B 197 2.17 33.89 41.12
CA SER B 197 3.13 34.95 40.91
C SER B 197 4.58 34.48 41.12
N GLN B 198 4.80 33.36 41.82
CA GLN B 198 6.15 32.81 41.91
C GLN B 198 6.63 32.30 40.54
N PHE B 199 5.72 31.74 39.75
CA PHE B 199 6.07 31.42 38.37
C PHE B 199 6.25 32.69 37.54
N TYR B 200 5.26 33.57 37.59
CA TYR B 200 5.25 34.65 36.62
C TYR B 200 6.38 35.65 36.85
N THR B 201 6.88 35.82 38.07
CA THR B 201 7.99 36.77 38.21
C THR B 201 9.24 36.24 37.48
N GLN B 202 9.38 34.92 37.33
CA GLN B 202 10.47 34.39 36.50
C GLN B 202 10.28 34.77 35.03
N VAL B 203 9.04 34.78 34.57
CA VAL B 203 8.74 35.20 33.20
C VAL B 203 8.94 36.71 33.01
N PHE B 204 8.50 37.52 33.97
CA PHE B 204 8.62 38.96 33.89
C PHE B 204 10.11 39.34 33.78
N GLU B 205 10.94 38.73 34.62
CA GLU B 205 12.36 39.04 34.65
C GLU B 205 13.01 38.72 33.31
N LEU B 206 12.69 37.55 32.76
CA LEU B 206 13.20 37.18 31.44
C LEU B 206 12.87 38.20 30.37
N LEU B 207 11.59 38.57 30.29
CA LEU B 207 11.17 39.55 29.30
C LEU B 207 11.95 40.86 29.45
N LEU B 208 12.10 41.37 30.67
CA LEU B 208 12.81 42.63 30.86
C LEU B 208 14.29 42.53 30.44
N ARG B 209 14.92 41.39 30.72
CA ARG B 209 16.31 41.16 30.33
C ARG B 209 16.46 41.08 28.82
N LEU B 210 15.40 40.71 28.11
CA LEU B 210 15.36 40.71 26.65
C LEU B 210 14.82 42.03 26.07
N LYS B 211 14.68 43.02 26.95
CA LYS B 211 14.15 44.34 26.63
C LYS B 211 12.75 44.30 26.03
N ALA B 212 11.94 43.38 26.53
CA ALA B 212 10.52 43.25 26.12
C ALA B 212 9.62 43.77 27.23
N ASN B 213 8.34 43.90 26.94
CA ASN B 213 7.45 44.54 27.88
C ASN B 213 6.00 44.10 27.84
N PHE B 214 5.73 42.93 27.25
CA PHE B 214 4.36 42.60 26.85
C PHE B 214 4.09 41.11 27.00
N LEU B 215 2.93 40.78 27.56
CA LEU B 215 2.59 39.37 27.81
C LEU B 215 1.10 39.04 27.66
N TRP B 216 0.82 37.95 26.97
CA TRP B 216 -0.46 37.28 27.04
C TRP B 216 -0.24 36.05 27.87
N PRO B 217 -0.94 35.90 28.99
CA PRO B 217 -0.68 34.79 29.91
C PRO B 217 -1.36 33.47 29.52
N ALA B 218 -0.92 32.39 30.17
CA ALA B 218 -1.47 31.05 29.97
C ALA B 218 -2.95 31.09 30.26
N MSE B 219 -3.76 30.53 29.35
CA MSE B 219 -5.20 30.57 29.46
C MSE B 219 -5.96 29.29 29.09
O MSE B 219 -7.18 29.31 29.10
CB MSE B 219 -5.73 31.75 28.62
CG MSE B 219 -5.13 31.88 27.22
SE MSE B 219 -5.78 30.48 25.98
CE MSE B 219 -7.68 30.91 25.88
H MSE B 219 -3.48 30.11 28.65
HA MSE B 219 -5.41 30.78 30.39
HB2 MSE B 219 -6.70 31.64 28.51
HB3 MSE B 219 -5.55 32.57 29.09
HG2 MSE B 219 -5.38 32.75 26.84
HG3 MSE B 219 -4.17 31.82 27.28
HE1 MSE B 219 -8.11 30.27 25.28
HE2 MSE B 219 -8.06 30.84 26.76
HE3 MSE B 219 -7.78 31.80 25.53
N TRP B 220 -5.27 28.19 28.76
CA TRP B 220 -5.95 26.92 28.46
C TRP B 220 -6.79 26.45 29.65
N ASN B 221 -6.22 26.51 30.85
CA ASN B 221 -6.92 26.08 32.06
C ASN B 221 -6.59 26.95 33.25
N ASN B 222 -6.39 28.23 33.00
CA ASN B 222 -5.92 29.18 34.00
C ASN B 222 -6.47 30.56 33.73
N SER B 223 -6.57 31.36 34.78
CA SER B 223 -7.06 32.74 34.67
C SER B 223 -6.13 33.63 35.48
N PHE B 224 -5.26 34.32 34.75
CA PHE B 224 -4.16 35.11 35.30
C PHE B 224 -4.55 35.96 36.49
N SER B 225 -5.62 36.73 36.37
CA SER B 225 -5.97 37.70 37.41
C SER B 225 -6.69 37.07 38.59
N VAL B 226 -7.13 35.83 38.43
CA VAL B 226 -7.89 35.12 39.45
C VAL B 226 -7.02 34.12 40.23
N ASP B 227 -6.13 33.44 39.55
CA ASP B 227 -5.35 32.36 40.15
C ASP B 227 -4.41 32.88 41.25
N ASP B 228 -3.98 34.13 41.10
CA ASP B 228 -3.17 34.80 42.12
C ASP B 228 -3.34 36.28 41.92
N PRO B 229 -4.02 36.96 42.86
CA PRO B 229 -4.25 38.40 42.71
C PRO B 229 -2.96 39.22 42.60
N LEU B 230 -1.84 38.64 43.03
CA LEU B 230 -0.54 39.29 42.90
C LEU B 230 0.04 39.21 41.49
N ASN B 231 -0.52 38.36 40.63
CA ASN B 231 -0.06 38.28 39.26
C ASN B 231 -0.08 39.65 38.56
N PRO B 232 -1.27 40.30 38.47
CA PRO B 232 -1.26 41.60 37.79
C PRO B 232 -0.57 42.71 38.57
N VAL B 233 -0.58 42.61 39.90
CA VAL B 233 0.10 43.58 40.73
C VAL B 233 1.62 43.53 40.47
N LEU B 234 2.19 42.33 40.45
CA LEU B 234 3.62 42.18 40.20
C LEU B 234 3.96 42.49 38.74
N ALA B 235 3.09 42.12 37.79
CA ALA B 235 3.32 42.48 36.38
C ALA B 235 3.47 44.00 36.28
N ASN B 236 2.51 44.71 36.83
CA ASN B 236 2.51 46.16 36.77
C ASN B 236 3.71 46.78 37.45
N GLU B 237 4.09 46.23 38.60
CA GLU B 237 5.23 46.74 39.35
C GLU B 237 6.56 46.50 38.60
N TYR B 238 6.69 45.33 37.98
CA TYR B 238 7.89 44.99 37.19
C TYR B 238 8.01 45.85 35.94
N GLY B 239 6.87 46.17 35.33
CA GLY B 239 6.84 46.91 34.08
C GLY B 239 6.29 46.10 32.92
N ILE B 240 5.75 44.90 33.16
CA ILE B 240 5.18 44.13 32.05
C ILE B 240 3.74 44.54 31.80
N VAL B 241 3.50 45.01 30.58
CA VAL B 241 2.16 45.36 30.13
C VAL B 241 1.36 44.09 29.83
N MSE B 242 0.20 43.96 30.45
CA MSE B 242 -0.63 42.76 30.29
C MSE B 242 -1.73 42.94 29.23
O MSE B 242 -2.33 44.00 29.12
CB MSE B 242 -1.27 42.35 31.62
CG MSE B 242 -0.29 42.01 32.74
SE MSE B 242 0.94 40.62 32.22
CE MSE B 242 -0.31 39.31 31.63
H MSE B 242 -0.14 44.55 30.97
HA MSE B 242 -0.05 42.03 30.01
HB2 MSE B 242 -1.83 43.09 31.93
HB3 MSE B 242 -1.83 41.57 31.46
HG2 MSE B 242 0.23 42.80 32.95
HG3 MSE B 242 -0.78 41.71 33.51
HE1 MSE B 242 0.18 38.53 31.33
HE2 MSE B 242 -0.89 39.08 32.37
HE3 MSE B 242 -0.82 39.68 30.90
N SER B 243 -2.02 41.89 28.49
CA SER B 243 -3.21 41.86 27.67
C SER B 243 -3.69 40.41 27.66
N THR B 244 -4.57 40.09 26.72
CA THR B 244 -5.16 38.77 26.56
C THR B 244 -5.12 38.39 25.09
N SER B 245 -5.33 37.10 24.79
CA SER B 245 -5.41 36.67 23.41
C SER B 245 -6.67 37.26 22.74
N HIS B 246 -6.73 37.22 21.42
CA HIS B 246 -7.66 38.14 20.76
C HIS B 246 -9.11 37.62 20.70
N HIS B 247 -9.38 36.46 21.28
CA HIS B 247 -10.77 36.07 21.54
C HIS B 247 -11.11 36.08 23.05
N GLU B 248 -10.30 36.80 23.82
CA GLU B 248 -10.52 37.04 25.24
C GLU B 248 -10.74 38.54 25.51
N PRO B 249 -11.92 39.05 25.22
CA PRO B 249 -12.09 40.51 25.31
C PRO B 249 -12.16 41.06 26.73
N MSE B 250 -11.80 42.33 26.85
CA MSE B 250 -12.09 43.12 28.05
C MSE B 250 -11.47 42.58 29.34
O MSE B 250 -12.09 42.59 30.40
CB MSE B 250 -13.60 43.26 28.19
CG MSE B 250 -14.27 43.90 26.96
SE MSE B 250 -13.93 45.82 26.77
CE MSE B 250 -15.36 46.43 27.96
H MSE B 250 -11.37 42.77 26.24
HA MSE B 250 -11.74 44.02 27.90
HB2 MSE B 250 -13.99 42.37 28.31
HB3 MSE B 250 -13.80 43.82 28.95
HG2 MSE B 250 -13.94 43.46 26.17
HG3 MSE B 250 -15.24 43.77 27.03
HE1 MSE B 250 -15.35 47.41 27.99
HE2 MSE B 250 -16.21 46.13 27.61
HE3 MSE B 250 -15.22 46.07 28.85
N MSE B 251 -10.21 42.16 29.24
CA MSE B 251 -9.39 41.77 30.38
C MSE B 251 -9.91 40.54 31.11
O MSE B 251 -9.54 40.30 32.26
CB MSE B 251 -9.24 42.93 31.37
CG MSE B 251 -8.61 44.17 30.77
SE MSE B 251 -6.87 43.92 29.88
CE MSE B 251 -5.87 43.04 31.31
H MSE B 251 -9.80 42.09 28.48
HA MSE B 251 -8.49 41.57 30.05
HB2 MSE B 251 -10.13 43.17 31.69
HB3 MSE B 251 -8.70 42.64 32.11
HG2 MSE B 251 -9.23 44.54 30.11
HG3 MSE B 251 -8.48 44.81 31.48
HE1 MSE B 251 -4.97 42.85 31.01
HE2 MSE B 251 -5.84 43.63 32.08
HE3 MSE B 251 -6.31 42.21 31.54
N ARG B 252 -10.73 39.75 30.44
CA ARG B 252 -11.24 38.50 31.01
C ARG B 252 -10.62 37.30 30.32
N ALA B 253 -9.95 36.45 31.10
CA ALA B 253 -9.47 35.18 30.57
C ALA B 253 -10.65 34.32 30.13
N HIS B 254 -10.42 33.49 29.12
CA HIS B 254 -11.42 32.56 28.61
C HIS B 254 -12.16 31.78 29.70
N LYS B 255 -11.43 31.20 30.66
CA LYS B 255 -12.04 30.37 31.67
C LYS B 255 -12.89 31.12 32.70
N GLU B 256 -12.80 32.45 32.72
CA GLU B 256 -13.60 33.22 33.68
C GLU B 256 -15.10 33.23 33.33
N TRP B 257 -15.44 32.93 32.08
CA TRP B 257 -16.85 32.87 31.65
C TRP B 257 -17.48 31.52 32.01
N HIS B 258 -18.22 31.52 33.11
CA HIS B 258 -18.90 30.32 33.57
C HIS B 258 -20.10 30.74 34.43
N GLY B 259 -21.20 29.99 34.30
CA GLY B 259 -22.38 30.19 35.12
C GLY B 259 -23.18 31.44 34.81
N MSE B 260 -22.99 32.01 33.62
CA MSE B 260 -23.61 33.29 33.26
C MSE B 260 -24.36 33.23 31.93
O MSE B 260 -24.80 34.26 31.40
CB MSE B 260 -22.54 34.40 33.20
CG MSE B 260 -22.12 34.83 34.58
SE MSE B 260 -20.58 36.02 34.57
CE MSE B 260 -19.28 34.71 33.97
H MSE B 260 -22.50 31.67 33.00
HA MSE B 260 -24.24 33.52 33.95
HB2 MSE B 260 -21.75 34.06 32.75
HB3 MSE B 260 -22.90 35.16 32.74
HG2 MSE B 260 -22.87 35.30 35.00
HG3 MSE B 260 -21.90 34.05 35.11
HE1 MSE B 260 -18.41 35.14 33.90
HE2 MSE B 260 -19.23 33.98 34.60
HE3 MSE B 260 -19.55 34.38 33.09
N GLY B 261 -24.51 32.03 31.40
CA GLY B 261 -25.29 31.86 30.18
C GLY B 261 -24.43 31.71 28.95
N ARG B 262 -25.07 31.86 27.81
CA ARG B 262 -24.44 31.63 26.53
C ARG B 262 -23.52 32.78 26.17
N TRP B 263 -22.42 32.43 25.51
CA TRP B 263 -21.49 33.40 24.95
C TRP B 263 -22.07 33.95 23.64
N ASP B 264 -23.06 34.82 23.77
CA ASP B 264 -23.84 35.30 22.64
C ASP B 264 -24.44 36.67 22.96
N PHE B 265 -24.01 37.69 22.22
CA PHE B 265 -24.44 39.05 22.48
C PHE B 265 -25.89 39.30 22.04
N THR B 266 -26.40 38.54 21.08
CA THR B 266 -27.77 38.74 20.62
C THR B 266 -28.79 38.34 21.69
N THR B 267 -28.48 37.30 22.47
CA THR B 267 -29.41 36.81 23.47
C THR B 267 -28.99 37.07 24.92
N ASN B 268 -27.70 37.38 25.15
CA ASN B 268 -27.18 37.51 26.51
C ASN B 268 -26.31 38.77 26.74
N ALA B 269 -26.71 39.88 26.13
CA ALA B 269 -25.88 41.10 26.14
C ALA B 269 -25.70 41.72 27.52
N ASP B 270 -26.75 41.72 28.35
CA ASP B 270 -26.69 42.37 29.65
C ASP B 270 -25.63 41.68 30.51
N ALA B 271 -25.65 40.35 30.49
CA ALA B 271 -24.72 39.56 31.26
C ALA B 271 -23.29 39.78 30.78
N LEU B 272 -23.10 39.79 29.46
CA LEU B 272 -21.78 39.97 28.90
C LEU B 272 -21.24 41.36 29.27
N LYS B 273 -22.11 42.37 29.18
CA LYS B 273 -21.70 43.74 29.44
C LYS B 273 -21.26 43.92 30.90
N GLN B 274 -21.99 43.33 31.84
CA GLN B 274 -21.62 43.44 33.26
C GLN B 274 -20.31 42.69 33.53
N PHE B 275 -20.17 41.50 32.96
CA PHE B 275 -18.92 40.72 33.00
C PHE B 275 -17.73 41.53 32.50
N TRP B 276 -17.88 42.17 31.34
CA TRP B 276 -16.81 42.97 30.77
C TRP B 276 -16.50 44.21 31.62
N ARG B 277 -17.55 44.86 32.13
CA ARG B 277 -17.38 46.04 32.97
C ARG B 277 -16.59 45.70 34.23
N GLU B 278 -16.96 44.61 34.89
CA GLU B 278 -16.26 44.27 36.12
C GLU B 278 -14.81 43.88 35.84
N GLY B 279 -14.57 43.30 34.66
CA GLY B 279 -13.22 42.93 34.28
C GLY B 279 -12.34 44.14 34.05
N VAL B 280 -12.86 45.11 33.31
CA VAL B 280 -12.07 46.27 32.98
C VAL B 280 -11.87 47.11 34.25
N GLU B 281 -12.87 47.14 35.12
CA GLU B 281 -12.73 47.81 36.42
C GLU B 281 -11.65 47.16 37.27
N ARG B 282 -11.72 45.83 37.39
CA ARG B 282 -10.71 45.05 38.15
C ARG B 282 -9.27 45.35 37.73
N ASN B 283 -9.00 45.33 36.42
CA ASN B 283 -7.62 45.49 35.97
C ASN B 283 -7.22 46.94 35.66
N SER B 284 -8.13 47.87 35.92
CA SER B 284 -7.89 49.29 35.66
C SER B 284 -6.69 49.91 36.40
N PRO B 285 -6.30 49.36 37.57
CA PRO B 285 -5.09 49.93 38.22
C PRO B 285 -3.78 49.60 37.52
N TYR B 286 -3.80 48.73 36.51
CA TYR B 286 -2.58 48.18 35.93
C TYR B 286 -2.40 48.61 34.49
N GLU B 287 -1.17 48.57 34.03
CA GLU B 287 -0.88 48.94 32.65
C GLU B 287 -1.23 47.79 31.72
N ASN B 288 -2.23 48.01 30.87
CA ASN B 288 -2.81 46.97 30.00
C ASN B 288 -3.03 47.46 28.59
N ILE B 289 -3.24 46.51 27.69
CA ILE B 289 -3.92 46.80 26.43
C ILE B 289 -5.19 45.92 26.41
N ILE B 290 -6.33 46.56 26.21
CA ILE B 290 -7.60 45.84 26.28
C ILE B 290 -8.00 45.23 24.94
N THR B 291 -8.29 43.95 24.93
CA THR B 291 -8.77 43.24 23.75
C THR B 291 -10.24 43.55 23.50
N MSE B 292 -10.55 43.91 22.26
CA MSE B 292 -11.91 44.33 21.88
C MSE B 292 -12.64 43.28 21.05
O MSE B 292 -12.05 42.29 20.61
CB MSE B 292 -11.85 45.63 21.08
CG MSE B 292 -11.11 46.75 21.77
SE MSE B 292 -11.93 47.22 23.50
CE MSE B 292 -13.34 48.45 22.77
H MSE B 292 -10.00 43.92 21.60
HA MSE B 292 -12.41 44.49 22.68
HB2 MSE B 292 -11.40 45.46 20.24
HB3 MSE B 292 -12.75 45.94 20.92
HG2 MSE B 292 -10.19 46.48 21.94
HG3 MSE B 292 -11.13 47.54 21.21
HE1 MSE B 292 -13.87 48.78 23.50
HE2 MSE B 292 -12.90 49.18 22.30
HE3 MSE B 292 -13.90 47.95 22.15
N ALA B 293 -13.93 43.55 20.83
CA ALA B 293 -14.83 42.73 20.03
C ALA B 293 -15.08 41.36 20.67
N MSE B 294 -15.36 40.34 19.87
CA MSE B 294 -15.58 38.98 20.36
C MSE B 294 -15.85 38.05 19.18
O MSE B 294 -16.27 38.50 18.12
CB MSE B 294 -16.77 38.90 21.35
CG MSE B 294 -18.11 38.79 20.76
SE MSE B 294 -19.58 38.69 22.11
CE MSE B 294 -19.80 36.79 22.37
H MSE B 294 -15.42 40.41 19.01
HA MSE B 294 -14.78 38.68 20.82
HB2 MSE B 294 -16.64 38.13 21.92
HB3 MSE B 294 -16.75 39.71 21.89
HG2 MSE B 294 -18.27 39.57 20.20
HG3 MSE B 294 -18.14 37.99 20.22
HE1 MSE B 294 -20.50 36.62 23.02
HE2 MSE B 294 -20.03 36.38 21.52
HE3 MSE B 294 -18.96 36.42 22.69
N ARG B 295 -15.59 36.77 19.37
CA ARG B 295 -16.15 35.75 18.48
C ARG B 295 -17.26 35.05 19.23
N GLY B 296 -18.48 35.19 18.70
CA GLY B 296 -19.67 34.63 19.32
C GLY B 296 -19.85 33.15 19.05
N ASP B 297 -20.75 32.53 19.82
CA ASP B 297 -21.02 31.10 19.74
C ASP B 297 -22.44 30.80 19.27
N GLY B 298 -22.55 30.20 18.09
CA GLY B 298 -23.83 29.78 17.53
C GLY B 298 -24.48 30.87 16.70
N SER B 303 -26.11 36.04 9.04
CA SER B 303 -26.13 36.98 7.92
C SER B 303 -24.91 37.89 7.94
N GLU B 304 -24.38 38.24 6.75
CA GLU B 304 -23.17 39.07 6.66
C GLU B 304 -23.38 40.47 7.20
N ASP B 305 -24.45 41.12 6.76
CA ASP B 305 -24.76 42.47 7.21
C ASP B 305 -25.25 42.45 8.66
N ALA B 306 -25.78 41.31 9.11
CA ALA B 306 -26.16 41.13 10.51
C ALA B 306 -24.92 40.97 11.41
N ASN B 307 -23.93 40.21 10.94
CA ASN B 307 -22.66 40.05 11.64
C ASN B 307 -21.93 41.38 11.86
N VAL B 308 -21.67 42.08 10.76
CA VAL B 308 -21.00 43.37 10.78
C VAL B 308 -21.72 44.34 11.71
N GLU B 309 -23.05 44.36 11.63
CA GLU B 309 -23.82 45.23 12.50
C GLU B 309 -23.67 44.82 13.97
N LEU B 310 -23.66 43.51 14.22
CA LEU B 310 -23.57 43.01 15.59
C LEU B 310 -22.22 43.33 16.22
N LEU B 311 -21.16 43.07 15.47
CA LEU B 311 -19.82 43.42 15.91
C LEU B 311 -19.66 44.91 16.21
N GLU B 312 -20.26 45.76 15.38
CA GLU B 312 -20.22 47.20 15.62
C GLU B 312 -20.96 47.58 16.92
N GLN B 313 -22.12 46.96 17.15
CA GLN B 313 -22.84 47.12 18.41
C GLN B 313 -21.97 46.74 19.60
N ILE B 314 -21.31 45.59 19.47
CA ILE B 314 -20.49 45.04 20.54
C ILE B 314 -19.36 46.00 20.88
N VAL B 315 -18.60 46.38 19.86
CA VAL B 315 -17.49 47.30 20.05
C VAL B 315 -17.99 48.64 20.60
N GLU B 316 -19.11 49.14 20.07
CA GLU B 316 -19.68 50.36 20.62
C GLU B 316 -20.00 50.21 22.13
N ALA B 317 -20.62 49.11 22.52
CA ALA B 317 -20.94 48.83 23.92
C ALA B 317 -19.68 48.74 24.80
N GLN B 318 -18.64 48.09 24.27
CA GLN B 318 -17.37 47.99 24.97
C GLN B 318 -16.73 49.36 25.15
N ARG B 319 -16.83 50.23 24.14
CA ARG B 319 -16.26 51.57 24.23
C ARG B 319 -16.95 52.37 25.31
N ASN B 320 -18.27 52.22 25.37
N ASN B 320 -18.28 52.23 25.39
CA ASN B 320 -19.06 52.92 26.38
CA ASN B 320 -19.05 52.94 26.40
C ASN B 320 -18.73 52.42 27.79
C ASN B 320 -18.72 52.42 27.80
N ILE B 321 -18.44 51.13 27.91
CA ILE B 321 -18.04 50.57 29.20
C ILE B 321 -16.70 51.16 29.63
N ILE B 322 -15.74 51.20 28.70
CA ILE B 322 -14.44 51.76 29.00
C ILE B 322 -14.55 53.24 29.39
N ALA B 323 -15.39 53.99 28.68
CA ALA B 323 -15.57 55.40 28.98
C ALA B 323 -16.14 55.55 30.39
N GLU B 324 -17.06 54.68 30.78
CA GLU B 324 -17.72 54.83 32.07
C GLU B 324 -16.79 54.47 33.21
N VAL B 325 -15.93 53.47 33.00
CA VAL B 325 -14.97 53.07 34.01
C VAL B 325 -13.87 54.13 34.20
N PHE B 326 -13.35 54.67 33.10
CA PHE B 326 -12.18 55.52 33.18
C PHE B 326 -12.47 57.03 33.25
N GLU B 327 -13.69 57.43 32.92
CA GLU B 327 -14.08 58.84 33.07
C GLU B 327 -13.85 59.38 34.48
N PRO B 328 -14.39 58.70 35.50
CA PRO B 328 -14.12 59.14 36.87
C PRO B 328 -12.65 59.05 37.28
N LYS B 329 -11.82 58.36 36.51
CA LYS B 329 -10.40 58.26 36.80
C LYS B 329 -9.57 59.27 35.99
N GLY B 330 -10.25 60.18 35.30
CA GLY B 330 -9.60 61.23 34.54
C GLY B 330 -9.02 60.83 33.19
N LYS B 331 -9.51 59.72 32.63
CA LYS B 331 -9.08 59.25 31.32
C LYS B 331 -10.26 59.13 30.36
N GLN B 332 -10.05 59.61 29.13
CA GLN B 332 -11.02 59.45 28.04
C GLN B 332 -10.79 58.13 27.34
N VAL B 333 -11.80 57.68 26.59
CA VAL B 333 -11.73 56.38 25.94
C VAL B 333 -10.54 56.31 24.97
N THR B 334 -10.19 57.44 24.35
CA THR B 334 -9.10 57.46 23.37
C THR B 334 -7.72 57.47 24.04
N GLU B 335 -7.69 57.49 25.37
CA GLU B 335 -6.43 57.46 26.12
C GLU B 335 -6.21 56.09 26.77
N VAL B 336 -7.11 55.15 26.51
CA VAL B 336 -7.02 53.82 27.09
C VAL B 336 -6.66 52.83 25.99
N PRO B 337 -5.44 52.26 26.02
CA PRO B 337 -5.02 51.38 24.92
C PRO B 337 -5.94 50.19 24.72
N GLN B 338 -6.27 49.99 23.45
CA GLN B 338 -7.21 48.98 22.98
C GLN B 338 -6.67 48.34 21.71
N VAL B 339 -7.02 47.08 21.49
CA VAL B 339 -6.57 46.33 20.33
C VAL B 339 -7.68 45.40 19.80
N TRP B 340 -7.76 45.31 18.47
CA TRP B 340 -8.70 44.43 17.81
C TRP B 340 -7.94 43.62 16.76
N CYS B 341 -8.04 42.30 16.81
CA CYS B 341 -7.53 41.47 15.71
C CYS B 341 -8.67 41.19 14.70
N LEU B 342 -8.61 41.85 13.53
CA LEU B 342 -9.60 41.65 12.46
C LEU B 342 -9.24 40.34 11.74
N TYR B 343 -9.91 39.26 12.15
CA TYR B 343 -9.48 37.91 11.80
C TYR B 343 -10.40 37.21 10.80
N LYS B 344 -9.81 36.74 9.71
CA LYS B 344 -10.52 35.97 8.70
C LYS B 344 -11.65 36.81 8.08
N GLU B 345 -12.90 36.34 8.11
CA GLU B 345 -14.01 37.07 7.51
C GLU B 345 -14.11 38.51 8.05
N VAL B 346 -13.69 38.72 9.29
CA VAL B 346 -13.75 40.05 9.88
C VAL B 346 -12.83 41.03 9.12
N GLN B 347 -11.72 40.50 8.60
CA GLN B 347 -10.88 41.27 7.68
C GLN B 347 -11.67 41.72 6.43
N ASP B 348 -12.46 40.80 5.86
CA ASP B 348 -13.29 41.12 4.70
C ASP B 348 -14.38 42.15 5.07
N TYR B 349 -14.96 42.00 6.25
CA TYR B 349 -15.93 42.97 6.77
C TYR B 349 -15.31 44.36 6.71
N TYR B 350 -14.06 44.43 7.16
CA TYR B 350 -13.33 45.67 7.32
C TYR B 350 -12.97 46.30 5.98
N GLU B 351 -12.62 45.47 5.02
CA GLU B 351 -12.30 45.95 3.68
C GLU B 351 -13.57 46.35 2.92
N LYS B 352 -14.72 45.85 3.38
CA LYS B 352 -16.01 46.18 2.75
C LYS B 352 -16.69 47.38 3.43
N GLY B 353 -16.03 47.95 4.43
CA GLY B 353 -16.42 49.25 4.97
C GLY B 353 -16.87 49.24 6.42
N MSE B 354 -16.59 48.16 7.15
CA MSE B 354 -16.91 48.16 8.57
C MSE B 354 -16.10 49.25 9.28
O MSE B 354 -14.91 49.42 9.02
CB MSE B 354 -16.62 46.80 9.21
CG MSE B 354 -16.91 46.79 10.70
SE MSE B 354 -16.46 45.09 11.51
CE MSE B 354 -18.00 44.83 12.51
H MSE B 354 -16.23 47.44 6.85
HA MSE B 354 -17.86 48.34 8.68
HB2 MSE B 354 -17.18 46.13 8.79
HB3 MSE B 354 -15.68 46.58 9.08
HG2 MSE B 354 -16.39 47.48 11.13
HG3 MSE B 354 -17.86 46.94 10.83
HE1 MSE B 354 -17.92 44.00 13.00
HE2 MSE B 354 -18.10 45.57 13.13
HE3 MSE B 354 -18.76 44.79 11.91
N ARG B 355 -16.75 49.98 10.19
CA ARG B 355 -16.08 51.07 10.88
C ARG B 355 -15.34 50.59 12.14
N VAL B 356 -14.09 51.03 12.28
CA VAL B 356 -13.30 50.75 13.48
C VAL B 356 -12.71 52.06 14.02
N PRO B 357 -13.04 52.40 15.28
CA PRO B 357 -12.48 53.64 15.84
C PRO B 357 -10.96 53.74 15.63
N ASP B 358 -10.56 54.93 15.22
CA ASP B 358 -9.22 55.25 14.75
C ASP B 358 -8.09 54.90 15.73
N ASP B 359 -8.37 55.02 17.03
CA ASP B 359 -7.34 54.84 18.07
C ASP B 359 -7.12 53.38 18.47
N ILE B 360 -7.99 52.49 18.01
CA ILE B 360 -7.84 51.08 18.31
C ILE B 360 -6.72 50.50 17.43
N THR B 361 -5.78 49.80 18.05
CA THR B 361 -4.72 49.15 17.31
C THR B 361 -5.26 47.92 16.55
N LEU B 362 -4.90 47.81 15.27
CA LEU B 362 -5.27 46.66 14.46
C LEU B 362 -4.16 45.61 14.51
N LEU B 363 -4.44 44.49 15.17
CA LEU B 363 -3.48 43.40 15.28
C LEU B 363 -3.69 42.42 14.15
N TRP B 364 -2.72 42.32 13.26
CA TRP B 364 -2.79 41.39 12.14
C TRP B 364 -2.11 40.08 12.52
N ALA B 365 -2.80 38.98 12.29
CA ALA B 365 -2.31 37.67 12.68
C ALA B 365 -1.62 37.01 11.52
N ASP B 366 -0.67 36.12 11.81
CA ASP B 366 -0.14 35.27 10.77
C ASP B 366 -1.16 34.14 10.54
N ASP B 367 -0.83 33.20 9.65
CA ASP B 367 -1.70 32.08 9.29
C ASP B 367 -1.53 30.86 10.20
N ASN B 368 -0.94 31.08 11.38
CA ASN B 368 -0.59 30.02 12.35
C ASN B 368 0.65 29.23 11.96
N TRP B 369 1.27 29.60 10.83
CA TRP B 369 2.40 28.85 10.27
C TRP B 369 3.56 29.77 9.88
N GLY B 370 3.58 30.99 10.43
CA GLY B 370 4.71 31.91 10.24
C GLY B 370 4.62 32.78 9.00
N ASN B 371 3.47 32.79 8.34
CA ASN B 371 3.23 33.65 7.19
C ASN B 371 2.17 34.70 7.52
N ILE B 372 2.57 35.98 7.47
CA ILE B 372 1.66 37.04 7.89
C ILE B 372 0.53 37.17 6.87
N ARG B 373 -0.71 37.27 7.34
CA ARG B 373 -1.86 37.19 6.44
C ARG B 373 -2.15 38.52 5.76
N ARG B 374 -1.87 39.61 6.47
CA ARG B 374 -2.27 40.94 6.06
C ARG B 374 -1.40 41.95 6.78
N LEU B 375 -1.05 43.02 6.06
CA LEU B 375 -0.28 44.13 6.64
C LEU B 375 -0.95 45.45 6.23
N PRO B 376 -0.61 46.55 6.94
CA PRO B 376 -1.29 47.83 6.70
C PRO B 376 -1.13 48.37 5.29
N THR B 377 -2.19 49.01 4.80
CA THR B 377 -2.14 49.76 3.55
C THR B 377 -1.74 51.21 3.82
N ALA B 378 -1.40 51.94 2.77
CA ALA B 378 -0.98 53.33 2.90
C ALA B 378 -2.00 54.18 3.69
N GLU B 379 -3.29 53.98 3.45
CA GLU B 379 -4.31 54.77 4.15
C GLU B 379 -4.48 54.34 5.59
N GLU B 380 -4.29 53.06 5.86
CA GLU B 380 -4.41 52.55 7.23
C GLU B 380 -3.26 53.02 8.11
N ARG B 381 -2.11 53.31 7.51
CA ARG B 381 -0.95 53.77 8.28
C ARG B 381 -1.20 55.12 8.93
N LYS B 382 -2.25 55.81 8.49
CA LYS B 382 -2.58 57.10 9.05
C LYS B 382 -3.38 57.00 10.36
N ARG B 383 -3.87 55.80 10.70
CA ARG B 383 -4.66 55.60 11.91
C ARG B 383 -3.80 55.80 13.15
N SER B 384 -4.31 56.55 14.13
CA SER B 384 -3.53 56.86 15.32
C SER B 384 -3.21 55.61 16.15
N GLY B 385 -4.03 54.59 16.04
CA GLY B 385 -3.81 53.36 16.79
C GLY B 385 -2.71 52.46 16.23
N GLY B 386 -2.28 52.71 15.00
CA GLY B 386 -1.29 51.87 14.35
C GLY B 386 -1.75 50.42 14.19
N ALA B 387 -0.77 49.54 14.03
CA ALA B 387 -1.06 48.15 13.78
C ALA B 387 0.06 47.27 14.31
N GLY B 388 -0.21 45.99 14.39
CA GLY B 388 0.78 45.06 14.92
C GLY B 388 0.72 43.71 14.27
N VAL B 389 1.55 42.79 14.77
CA VAL B 389 1.63 41.44 14.24
C VAL B 389 1.59 40.42 15.37
N TYR B 390 0.78 39.39 15.19
CA TYR B 390 0.73 38.22 16.08
C TYR B 390 1.27 37.01 15.32
N TYR B 391 2.42 36.50 15.76
CA TYR B 391 3.21 35.50 15.03
C TYR B 391 3.21 34.18 15.79
N HIS B 392 3.41 33.07 15.08
CA HIS B 392 3.44 31.75 15.74
C HIS B 392 4.78 31.04 15.62
N PHE B 393 5.28 30.52 16.74
CA PHE B 393 6.37 29.54 16.78
C PHE B 393 5.85 28.13 17.10
N ASP B 394 4.57 28.02 17.42
CA ASP B 394 3.97 26.81 17.99
C ASP B 394 2.48 26.87 17.62
N TYR B 395 1.83 25.75 17.37
CA TYR B 395 0.39 25.83 17.04
C TYR B 395 -0.36 24.50 17.24
N VAL B 396 -1.56 24.61 17.77
CA VAL B 396 -2.50 23.50 17.92
C VAL B 396 -3.71 23.75 17.01
N GLY B 397 -3.83 22.96 15.94
CA GLY B 397 -4.87 23.16 14.94
C GLY B 397 -4.41 22.53 13.63
N GLY B 398 -4.98 22.96 12.51
CA GLY B 398 -4.74 22.36 11.21
C GLY B 398 -3.68 23.07 10.38
N PRO B 399 -3.14 22.39 9.37
CA PRO B 399 -3.47 21.01 8.97
C PRO B 399 -2.99 19.96 9.97
N ARG B 400 -1.97 20.29 10.76
CA ARG B 400 -1.53 19.42 11.85
C ARG B 400 -0.76 20.25 12.90
N SER B 401 -0.97 19.92 14.17
CA SER B 401 -0.32 20.63 15.27
C SER B 401 1.20 20.46 15.20
N TYR B 402 1.94 21.47 15.65
CA TYR B 402 3.36 21.32 15.88
C TYR B 402 3.68 22.00 17.22
N ARG B 403 4.21 21.19 18.13
CA ARG B 403 4.15 21.49 19.56
C ARG B 403 5.39 21.06 20.28
N TRP B 404 6.36 20.45 19.61
CA TRP B 404 7.40 19.71 20.33
C TRP B 404 8.71 20.48 20.46
N ILE B 405 9.37 20.71 19.34
CA ILE B 405 10.62 21.48 19.38
C ILE B 405 10.64 22.60 18.34
N ASN B 406 11.73 23.36 18.32
CA ASN B 406 11.82 24.54 17.47
C ASN B 406 11.85 24.14 16.01
N THR B 407 10.93 24.69 15.24
CA THR B 407 10.85 24.41 13.82
C THR B 407 10.87 25.68 12.97
N THR B 408 11.25 26.81 13.56
CA THR B 408 11.24 28.10 12.85
C THR B 408 12.63 28.68 12.65
N PRO B 409 13.16 28.61 11.41
CA PRO B 409 14.48 29.18 11.15
C PRO B 409 14.49 30.70 11.26
N LEU B 410 15.59 31.23 11.77
CA LEU B 410 15.70 32.67 11.96
C LEU B 410 15.41 33.47 10.68
N ALA B 411 15.89 32.96 9.55
CA ALA B 411 15.77 33.73 8.32
C ALA B 411 14.30 33.85 7.91
N LYS B 412 13.51 32.84 8.21
CA LYS B 412 12.07 32.91 7.91
C LYS B 412 11.42 34.05 8.69
N ILE B 413 11.73 34.10 9.97
CA ILE B 413 11.30 35.21 10.81
C ILE B 413 11.77 36.54 10.23
N TRP B 414 13.05 36.65 9.88
CA TRP B 414 13.56 37.92 9.37
C TRP B 414 12.73 38.42 8.19
N GLU B 415 12.51 37.55 7.22
CA GLU B 415 11.94 37.99 5.94
C GLU B 415 10.50 38.45 6.12
N GLN B 416 9.73 37.76 6.96
CA GLN B 416 8.35 38.18 7.22
C GLN B 416 8.28 39.42 8.15
N MSE B 417 8.98 39.42 9.27
CA MSE B 417 8.93 40.57 10.18
C MSE B 417 9.54 41.85 9.56
O MSE B 417 9.14 42.96 9.92
CB MSE B 417 9.63 40.23 11.51
CG MSE B 417 8.96 39.09 12.26
SE MSE B 417 6.97 39.09 12.34
CE MSE B 417 6.69 37.96 10.79
H MSE B 417 9.50 38.78 9.52
HA MSE B 417 8.00 40.75 10.38
HB2 MSE B 417 10.55 39.97 11.32
HB3 MSE B 417 9.61 41.02 12.07
HG2 MSE B 417 9.24 38.26 11.84
HG3 MSE B 417 9.29 39.10 13.18
HE1 MSE B 417 5.74 37.84 10.66
HE2 MSE B 417 7.08 38.39 10.02
HE3 MSE B 417 7.12 37.10 10.95
N HIS B 418 10.45 41.71 8.60
CA HIS B 418 10.97 42.89 7.91
C HIS B 418 9.86 43.55 7.08
N LEU B 419 9.04 42.73 6.43
CA LEU B 419 7.85 43.25 5.74
C LEU B 419 6.93 44.00 6.71
N ALA B 420 6.70 43.42 7.88
CA ALA B 420 5.88 44.07 8.89
C ALA B 420 6.46 45.41 9.29
N TYR B 421 7.75 45.45 9.51
CA TYR B 421 8.40 46.70 9.88
C TYR B 421 8.22 47.74 8.80
N LYS B 422 8.43 47.35 7.53
CA LYS B 422 8.43 48.31 6.46
C LYS B 422 7.00 48.77 6.13
N TYR B 423 6.01 47.90 6.34
CA TYR B 423 4.62 48.32 6.11
C TYR B 423 3.99 48.94 7.35
N GLU B 424 4.82 49.17 8.36
CA GLU B 424 4.46 49.93 9.57
C GLU B 424 3.40 49.26 10.47
N ALA B 425 3.57 47.97 10.73
CA ALA B 425 2.82 47.31 11.78
C ALA B 425 3.68 47.26 13.04
N ASN B 426 3.95 48.41 13.65
CA ASN B 426 5.00 48.51 14.65
C ASN B 426 4.51 48.94 16.03
N LYS B 427 3.21 48.82 16.24
CA LYS B 427 2.64 49.11 17.55
C LYS B 427 2.86 47.92 18.51
N ILE B 428 2.53 46.72 18.04
CA ILE B 428 2.65 45.48 18.81
C ILE B 428 3.30 44.35 18.00
N TRP B 429 4.34 43.71 18.53
CA TRP B 429 4.83 42.44 17.98
C TRP B 429 4.76 41.41 19.07
N ILE B 430 3.93 40.38 18.88
CA ILE B 430 3.80 39.35 19.89
C ILE B 430 3.83 37.97 19.26
N VAL B 431 4.55 37.05 19.87
CA VAL B 431 4.74 35.71 19.31
C VAL B 431 4.27 34.61 20.26
N ASN B 432 3.54 33.66 19.69
CA ASN B 432 3.12 32.46 20.40
C ASN B 432 4.32 31.55 20.55
N VAL B 433 4.79 31.40 21.79
CA VAL B 433 6.00 30.64 22.06
C VAL B 433 5.75 29.23 22.58
N GLY B 434 4.49 28.80 22.55
CA GLY B 434 4.17 27.51 23.13
C GLY B 434 4.57 27.48 24.60
N ASP B 435 5.32 26.47 25.00
CA ASP B 435 5.83 26.33 26.36
C ASP B 435 7.05 27.17 26.72
N LEU B 436 7.43 28.08 25.82
CA LEU B 436 8.59 28.97 25.98
C LEU B 436 9.87 28.17 25.63
N LYS B 437 10.31 27.25 26.49
CA LYS B 437 11.35 26.30 26.10
C LYS B 437 10.70 25.31 25.14
N PRO B 438 11.41 24.84 24.08
CA PRO B 438 12.79 25.10 23.69
C PRO B 438 12.91 26.12 22.54
N MSE B 439 12.19 27.25 22.64
CA MSE B 439 12.22 28.30 21.61
C MSE B 439 13.17 29.44 21.99
O MSE B 439 12.98 30.58 21.52
CB MSE B 439 10.83 28.90 21.41
CG MSE B 439 9.72 27.92 21.26
SE MSE B 439 10.09 26.81 19.70
CE MSE B 439 8.64 25.53 19.94
H MSE B 439 11.67 27.42 23.30
HA MSE B 439 12.51 27.92 20.77
HB2 MSE B 439 10.63 29.46 22.18
HB3 MSE B 439 10.85 29.45 20.61
HG2 MSE B 439 9.67 27.34 22.05
HG3 MSE B 439 8.88 28.38 21.13
HE1 MSE B 439 8.67 24.88 19.22
HE2 MSE B 439 8.76 25.09 20.80
HE3 MSE B 439 7.80 26.00 19.93
N GLU B 440 14.16 29.17 22.84
CA GLU B 440 15.02 30.24 23.38
C GLU B 440 15.64 31.15 22.30
N ALA B 441 16.26 30.57 21.30
CA ALA B 441 16.97 31.39 20.31
C ALA B 441 16.03 32.26 19.45
N PRO B 442 14.99 31.67 18.84
CA PRO B 442 14.07 32.51 18.06
C PRO B 442 13.27 33.50 18.90
N ILE B 443 12.98 33.19 20.17
CA ILE B 443 12.38 34.21 21.03
C ILE B 443 13.32 35.41 21.16
N GLU B 444 14.59 35.18 21.46
CA GLU B 444 15.49 36.31 21.60
C GLU B 444 15.66 37.06 20.26
N TYR B 445 15.72 36.33 19.14
CA TYR B 445 15.82 36.97 17.84
C TYR B 445 14.60 37.86 17.55
N PHE B 446 13.41 37.31 17.72
CA PHE B 446 12.18 38.06 17.49
C PHE B 446 12.17 39.37 18.30
N LEU B 447 12.56 39.28 19.57
CA LEU B 447 12.48 40.44 20.45
C LEU B 447 13.60 41.44 20.24
N GLU B 448 14.78 40.97 19.84
CA GLU B 448 15.86 41.89 19.43
C GLU B 448 15.52 42.58 18.12
N MSE B 449 14.85 41.87 17.23
CA MSE B 449 14.44 42.49 15.99
C MSE B 449 13.37 43.53 16.29
O MSE B 449 13.44 44.65 15.79
CB MSE B 449 13.95 41.41 15.01
CG MSE B 449 14.17 41.76 13.63
SE MSE B 449 13.63 40.26 12.52
CE MSE B 449 13.20 41.51 11.10
H MSE B 449 14.63 41.04 17.30
HA MSE B 449 15.21 42.93 15.59
HB2 MSE B 449 14.42 40.58 15.20
HB3 MSE B 449 12.99 41.29 15.14
HG2 MSE B 449 13.63 42.52 13.38
HG3 MSE B 449 15.11 41.93 13.47
HE1 MSE B 449 12.88 41.01 10.33
HE2 MSE B 449 12.52 42.13 11.41
HE3 MSE B 449 14.00 41.99 10.86
N ALA B 450 12.44 43.21 17.19
CA ALA B 450 11.39 44.17 17.56
C ALA B 450 11.98 45.46 18.18
N TRP B 451 13.05 45.32 18.97
CA TRP B 451 13.70 46.47 19.56
C TRP B 451 14.17 47.41 18.46
N ASN B 452 14.80 46.86 17.43
CA ASN B 452 15.15 47.67 16.27
C ASN B 452 15.45 46.81 15.05
N PRO B 453 14.49 46.71 14.12
CA PRO B 453 14.76 45.85 12.95
C PRO B 453 15.98 46.31 12.14
N GLU B 454 16.33 47.59 12.23
CA GLU B 454 17.43 48.08 11.42
C GLU B 454 18.80 47.65 11.98
N GLN B 455 18.83 47.20 13.24
CA GLN B 455 20.07 46.64 13.80
C GLN B 455 20.29 45.18 13.35
N TRP B 456 19.26 44.58 12.75
CA TRP B 456 19.30 43.18 12.35
C TRP B 456 18.85 42.98 10.91
N PRO B 457 19.61 43.55 9.96
CA PRO B 457 19.36 43.34 8.53
C PRO B 457 19.68 41.92 8.08
N LYS B 458 19.32 41.57 6.85
CA LYS B 458 19.42 40.18 6.41
C LYS B 458 20.86 39.71 6.39
N GLU B 459 21.81 40.63 6.22
CA GLU B 459 23.21 40.28 6.26
C GLU B 459 23.73 39.94 7.66
N ARG B 460 22.89 40.14 8.69
CA ARG B 460 23.24 39.77 10.06
C ARG B 460 22.42 38.61 10.61
N ILE B 461 21.72 37.89 9.74
CA ILE B 461 20.98 36.72 10.20
C ILE B 461 21.93 35.66 10.76
N THR B 462 22.97 35.33 10.00
CA THR B 462 23.96 34.33 10.41
C THR B 462 24.74 34.83 11.62
N GLN B 463 25.02 36.12 11.60
CA GLN B 463 25.81 36.74 12.65
C GLN B 463 25.07 36.74 13.97
N PHE B 464 23.74 36.85 13.92
CA PHE B 464 22.97 36.77 15.16
C PHE B 464 23.23 35.44 15.86
N ALA B 465 23.14 34.35 15.11
CA ALA B 465 23.32 33.03 15.69
C ALA B 465 24.73 32.86 16.21
N GLU B 466 25.73 33.36 15.46
CA GLU B 466 27.13 33.28 15.92
C GLU B 466 27.37 34.09 17.19
N LEU B 467 26.81 35.29 17.24
CA LEU B 467 26.96 36.14 18.41
C LEU B 467 26.25 35.58 19.64
N TRP B 468 25.06 35.01 19.43
CA TRP B 468 24.32 34.33 20.47
C TRP B 468 25.15 33.18 21.02
N ALA B 469 25.65 32.32 20.14
CA ALA B 469 26.46 31.20 20.59
C ALA B 469 27.72 31.67 21.30
N GLU B 470 28.35 32.74 20.81
CA GLU B 470 29.55 33.24 21.48
C GLU B 470 29.23 33.72 22.88
N ARG B 471 28.10 34.42 23.04
CA ARG B 471 27.70 34.90 24.37
C ARG B 471 27.48 33.73 25.34
N GLU B 472 26.77 32.69 24.92
CA GLU B 472 26.45 31.60 25.85
C GLU B 472 27.64 30.65 26.08
N PHE B 473 28.44 30.41 25.05
CA PHE B 473 29.46 29.36 25.11
C PHE B 473 30.91 29.80 24.90
N GLY B 474 31.12 31.06 24.51
CA GLY B 474 32.43 31.55 24.20
C GLY B 474 32.76 31.38 22.73
N PRO B 475 33.85 32.02 22.28
CA PRO B 475 34.25 32.10 20.87
C PRO B 475 34.78 30.81 20.24
N THR B 476 35.35 29.90 21.01
CA THR B 476 36.07 28.75 20.45
C THR B 476 35.22 27.90 19.50
N TYR B 477 34.00 27.56 19.91
CA TYR B 477 33.14 26.75 19.06
C TYR B 477 31.89 27.48 18.58
N ALA B 478 31.88 28.81 18.70
CA ALA B 478 30.68 29.59 18.40
C ALA B 478 30.17 29.37 16.97
N LYS B 479 31.07 29.40 15.99
CA LYS B 479 30.62 29.23 14.61
C LYS B 479 29.99 27.88 14.37
N GLU B 480 30.60 26.85 14.96
CA GLU B 480 30.16 25.48 14.73
C GLU B 480 28.81 25.28 15.40
N ILE B 481 28.65 25.87 16.58
CA ILE B 481 27.41 25.74 17.35
C ILE B 481 26.28 26.49 16.65
N ALA B 482 26.55 27.71 16.19
CA ALA B 482 25.56 28.45 15.43
C ALA B 482 25.10 27.66 14.20
N GLN B 483 26.05 27.03 13.52
CA GLN B 483 25.73 26.25 12.32
C GLN B 483 24.84 25.04 12.64
N LEU B 484 25.06 24.41 13.79
CA LEU B 484 24.21 23.30 14.22
C LEU B 484 22.76 23.76 14.39
N VAL B 485 22.58 24.95 14.96
CA VAL B 485 21.25 25.48 15.20
C VAL B 485 20.59 25.86 13.85
N GLN B 486 21.36 26.51 12.99
CA GLN B 486 20.86 26.89 11.68
C GLN B 486 20.48 25.61 10.91
N ASP B 487 21.27 24.57 11.05
CA ASP B 487 21.05 23.35 10.30
C ASP B 487 19.80 22.57 10.77
N TYR B 488 19.59 22.41 12.08
CA TYR B 488 18.46 21.60 12.54
C TYR B 488 17.19 22.40 12.35
N THR B 489 17.24 23.72 12.52
CA THR B 489 16.04 24.51 12.31
C THR B 489 15.67 24.55 10.81
N GLN B 490 16.66 24.65 9.92
CA GLN B 490 16.37 24.57 8.48
C GLN B 490 15.72 23.25 8.16
N HIS B 491 16.26 22.17 8.71
CA HIS B 491 15.71 20.87 8.41
C HIS B 491 14.24 20.76 8.90
N ASN B 492 13.98 21.19 10.14
CA ASN B 492 12.63 21.15 10.67
C ASN B 492 11.68 22.09 9.92
N GLY B 493 12.25 23.14 9.34
CA GLY B 493 11.52 24.04 8.47
C GLY B 493 11.05 23.38 7.15
N ARG B 494 11.65 22.25 6.79
CA ARG B 494 11.22 21.53 5.60
C ARG B 494 9.89 20.80 5.83
N ARG B 495 9.70 20.29 7.05
CA ARG B 495 8.50 19.58 7.45
C ARG B 495 8.54 19.33 8.93
N LYS B 496 7.52 19.82 9.62
CA LYS B 496 7.42 19.66 11.07
C LYS B 496 7.63 18.18 11.42
N PRO B 497 8.30 17.90 12.54
CA PRO B 497 8.45 16.50 12.97
C PRO B 497 7.09 15.78 13.05
N GLU B 498 6.06 16.45 13.55
CA GLU B 498 4.72 15.87 13.63
C GLU B 498 4.16 15.45 12.26
N LEU B 499 4.56 16.15 11.19
CA LEU B 499 4.11 15.86 9.85
C LEU B 499 4.98 14.88 9.04
N GLN B 500 6.13 14.49 9.59
CA GLN B 500 7.04 13.63 8.87
C GLN B 500 6.49 12.22 8.91
N GLU B 501 6.84 11.42 7.89
CA GLU B 501 6.35 10.05 7.77
C GLU B 501 7.28 9.31 6.80
N ALA B 502 7.11 8.00 6.69
CA ALA B 502 7.90 7.20 5.76
C ALA B 502 7.99 7.78 4.34
N LYS B 503 6.91 8.33 3.82
CA LYS B 503 6.94 8.72 2.42
C LYS B 503 7.55 10.11 2.16
N THR B 504 7.93 10.84 3.21
CA THR B 504 8.39 12.22 3.02
C THR B 504 9.60 12.35 2.08
N TYR B 505 10.72 11.74 2.47
CA TYR B 505 11.93 11.82 1.66
C TYR B 505 12.05 10.59 0.76
N SER B 506 12.34 10.83 -0.51
CA SER B 506 12.27 9.78 -1.52
C SER B 506 13.40 8.76 -1.42
N LEU B 507 13.02 7.49 -1.36
CA LEU B 507 13.97 6.39 -1.50
C LEU B 507 14.41 6.18 -2.95
N LEU B 508 13.56 6.54 -3.89
CA LEU B 508 13.73 6.15 -5.28
C LEU B 508 14.47 7.17 -6.14
N ASN B 509 14.29 8.45 -5.83
CA ASN B 509 14.77 9.50 -6.73
C ASN B 509 15.80 10.43 -6.14
N TYR B 510 16.86 10.66 -6.91
CA TYR B 510 17.93 11.59 -6.59
C TYR B 510 18.56 11.29 -5.24
N ASP B 511 18.52 10.02 -4.82
CA ASP B 511 19.14 9.59 -3.57
C ASP B 511 18.74 10.45 -2.37
N GLU B 512 17.51 10.94 -2.36
CA GLU B 512 17.13 12.00 -1.44
C GLU B 512 17.17 11.54 0.01
N ALA B 513 16.50 10.42 0.31
CA ALA B 513 16.49 9.91 1.67
C ALA B 513 17.91 9.60 2.15
N ALA B 514 18.74 9.00 1.29
CA ALA B 514 20.13 8.70 1.66
C ALA B 514 20.92 9.99 1.94
N ARG B 515 20.75 11.01 1.10
CA ARG B 515 21.45 12.27 1.34
C ARG B 515 21.01 12.92 2.64
N ILE B 516 19.70 12.91 2.91
CA ILE B 516 19.17 13.53 4.11
C ILE B 516 19.69 12.79 5.34
N GLU B 517 19.66 11.47 5.27
CA GLU B 517 20.13 10.67 6.40
C GLU B 517 21.57 10.99 6.70
N GLN B 518 22.38 11.12 5.66
CA GLN B 518 23.80 11.39 5.85
C GLN B 518 24.05 12.80 6.41
N GLN B 519 23.29 13.78 5.96
N GLN B 519 23.30 13.78 5.91
CA GLN B 519 23.48 15.14 6.44
CA GLN B 519 23.35 15.15 6.43
C GLN B 519 23.02 15.26 7.90
C GLN B 519 23.11 15.13 7.92
N LEU B 520 22.03 14.46 8.29
CA LEU B 520 21.56 14.46 9.67
C LEU B 520 22.55 13.76 10.58
N THR B 521 23.11 12.64 10.12
CA THR B 521 24.06 11.87 10.91
C THR B 521 25.34 12.69 11.16
N ASP B 522 25.78 13.44 10.15
N ASP B 522 25.79 13.45 10.15
CA ASP B 522 26.95 14.31 10.28
CA ASP B 522 26.97 14.30 10.30
C ASP B 522 26.70 15.41 11.31
C ASP B 522 26.71 15.44 11.31
N MSE B 523 25.50 15.98 11.28
CA MSE B 523 25.09 16.98 12.26
C MSE B 523 25.17 16.39 13.67
O MSE B 523 25.73 16.99 14.58
CB MSE B 523 23.68 17.47 11.90
CG MSE B 523 23.15 18.69 12.60
SE MSE B 523 21.26 18.98 12.07
CE MSE B 523 21.60 18.66 10.24
H MSE B 523 24.90 15.81 10.67
H MSE B 523 24.90 15.79 10.69
HA MSE B 523 25.69 17.74 12.20
HB2 MSE B 523 23.67 17.66 10.95
HB3 MSE B 523 23.07 16.75 12.08
HG2 MSE B 523 23.18 18.56 13.56
HG3 MSE B 523 23.67 19.47 12.35
HE1 MSE B 523 20.76 18.74 9.75
HE2 MSE B 523 22.24 19.30 9.92
HE3 MSE B 523 21.94 17.76 10.13
N GLU B 524 24.62 15.20 13.84
CA GLU B 524 24.65 14.53 15.15
C GLU B 524 26.07 14.29 15.65
N SER B 525 26.97 13.88 14.76
N SER B 525 26.96 13.87 14.76
CA SER B 525 28.34 13.55 15.18
CA SER B 525 28.32 13.56 15.14
C SER B 525 29.11 14.81 15.56
C SER B 525 29.04 14.82 15.60
N ARG B 526 28.82 15.92 14.88
CA ARG B 526 29.39 17.22 15.30
C ARG B 526 28.88 17.62 16.70
N ALA B 527 27.59 17.46 16.94
CA ALA B 527 26.99 17.87 18.19
C ALA B 527 27.51 17.01 19.36
N GLU B 528 27.58 15.70 19.13
CA GLU B 528 28.06 14.74 20.12
C GLU B 528 29.51 15.01 20.50
N THR B 529 30.30 15.30 19.50
CA THR B 529 31.71 15.51 19.70
C THR B 529 32.00 16.73 20.56
N LEU B 530 31.27 17.82 20.33
CA LEU B 530 31.52 19.04 21.07
C LEU B 530 31.17 18.92 22.54
N PHE B 531 30.21 18.05 22.86
CA PHE B 531 29.76 17.90 24.24
C PHE B 531 30.94 17.65 25.16
N ASN B 532 31.90 16.87 24.67
CA ASN B 532 33.06 16.50 25.46
C ASN B 532 34.17 17.53 25.44
N LYS B 533 34.06 18.50 24.54
CA LYS B 533 35.13 19.50 24.39
C LYS B 533 34.86 20.82 25.11
N ILE B 534 33.60 21.10 25.41
CA ILE B 534 33.25 22.34 26.08
C ILE B 534 33.45 22.20 27.59
N PRO B 535 33.62 23.32 28.31
CA PRO B 535 33.75 23.27 29.77
C PRO B 535 32.59 22.58 30.46
N ALA B 536 32.84 21.93 31.59
CA ALA B 536 31.79 21.20 32.29
C ALA B 536 30.56 22.06 32.61
N ASN B 537 30.77 23.32 33.03
CA ASN B 537 29.63 24.14 33.45
C ASN B 537 28.78 24.64 32.27
N GLN B 538 29.18 24.32 31.05
CA GLN B 538 28.38 24.63 29.85
C GLN B 538 27.52 23.48 29.37
N ARG B 539 27.74 22.30 29.93
CA ARG B 539 27.12 21.11 29.38
C ARG B 539 25.59 21.13 29.46
N ASP B 540 25.05 21.61 30.57
CA ASP B 540 23.59 21.64 30.71
C ASP B 540 22.94 22.61 29.68
N ALA B 541 23.49 23.82 29.58
CA ALA B 541 23.05 24.79 28.58
C ALA B 541 23.20 24.23 27.15
N TYR B 542 24.35 23.65 26.88
CA TYR B 542 24.65 23.08 25.57
C TYR B 542 23.69 21.94 25.26
N TYR B 543 23.38 21.11 26.25
CA TYR B 543 22.48 19.99 25.99
C TYR B 543 21.09 20.56 25.62
N GLN B 544 20.57 21.52 26.39
CA GLN B 544 19.19 21.94 26.18
C GLN B 544 19.05 22.88 24.97
N LEU B 545 20.11 23.62 24.63
CA LEU B 545 20.04 24.63 23.55
C LEU B 545 20.54 24.13 22.19
N VAL B 546 21.35 23.07 22.18
CA VAL B 546 22.00 22.58 20.95
C VAL B 546 21.88 21.07 20.77
N MSE B 547 22.50 20.28 21.64
CA MSE B 547 22.60 18.86 21.37
C MSE B 547 21.25 18.18 21.36
O MSE B 547 20.98 17.35 20.49
CB MSE B 547 23.51 18.17 22.38
CG MSE B 547 23.72 16.70 22.07
SE MSE B 547 25.11 16.04 23.29
CE MSE B 547 24.76 14.14 23.14
H MSE B 547 22.86 20.54 22.38
HA MSE B 547 23.00 18.75 20.49
HB2 MSE B 547 24.39 18.60 22.36
HB3 MSE B 547 23.13 18.24 23.27
HG2 MSE B 547 22.91 16.21 22.23
HG3 MSE B 547 24.03 16.59 21.16
HE1 MSE B 547 25.38 13.65 23.70
HE2 MSE B 547 23.85 13.96 23.44
HE3 MSE B 547 24.87 13.86 22.21
N HIS B 548 20.37 18.51 22.31
CA HIS B 548 19.08 17.82 22.34
C HIS B 548 18.27 18.06 21.06
N PRO B 549 18.03 19.34 20.66
CA PRO B 549 17.22 19.55 19.46
C PRO B 549 17.87 18.98 18.18
N VAL B 550 19.20 18.99 18.09
CA VAL B 550 19.88 18.40 16.94
C VAL B 550 19.65 16.89 16.88
N LEU B 551 19.95 16.20 17.97
CA LEU B 551 19.78 14.74 18.00
C LEU B 551 18.33 14.34 17.90
N ALA B 552 17.43 15.09 18.55
CA ALA B 552 16.03 14.75 18.51
C ALA B 552 15.46 14.94 17.10
N SER B 553 15.85 16.02 16.43
CA SER B 553 15.38 16.32 15.10
C SER B 553 15.84 15.25 14.13
N ALA B 554 17.12 14.91 14.24
CA ALA B 554 17.72 13.92 13.34
C ALA B 554 17.07 12.54 13.55
N THR B 555 16.84 12.19 14.82
CA THR B 555 16.36 10.84 15.16
C THR B 555 14.96 10.58 14.61
N VAL B 556 14.07 11.58 14.66
CA VAL B 556 12.72 11.40 14.15
C VAL B 556 12.76 11.15 12.64
N THR B 557 13.52 11.95 11.92
CA THR B 557 13.59 11.80 10.47
C THR B 557 14.21 10.45 10.09
N LYS B 558 15.36 10.13 10.68
CA LYS B 558 16.04 8.87 10.43
C LYS B 558 15.18 7.65 10.75
N MSE B 559 14.35 7.81 11.76
CA MSE B 559 13.39 6.79 12.13
C MSE B 559 12.42 6.52 10.97
O MSE B 559 12.14 5.37 10.65
CB MSE B 559 12.63 7.20 13.39
CG MSE B 559 11.69 6.11 13.89
SE MSE B 559 10.50 6.73 15.30
CE MSE B 559 9.58 8.14 14.30
H MSE B 559 14.31 8.51 12.27
HA MSE B 559 13.88 5.97 12.31
HB2 MSE B 559 13.26 7.38 14.09
HB3 MSE B 559 12.10 7.98 13.20
HG2 MSE B 559 11.13 5.81 13.15
HG3 MSE B 559 12.20 5.37 14.24
HE1 MSE B 559 8.93 8.56 14.89
HE2 MSE B 559 10.23 8.79 14.01
HE3 MSE B 559 9.13 7.73 13.55
N TYR B 560 11.89 7.58 10.35
CA TYR B 560 10.93 7.40 9.26
C TYR B 560 11.61 6.92 7.99
N ILE B 561 12.86 7.32 7.78
CA ILE B 561 13.59 6.80 6.63
C ILE B 561 13.84 5.30 6.81
N ALA B 562 14.26 4.88 8.01
CA ALA B 562 14.41 3.45 8.30
C ALA B 562 13.08 2.71 8.10
N GLN B 563 11.98 3.32 8.54
CA GLN B 563 10.66 2.70 8.33
C GLN B 563 10.35 2.56 6.85
N ALA B 564 10.65 3.58 6.08
CA ALA B 564 10.37 3.55 4.63
C ALA B 564 11.14 2.41 3.95
N ARG B 565 12.37 2.21 4.39
CA ARG B 565 13.20 1.14 3.86
C ARG B 565 12.69 -0.20 4.30
N ASN B 566 12.32 -0.32 5.58
CA ASN B 566 11.74 -1.58 6.06
C ASN B 566 10.51 -1.95 5.22
N ARG B 567 9.62 -0.99 4.99
CA ARG B 567 8.39 -1.24 4.25
C ARG B 567 8.62 -1.57 2.78
N LEU B 568 9.44 -0.78 2.09
CA LEU B 568 9.72 -1.04 0.67
C LEU B 568 10.47 -2.35 0.48
N TYR B 569 11.51 -2.57 1.28
CA TYR B 569 12.33 -3.76 1.10
C TYR B 569 11.51 -5.04 1.45
N ALA B 570 10.59 -4.93 2.42
CA ALA B 570 9.69 -6.03 2.72
C ALA B 570 8.76 -6.33 1.53
N LYS B 571 8.24 -5.31 0.88
CA LYS B 571 7.42 -5.50 -0.34
C LYS B 571 8.20 -6.16 -1.46
N GLN B 572 9.49 -5.88 -1.52
CA GLN B 572 10.36 -6.44 -2.53
C GLN B 572 10.78 -7.84 -2.14
N GLY B 573 10.51 -8.22 -0.90
CA GLY B 573 10.77 -9.59 -0.45
C GLY B 573 12.19 -9.81 0.03
N ARG B 574 12.86 -8.73 0.41
CA ARG B 574 14.25 -8.78 0.83
C ARG B 574 14.35 -8.97 2.34
N PRO B 575 14.97 -10.07 2.78
CA PRO B 575 15.16 -10.28 4.21
C PRO B 575 15.91 -9.17 4.94
N ILE B 576 16.71 -8.38 4.21
CA ILE B 576 17.42 -7.25 4.85
C ILE B 576 16.43 -6.24 5.45
N ALA B 577 15.17 -6.30 5.00
CA ALA B 577 14.13 -5.45 5.58
C ALA B 577 14.09 -5.51 7.10
N ASN B 578 14.38 -6.69 7.64
CA ASN B 578 14.24 -6.89 9.07
C ASN B 578 15.26 -6.07 9.85
N SER B 579 16.45 -5.88 9.28
CA SER B 579 17.47 -5.06 9.93
C SER B 579 16.98 -3.60 10.00
N TYR B 580 16.28 -3.13 8.98
CA TYR B 580 15.72 -1.77 9.03
C TYR B 580 14.57 -1.65 10.03
N GLY B 581 13.83 -2.74 10.23
CA GLY B 581 12.80 -2.75 11.25
C GLY B 581 13.43 -2.60 12.63
N GLN B 582 14.57 -3.25 12.82
CA GLN B 582 15.34 -3.16 14.06
C GLN B 582 15.84 -1.72 14.25
N GLN B 583 16.22 -1.06 13.16
CA GLN B 583 16.66 0.34 13.26
C GLN B 583 15.54 1.27 13.70
N VAL B 584 14.32 1.06 13.18
CA VAL B 584 13.16 1.84 13.65
C VAL B 584 13.03 1.76 15.17
N LYS B 585 13.17 0.55 15.71
CA LYS B 585 13.04 0.33 17.14
C LYS B 585 14.15 1.06 17.92
N GLU B 586 15.39 0.94 17.46
CA GLU B 586 16.51 1.64 18.08
C GLU B 586 16.34 3.17 18.07
N LEU B 587 15.89 3.71 16.94
CA LEU B 587 15.71 5.17 16.84
C LEU B 587 14.53 5.63 17.70
N PHE B 588 13.48 4.83 17.76
CA PHE B 588 12.36 5.16 18.64
C PHE B 588 12.80 5.16 20.09
N GLU B 589 13.60 4.16 20.48
CA GLU B 589 14.15 4.10 21.83
C GLU B 589 15.11 5.26 22.11
N LYS B 590 15.87 5.66 21.10
CA LYS B 590 16.76 6.80 21.26
C LYS B 590 15.96 8.08 21.49
N ASP B 591 14.86 8.26 20.76
CA ASP B 591 13.96 9.40 20.98
C ASP B 591 13.54 9.46 22.47
N ALA B 592 13.14 8.32 23.03
CA ALA B 592 12.74 8.27 24.44
C ALA B 592 13.91 8.58 25.40
N ALA B 593 15.09 8.11 25.04
CA ALA B 593 16.28 8.30 25.89
C ALA B 593 16.68 9.77 25.91
N LEU B 594 16.49 10.45 24.79
CA LEU B 594 16.85 11.87 24.73
C LEU B 594 15.90 12.69 25.62
N THR B 595 14.63 12.34 25.58
CA THR B 595 13.63 12.98 26.41
C THR B 595 13.96 12.76 27.88
N LYS B 596 14.27 11.52 28.25
CA LYS B 596 14.61 11.24 29.63
C LYS B 596 15.87 12.02 30.08
N ARG B 597 16.84 12.15 29.20
CA ARG B 597 18.04 12.94 29.49
C ARG B 597 17.73 14.41 29.75
N TYR B 598 16.89 14.98 28.88
CA TYR B 598 16.48 16.37 29.04
C TYR B 598 15.78 16.55 30.39
N HIS B 599 15.01 15.55 30.81
CA HIS B 599 14.29 15.60 32.09
C HIS B 599 15.18 15.33 33.29
N SER B 600 16.42 14.90 33.05
CA SER B 600 17.34 14.50 34.12
C SER B 600 18.49 15.46 34.34
N ILE B 601 18.92 16.23 33.34
CA ILE B 601 20.08 17.13 33.54
C ILE B 601 19.83 18.15 34.67
N ASN B 602 20.91 18.61 35.32
CA ASN B 602 20.80 19.63 36.35
C ASN B 602 19.80 19.21 37.44
N ASN B 603 19.97 17.99 37.92
N ASN B 603 19.99 17.98 37.91
CA ASN B 603 19.14 17.42 38.98
CA ASN B 603 19.15 17.42 38.96
C ASN B 603 17.64 17.47 38.66
C ASN B 603 17.65 17.55 38.65
N GLY B 604 17.28 17.25 37.40
CA GLY B 604 15.88 17.24 37.03
C GLY B 604 15.17 18.60 36.97
N LYS B 605 15.95 19.66 36.78
CA LYS B 605 15.42 21.04 36.82
C LYS B 605 14.32 21.21 35.79
N TRP B 606 14.46 20.55 34.64
CA TRP B 606 13.55 20.77 33.52
C TRP B 606 12.64 19.59 33.23
N ASN B 607 12.41 18.77 34.25
CA ASN B 607 11.49 17.64 34.14
C ASN B 607 10.10 18.06 33.62
N HIS B 608 9.59 17.28 32.66
CA HIS B 608 8.29 17.45 31.95
C HIS B 608 8.34 18.31 30.69
N PHE B 609 9.39 19.09 30.48
CA PHE B 609 9.40 20.05 29.37
C PHE B 609 9.48 19.38 27.99
N MSE B 610 9.89 18.12 27.93
CA MSE B 610 9.97 17.43 26.63
C MSE B 610 8.93 16.30 26.53
O MSE B 610 9.07 15.36 25.76
CB MSE B 610 11.36 16.85 26.42
CG MSE B 610 12.36 17.84 25.87
SE MSE B 610 11.83 18.54 24.11
CE MSE B 610 11.83 20.38 24.57
H MSE B 610 10.14 17.65 28.61
HA MSE B 610 9.80 18.07 25.93
HB2 MSE B 610 11.71 16.52 27.25
HB3 MSE B 610 11.30 16.12 25.78
HG2 MSE B 610 12.42 18.59 26.49
HG3 MSE B 610 13.22 17.41 25.78
HE1 MSE B 610 11.59 20.91 23.80
HE2 MSE B 610 11.19 20.54 25.29
HE3 MSE B 610 12.72 20.64 24.87
N SER B 611 7.88 16.39 27.34
CA SER B 611 6.91 15.31 27.42
C SER B 611 5.82 15.38 26.34
N GLN B 612 5.89 16.33 25.42
CA GLN B 612 4.88 16.41 24.35
C GLN B 612 4.92 15.20 23.41
N PRO B 613 3.81 14.46 23.26
CA PRO B 613 3.83 13.39 22.25
C PRO B 613 4.03 13.94 20.83
N HIS B 614 4.87 13.31 20.02
CA HIS B 614 5.21 13.84 18.69
C HIS B 614 5.39 12.76 17.63
N ILE B 615 5.20 11.51 18.01
CA ILE B 615 5.28 10.38 17.06
C ILE B 615 3.97 9.59 17.13
N GLY B 616 3.27 9.50 16.01
CA GLY B 616 2.01 8.77 15.92
C GLY B 616 0.77 9.57 15.53
N TYR B 617 0.97 10.74 14.94
CA TYR B 617 -0.15 11.57 14.49
C TYR B 617 -0.89 10.91 13.32
N THR B 618 -2.22 10.95 13.32
CA THR B 618 -3.02 10.48 12.16
C THR B 618 -4.03 11.54 11.73
N HIS B 619 -4.12 12.62 12.51
CA HIS B 619 -4.96 13.76 12.19
C HIS B 619 -4.40 15.00 12.94
N TRP B 620 -5.12 16.12 12.92
CA TRP B 620 -4.49 17.39 13.34
C TRP B 620 -4.04 17.41 14.81
N ASN B 621 -4.76 16.69 15.65
CA ASN B 621 -4.53 16.69 17.11
C ASN B 621 -3.56 15.61 17.57
N ASN B 622 -2.75 15.90 18.59
CA ASN B 622 -1.74 14.94 19.02
C ASN B 622 -2.31 13.63 19.55
N PRO B 623 -1.54 12.54 19.39
CA PRO B 623 -1.86 11.30 20.10
C PRO B 623 -1.61 11.49 21.59
N GLU B 624 -2.05 10.54 22.41
CA GLU B 624 -1.94 10.65 23.85
C GLU B 624 -0.52 10.30 24.33
N ASP B 625 0.23 9.64 23.48
CA ASP B 625 1.56 9.14 23.81
C ASP B 625 2.31 8.87 22.52
N ASN B 626 3.64 8.78 22.57
CA ASN B 626 4.39 8.32 21.40
C ASN B 626 4.10 6.84 21.13
N ILE B 627 3.93 6.48 19.87
CA ILE B 627 3.74 5.10 19.45
C ILE B 627 4.82 4.73 18.41
N MSE B 628 5.57 3.66 18.65
CA MSE B 628 6.55 3.23 17.64
C MSE B 628 5.84 2.88 16.32
O MSE B 628 4.83 2.18 16.35
CB MSE B 628 7.35 2.04 18.12
CG MSE B 628 8.55 1.68 17.17
SE MSE B 628 9.34 -0.02 17.68
CE MSE B 628 9.30 -0.90 15.94
H MSE B 628 5.54 3.17 19.36
HA MSE B 628 7.16 3.97 17.48
HB2 MSE B 628 7.71 2.23 19.01
HB3 MSE B 628 6.76 1.27 18.17
HG2 MSE B 628 8.23 1.61 16.26
HG3 MSE B 628 9.23 2.37 17.25
HE1 MSE B 628 9.67 -1.79 16.04
HE2 MSE B 628 8.38 -0.96 15.64
HE3 MSE B 628 9.82 -0.38 15.31
N PRO B 629 6.37 3.36 15.19
CA PRO B 629 5.73 3.06 13.90
C PRO B 629 5.65 1.57 13.58
N VAL B 630 4.69 1.21 12.74
CA VAL B 630 4.53 -0.15 12.27
C VAL B 630 5.72 -0.63 11.44
N VAL B 631 6.15 -1.87 11.66
CA VAL B 631 7.21 -2.45 10.85
C VAL B 631 6.78 -3.80 10.25
N SER B 632 7.43 -4.18 9.15
CA SER B 632 7.15 -5.45 8.49
C SER B 632 8.25 -6.45 8.80
N VAL B 633 7.86 -7.73 8.79
CA VAL B 633 8.75 -8.83 9.08
C VAL B 633 8.76 -9.76 7.88
N VAL B 634 9.95 -9.95 7.31
CA VAL B 634 10.15 -10.82 6.15
C VAL B 634 10.66 -12.16 6.62
N SER B 635 10.08 -13.23 6.09
CA SER B 635 10.56 -14.58 6.34
C SER B 635 11.46 -15.10 5.22
N LYS B 636 12.34 -16.03 5.57
CA LYS B 636 13.20 -16.69 4.61
C LYS B 636 12.68 -18.06 4.25
N GLY B 637 12.98 -18.48 3.02
CA GLY B 637 12.74 -19.85 2.58
C GLY B 637 13.98 -20.67 2.86
N ASN B 638 14.24 -21.70 2.07
CA ASN B 638 15.40 -22.55 2.31
C ASN B 638 16.32 -22.59 1.10
N ASN B 639 15.89 -23.22 0.01
CA ASN B 639 16.64 -23.26 -1.22
C ASN B 639 17.01 -21.87 -1.69
N ALA B 640 18.17 -21.77 -2.33
CA ALA B 640 18.59 -20.50 -2.95
C ALA B 640 17.51 -20.01 -3.94
N ASP B 641 17.16 -18.74 -3.81
CA ASP B 641 16.09 -18.17 -4.63
C ASP B 641 16.42 -16.68 -4.88
N MSE B 642 16.66 -16.33 -6.14
CA MSE B 642 17.21 -14.99 -6.46
C MSE B 642 16.15 -13.92 -6.70
O MSE B 642 15.18 -14.14 -7.40
CB MSE B 642 18.10 -15.09 -7.69
CG MSE B 642 18.81 -13.76 -8.02
SE MSE B 642 19.98 -13.92 -9.55
CE MSE B 642 18.69 -14.10 -10.97
H MSE B 642 16.51 -16.82 -6.83
HA MSE B 642 17.76 -14.72 -5.71
HB2 MSE B 642 18.78 -15.76 -7.54
HB3 MSE B 642 17.56 -15.33 -8.45
HG2 MSE B 642 18.15 -13.08 -8.23
HG3 MSE B 642 19.34 -13.48 -7.27
HE1 MSE B 642 19.16 -14.19 -11.82
HE2 MSE B 642 18.14 -14.88 -10.81
HE3 MSE B 642 18.13 -13.30 -10.99
N GLY B 643 16.38 -12.75 -6.11
CA GLY B 643 15.68 -11.54 -6.50
C GLY B 643 16.68 -10.46 -6.92
N VAL B 644 16.21 -9.45 -7.66
CA VAL B 644 17.03 -8.32 -8.06
C VAL B 644 16.22 -7.04 -7.84
N ALA B 645 16.74 -6.17 -6.99
CA ALA B 645 16.20 -4.84 -6.81
C ALA B 645 16.90 -3.83 -7.74
N VAL B 646 16.12 -2.96 -8.36
CA VAL B 646 16.62 -2.06 -9.42
C VAL B 646 16.52 -0.63 -8.90
N GLU B 647 17.63 0.08 -8.95
CA GLU B 647 17.65 1.48 -8.55
C GLU B 647 16.55 2.26 -9.25
N GLY B 648 15.78 3.04 -8.49
CA GLY B 648 14.72 3.86 -9.07
C GLY B 648 13.35 3.18 -9.18
N MSE B 649 13.26 1.90 -8.83
CA MSE B 649 12.01 1.13 -8.98
C MSE B 649 11.53 0.50 -7.69
O MSE B 649 12.32 0.00 -6.89
CB MSE B 649 12.20 -0.02 -9.99
CG MSE B 649 12.19 0.42 -11.36
SE MSE B 649 12.31 -1.15 -12.48
CE MSE B 649 10.50 -1.72 -12.41
H MSE B 649 13.91 1.45 -8.50
HA MSE B 649 11.32 1.71 -9.31
HB2 MSE B 649 13.05 -0.45 -9.83
HB3 MSE B 649 11.48 -0.66 -9.88
HG2 MSE B 649 11.35 0.87 -11.56
HG3 MSE B 649 12.94 0.99 -11.53
HE1 MSE B 649 10.41 -2.53 -12.95
HE2 MSE B 649 10.26 -1.91 -11.49
HE3 MSE B 649 9.93 -1.02 -12.77
N GLU B 650 10.21 0.48 -7.50
CA GLU B 650 9.63 -0.19 -6.35
C GLU B 650 9.57 -1.70 -6.54
N PRO B 651 9.01 -2.19 -7.65
CA PRO B 651 8.94 -3.66 -7.79
C PRO B 651 10.34 -4.27 -7.91
N ALA B 652 10.56 -5.41 -7.27
CA ALA B 652 11.78 -6.17 -7.46
C ALA B 652 11.54 -7.31 -8.41
N TRP B 653 12.57 -7.67 -9.16
CA TRP B 653 12.50 -8.81 -10.04
C TRP B 653 12.52 -10.11 -9.23
N PRO B 654 11.71 -11.12 -9.60
CA PRO B 654 10.75 -11.13 -10.72
C PRO B 654 9.37 -10.65 -10.25
N THR B 655 8.67 -9.88 -11.08
CA THR B 655 7.30 -9.46 -10.78
C THR B 655 6.55 -9.43 -12.11
N GLN B 656 5.38 -10.07 -12.13
CA GLN B 656 4.58 -10.12 -13.33
C GLN B 656 4.23 -8.72 -13.86
N ASP B 657 4.22 -8.56 -15.19
CA ASP B 657 3.68 -7.35 -15.81
C ASP B 657 4.45 -6.09 -15.46
N VAL B 658 5.76 -6.24 -15.21
CA VAL B 658 6.59 -5.08 -14.89
C VAL B 658 7.76 -5.06 -15.87
N ALA B 659 8.00 -3.90 -16.46
CA ALA B 659 9.17 -3.74 -17.30
C ALA B 659 10.33 -3.23 -16.45
N PHE B 660 11.37 -4.04 -16.32
CA PHE B 660 12.49 -3.68 -15.46
C PHE B 660 13.53 -2.90 -16.26
N ALA B 661 13.87 -1.72 -15.74
CA ALA B 661 14.80 -0.82 -16.42
C ALA B 661 15.47 0.07 -15.40
N LEU B 662 16.74 0.37 -15.60
CA LEU B 662 17.39 1.42 -14.82
C LEU B 662 16.99 2.76 -15.42
N PRO B 663 17.07 3.84 -14.63
CA PRO B 663 16.82 5.14 -15.23
C PRO B 663 17.85 5.47 -16.33
N THR B 664 17.40 6.15 -17.37
CA THR B 664 18.22 6.44 -18.54
C THR B 664 19.49 7.20 -18.14
N PHE B 665 20.63 6.70 -18.63
CA PHE B 665 21.91 7.38 -18.42
C PHE B 665 22.06 8.56 -19.37
N THR B 666 22.56 9.67 -18.84
CA THR B 666 22.80 10.87 -19.63
C THR B 666 24.23 11.33 -19.42
N PRO B 667 24.79 12.08 -20.38
CA PRO B 667 26.23 12.38 -20.36
C PRO B 667 26.70 13.10 -19.12
N TYR B 668 25.90 14.00 -18.55
CA TYR B 668 26.31 14.75 -17.37
C TYR B 668 25.55 14.36 -16.09
N GLY B 669 24.75 13.31 -16.15
CA GLY B 669 24.01 12.86 -14.97
C GLY B 669 24.73 11.81 -14.13
N LYS B 670 23.97 11.16 -13.26
CA LYS B 670 24.54 10.08 -12.45
C LYS B 670 25.16 9.03 -13.35
N GLN B 671 26.41 8.68 -13.04
CA GLN B 671 27.22 7.87 -13.93
C GLN B 671 27.22 6.40 -13.54
N THR B 672 26.93 6.11 -12.27
CA THR B 672 26.90 4.73 -11.79
C THR B 672 25.60 4.47 -11.09
N LYS B 673 24.90 3.41 -11.51
CA LYS B 673 23.63 2.99 -10.91
C LYS B 673 23.63 1.51 -10.50
N ILE B 674 22.79 1.17 -9.52
CA ILE B 674 22.90 -0.11 -8.83
C ILE B 674 21.79 -1.12 -9.10
N LEU B 675 22.18 -2.33 -9.45
CA LEU B 675 21.34 -3.51 -9.32
C LEU B 675 21.70 -4.29 -8.05
N THR B 676 20.74 -4.62 -7.19
CA THR B 676 21.03 -5.38 -5.97
C THR B 676 20.49 -6.81 -6.03
N VAL B 677 21.39 -7.79 -6.05
CA VAL B 677 21.01 -9.20 -6.06
C VAL B 677 20.85 -9.69 -4.63
N PHE B 678 19.74 -10.37 -4.34
CA PHE B 678 19.54 -10.89 -3.01
C PHE B 678 18.97 -12.29 -3.03
N ASN B 679 19.17 -12.97 -1.90
CA ASN B 679 18.71 -14.34 -1.69
C ASN B 679 17.46 -14.35 -0.81
N LYS B 680 16.41 -15.01 -1.30
CA LYS B 680 15.20 -15.14 -0.50
C LYS B 680 15.21 -16.42 0.34
N GLY B 681 16.23 -17.26 0.15
CA GLY B 681 16.37 -18.47 0.93
C GLY B 681 17.60 -18.37 1.82
N VAL B 682 18.14 -19.52 2.23
CA VAL B 682 19.33 -19.54 3.10
C VAL B 682 20.54 -20.22 2.46
N LYS B 683 20.32 -21.20 1.58
CA LYS B 683 21.43 -21.91 0.92
C LYS B 683 22.17 -21.00 -0.09
N PRO B 684 23.48 -21.28 -0.33
CA PRO B 684 24.31 -20.43 -1.20
C PRO B 684 23.72 -20.24 -2.59
N LEU B 685 23.79 -19.00 -3.06
CA LEU B 685 23.20 -18.57 -4.32
C LEU B 685 24.28 -18.07 -5.27
N LYS B 686 24.53 -18.83 -6.32
CA LYS B 686 25.54 -18.48 -7.32
C LYS B 686 24.88 -17.88 -8.54
N PHE B 687 25.47 -16.84 -9.12
CA PHE B 687 24.89 -16.21 -10.30
C PHE B 687 25.91 -15.58 -11.21
N SER B 688 25.52 -15.43 -12.47
CA SER B 688 26.37 -14.80 -13.47
C SER B 688 25.76 -13.47 -13.91
N VAL B 689 26.63 -12.57 -14.36
CA VAL B 689 26.21 -11.24 -14.80
C VAL B 689 26.86 -10.95 -16.15
N SER B 690 26.07 -10.62 -17.15
CA SER B 690 26.65 -10.23 -18.43
C SER B 690 25.92 -9.01 -19.02
N SER B 691 26.69 -8.22 -19.78
CA SER B 691 26.21 -7.06 -20.50
C SER B 691 25.91 -7.38 -21.95
N GLY B 692 24.88 -6.75 -22.49
CA GLY B 692 24.46 -6.99 -23.85
C GLY B 692 25.08 -6.08 -24.91
N ALA B 693 25.92 -5.14 -24.49
CA ALA B 693 26.56 -4.20 -25.42
C ALA B 693 27.93 -3.74 -24.92
N ALA B 694 28.81 -3.41 -25.86
CA ALA B 694 30.18 -2.99 -25.55
C ALA B 694 30.23 -1.70 -24.73
N TRP B 695 29.24 -0.83 -24.92
CA TRP B 695 29.18 0.43 -24.17
C TRP B 695 28.59 0.27 -22.78
N LEU B 696 27.95 -0.88 -22.53
CA LEU B 696 27.29 -1.13 -21.24
C LEU B 696 28.22 -1.90 -20.30
N LYS B 697 28.62 -1.30 -19.19
CA LYS B 697 29.58 -1.90 -18.25
C LYS B 697 28.97 -2.34 -16.92
N VAL B 698 29.39 -3.51 -16.45
CA VAL B 698 28.98 -4.01 -15.14
C VAL B 698 30.23 -4.33 -14.32
N SER B 699 30.13 -4.13 -13.01
CA SER B 699 31.29 -4.21 -12.12
C SER B 699 31.71 -5.64 -11.75
N ALA B 700 30.85 -6.63 -12.04
CA ALA B 700 31.18 -8.03 -11.81
C ALA B 700 30.53 -8.93 -12.85
N SER B 701 31.16 -10.08 -13.10
CA SER B 701 30.69 -11.07 -14.07
C SER B 701 30.04 -12.27 -13.37
N SER B 702 30.24 -12.38 -12.07
CA SER B 702 29.57 -13.43 -11.29
C SER B 702 29.58 -13.07 -9.82
N GLY B 703 28.83 -13.81 -9.02
CA GLY B 703 28.84 -13.59 -7.59
C GLY B 703 28.33 -14.79 -6.85
N GLU B 704 28.46 -14.77 -5.53
CA GLU B 704 27.87 -15.80 -4.69
C GLU B 704 27.49 -15.22 -3.36
N ILE B 705 26.28 -15.52 -2.89
CA ILE B 705 25.82 -14.95 -1.63
C ILE B 705 25.05 -15.99 -0.84
N THR B 706 25.03 -15.78 0.47
CA THR B 706 24.19 -16.56 1.34
C THR B 706 23.17 -15.64 1.98
N HIS B 707 23.55 -14.83 2.98
CA HIS B 707 22.55 -13.97 3.63
C HIS B 707 22.83 -12.50 3.40
N GLN B 708 23.94 -12.20 2.74
CA GLN B 708 24.26 -10.83 2.37
C GLN B 708 23.68 -10.55 0.98
N GLU B 709 23.53 -9.27 0.64
CA GLU B 709 23.16 -8.84 -0.70
C GLU B 709 24.41 -8.46 -1.46
N MSE B 710 24.32 -8.36 -2.79
CA MSE B 710 25.45 -7.91 -3.57
C MSE B 710 25.02 -6.85 -4.58
O MSE B 710 24.06 -7.04 -5.32
CB MSE B 710 26.13 -9.07 -4.29
CG MSE B 710 27.29 -8.62 -5.18
SE MSE B 710 28.35 -10.06 -5.96
CE MSE B 710 29.04 -10.86 -4.32
H MSE B 710 23.62 -8.56 -3.25
HA MSE B 710 26.10 -7.51 -2.97
HB2 MSE B 710 26.49 -9.69 -3.63
HB3 MSE B 710 25.48 -9.53 -4.85
HG2 MSE B 710 26.92 -8.09 -5.91
HG3 MSE B 710 27.89 -8.07 -4.66
HE1 MSE B 710 29.60 -11.62 -4.55
HE2 MSE B 710 29.56 -10.20 -3.84
HE3 MSE B 710 28.30 -11.16 -3.77
N GLN B 711 25.77 -5.77 -4.62
CA GLN B 711 25.50 -4.69 -5.54
C GLN B 711 26.32 -4.89 -6.80
N ILE B 712 25.64 -4.79 -7.94
CA ILE B 712 26.29 -4.71 -9.23
C ILE B 712 26.19 -3.26 -9.68
N GLN B 713 27.33 -2.65 -9.97
CA GLN B 713 27.40 -1.28 -10.46
C GLN B 713 27.33 -1.26 -11.97
N VAL B 714 26.41 -0.46 -12.50
CA VAL B 714 26.22 -0.35 -13.94
C VAL B 714 26.58 1.05 -14.40
N SER B 715 27.31 1.11 -15.50
CA SER B 715 27.84 2.38 -16.00
C SER B 715 27.99 2.33 -17.51
N ILE B 716 28.30 3.48 -18.11
CA ILE B 716 28.40 3.61 -19.57
C ILE B 716 29.83 3.98 -20.00
N ASP B 717 30.32 3.33 -21.05
CA ASP B 717 31.54 3.76 -21.76
C ASP B 717 31.07 4.66 -22.92
N TRP B 718 31.05 5.97 -22.68
CA TRP B 718 30.47 6.90 -23.63
C TRP B 718 31.20 6.93 -24.98
N ALA B 719 32.47 6.54 -24.97
CA ALA B 719 33.27 6.54 -26.21
C ALA B 719 32.83 5.42 -27.13
N LYS B 720 32.22 4.38 -26.57
CA LYS B 720 31.83 3.24 -27.38
C LYS B 720 30.35 3.28 -27.77
N LEU B 721 29.70 4.40 -27.49
CA LEU B 721 28.25 4.53 -27.68
C LEU B 721 27.93 5.47 -28.86
N PRO B 722 27.24 4.96 -29.90
CA PRO B 722 26.82 5.81 -31.02
C PRO B 722 25.93 6.97 -30.58
N LEU B 723 25.89 8.03 -31.37
CA LEU B 723 25.00 9.15 -31.09
C LEU B 723 23.55 8.68 -31.12
N GLY B 724 22.70 9.31 -30.32
CA GLY B 724 21.29 9.00 -30.25
C GLY B 724 20.91 8.21 -29.01
N ILE B 725 19.76 7.54 -29.09
CA ILE B 725 19.25 6.75 -27.96
C ILE B 725 19.44 5.25 -28.24
N HIS B 726 20.05 4.55 -27.29
CA HIS B 726 20.33 3.12 -27.44
C HIS B 726 20.02 2.33 -26.17
N GLU B 727 19.58 1.09 -26.39
CA GLU B 727 19.16 0.20 -25.32
C GLU B 727 19.92 -1.11 -25.35
N SER B 728 20.18 -1.67 -24.18
CA SER B 728 20.72 -3.01 -24.08
C SER B 728 20.21 -3.61 -22.76
N ASN B 729 20.72 -4.78 -22.40
CA ASN B 729 20.30 -5.47 -21.17
C ASN B 729 21.48 -5.90 -20.35
N VAL B 730 21.34 -5.80 -19.03
CA VAL B 730 22.12 -6.59 -18.10
C VAL B 730 21.35 -7.88 -17.84
N THR B 731 22.01 -9.02 -18.03
N THR B 731 22.00 -9.02 -18.03
CA THR B 731 21.39 -10.33 -17.78
CA THR B 731 21.38 -10.32 -17.78
C THR B 731 21.99 -11.00 -16.56
C THR B 731 21.99 -11.00 -16.56
N ILE B 732 21.15 -11.34 -15.60
CA ILE B 732 21.61 -11.99 -14.38
C ILE B 732 20.98 -13.37 -14.28
N LYS B 733 21.83 -14.39 -14.34
CA LYS B 733 21.38 -15.79 -14.35
C LYS B 733 21.72 -16.45 -13.01
N GLY B 734 20.68 -16.81 -12.26
CA GLY B 734 20.81 -17.54 -11.02
C GLY B 734 20.48 -19.03 -11.19
N PRO B 735 20.17 -19.73 -10.09
CA PRO B 735 19.84 -21.16 -10.19
C PRO B 735 18.65 -21.44 -11.11
N SER B 736 17.62 -20.60 -11.03
CA SER B 736 16.45 -20.76 -11.90
C SER B 736 16.80 -20.61 -13.38
N TRP B 737 16.04 -21.27 -14.23
CA TRP B 737 16.33 -21.25 -15.66
C TRP B 737 15.88 -19.92 -16.30
N VAL B 738 14.99 -19.19 -15.64
CA VAL B 738 14.60 -17.88 -16.18
C VAL B 738 15.53 -16.79 -15.61
N ALA B 739 16.30 -16.20 -16.50
CA ALA B 739 17.27 -15.16 -16.16
C ALA B 739 16.57 -13.82 -15.98
N ALA B 740 17.20 -12.92 -15.22
CA ALA B 740 16.69 -11.57 -15.06
C ALA B 740 17.27 -10.69 -16.16
N ASN B 741 16.41 -9.97 -16.88
CA ASN B 741 16.87 -9.03 -17.90
C ASN B 741 16.50 -7.62 -17.50
N ILE B 742 17.51 -6.81 -17.21
CA ILE B 742 17.26 -5.43 -16.82
C ILE B 742 17.71 -4.50 -17.95
N LYS B 743 16.76 -3.76 -18.50
CA LYS B 743 17.05 -2.86 -19.61
C LYS B 743 17.81 -1.65 -19.13
N VAL B 744 18.79 -1.26 -19.93
CA VAL B 744 19.58 -0.03 -19.70
C VAL B 744 19.49 0.80 -20.97
N THR B 745 19.23 2.10 -20.79
CA THR B 745 19.15 3.04 -21.90
C THR B 745 20.12 4.18 -21.65
N ALA B 746 20.75 4.62 -22.73
CA ALA B 746 21.69 5.74 -22.70
C ALA B 746 21.39 6.69 -23.87
N ASN B 747 21.31 7.99 -23.56
CA ASN B 747 20.95 9.01 -24.54
C ASN B 747 22.13 9.98 -24.73
N LYS B 748 22.78 9.90 -25.88
CA LYS B 748 23.90 10.77 -26.22
C LYS B 748 23.55 11.51 -27.50
N PRO B 749 22.90 12.68 -27.38
CA PRO B 749 22.39 13.40 -28.55
C PRO B 749 23.49 14.00 -29.44
N ALA B 750 24.66 14.22 -28.87
CA ALA B 750 25.77 14.82 -29.62
C ALA B 750 27.10 14.47 -28.96
N LYS B 751 28.18 14.88 -29.61
CA LYS B 751 29.50 14.78 -29.01
C LYS B 751 29.44 15.42 -27.63
N VAL B 752 30.10 14.80 -26.65
CA VAL B 752 30.03 15.26 -25.27
C VAL B 752 31.20 16.18 -24.94
N ILE B 753 30.93 17.48 -24.93
CA ILE B 753 31.93 18.46 -24.54
C ILE B 753 32.25 18.33 -23.05
N PRO B 754 33.54 18.35 -22.69
CA PRO B 754 33.87 18.36 -21.25
C PRO B 754 33.17 19.48 -20.50
N LEU B 755 32.71 19.19 -19.28
CA LEU B 755 31.96 20.14 -18.48
C LEU B 755 32.73 21.46 -18.32
N LYS B 756 34.05 21.37 -18.16
CA LYS B 756 34.91 22.54 -18.03
C LYS B 756 34.70 23.59 -19.13
N LYS B 757 34.23 23.15 -20.30
CA LYS B 757 34.12 24.01 -21.47
C LYS B 757 32.69 24.42 -21.82
N LEU B 758 31.73 24.04 -20.97
CA LEU B 758 30.32 24.42 -21.13
C LEU B 758 30.00 25.71 -20.37
N THR B 759 28.84 26.29 -20.67
CA THR B 759 28.39 27.50 -20.01
C THR B 759 27.08 27.28 -19.22
N GLY B 760 27.08 27.67 -17.95
CA GLY B 760 25.89 27.66 -17.13
C GLY B 760 25.53 26.30 -16.53
N PHE B 761 24.28 26.18 -16.09
CA PHE B 761 23.80 24.95 -15.47
C PHE B 761 23.37 23.98 -16.56
N VAL B 762 23.90 22.76 -16.50
CA VAL B 762 23.76 21.80 -17.59
C VAL B 762 22.69 20.74 -17.34
N GLU B 763 21.83 20.56 -18.33
CA GLU B 763 20.82 19.51 -18.26
C GLU B 763 21.45 18.15 -17.97
N ALA B 764 20.85 17.44 -17.03
CA ALA B 764 21.22 16.05 -16.78
C ALA B 764 20.03 15.32 -16.16
N ASP B 765 19.87 14.06 -16.55
CA ASP B 765 18.85 13.18 -15.98
C ASP B 765 17.46 13.81 -16.00
N GLY B 766 17.15 14.54 -17.06
CA GLY B 766 15.80 15.04 -17.25
C GLY B 766 15.48 16.40 -16.64
N TYR B 767 16.49 17.08 -16.10
CA TYR B 767 16.27 18.35 -15.41
C TYR B 767 17.49 19.26 -15.42
N ILE B 768 17.20 20.52 -15.11
CA ILE B 768 18.19 21.53 -14.75
C ILE B 768 17.71 22.16 -13.44
N SER B 769 18.56 22.20 -12.42
CA SER B 769 18.16 22.72 -11.10
C SER B 769 19.21 23.65 -10.55
N PHE B 770 18.79 24.75 -9.94
CA PHE B 770 19.75 25.68 -9.35
C PHE B 770 19.09 26.57 -8.30
N ASP B 771 19.89 27.00 -7.33
CA ASP B 771 19.45 27.94 -6.31
C ASP B 771 19.15 29.29 -6.97
N ALA B 772 18.16 30.02 -6.47
CA ALA B 772 17.80 31.33 -7.05
C ALA B 772 18.93 32.35 -6.99
N ALA B 773 19.84 32.18 -6.04
CA ALA B 773 20.93 33.14 -5.87
C ALA B 773 22.08 32.87 -6.86
N ALA B 774 22.02 31.75 -7.58
CA ALA B 774 23.13 31.41 -8.49
C ALA B 774 22.98 32.09 -9.83
N THR B 775 22.81 33.41 -9.79
CA THR B 775 22.66 34.18 -11.03
C THR B 775 23.97 34.34 -11.79
N THR B 776 23.87 34.71 -13.06
CA THR B 776 25.03 35.07 -13.85
C THR B 776 25.12 36.59 -13.92
N HIS B 777 23.97 37.24 -13.99
CA HIS B 777 23.89 38.69 -13.91
C HIS B 777 22.68 39.10 -13.09
N SER B 778 22.81 40.24 -12.41
CA SER B 778 21.69 40.89 -11.73
C SER B 778 21.64 42.34 -12.19
N LYS B 779 20.44 42.81 -12.52
CA LYS B 779 20.27 44.19 -12.95
C LYS B 779 19.37 44.93 -11.95
N ALA B 780 19.93 45.97 -11.36
CA ALA B 780 19.20 46.89 -10.50
C ALA B 780 18.46 47.93 -11.32
N VAL B 781 17.26 48.32 -10.87
CA VAL B 781 16.46 49.32 -11.58
C VAL B 781 15.84 50.29 -10.58
N ASP B 782 16.05 51.58 -10.81
CA ASP B 782 15.56 52.64 -9.93
C ASP B 782 15.89 52.41 -8.46
N GLY B 783 17.08 51.86 -8.22
CA GLY B 783 17.51 51.59 -6.85
C GLY B 783 16.89 50.35 -6.24
N PHE B 784 16.14 49.55 -7.02
CA PHE B 784 15.62 48.26 -6.54
C PHE B 784 16.40 47.10 -7.14
N GLU B 785 16.60 46.04 -6.35
CA GLU B 785 17.47 44.96 -6.80
C GLU B 785 17.11 43.61 -6.13
N TRP B 786 17.17 42.52 -6.88
CA TRP B 786 17.03 41.21 -6.26
C TRP B 786 18.27 40.96 -5.41
N GLN B 787 18.08 40.67 -4.12
CA GLN B 787 19.20 40.43 -3.20
C GLN B 787 18.99 39.17 -2.40
N GLU B 788 20.09 38.59 -1.97
CA GLU B 788 20.09 37.32 -1.30
C GLU B 788 19.77 37.45 0.19
N ILE B 789 18.86 36.60 0.65
CA ILE B 789 18.57 36.41 2.08
C ILE B 789 19.30 35.15 2.53
N PRO B 790 20.41 35.30 3.26
CA PRO B 790 21.19 34.12 3.64
C PRO B 790 20.41 33.16 4.51
N ALA B 791 20.64 31.86 4.30
CA ALA B 791 20.10 30.79 5.13
C ALA B 791 18.57 30.74 5.07
N HIS B 792 17.98 31.37 4.06
CA HIS B 792 16.52 31.34 3.91
C HIS B 792 16.09 30.11 3.10
N GLY B 793 14.97 29.52 3.47
CA GLY B 793 14.42 28.42 2.70
C GLY B 793 14.94 27.06 3.11
N ARG B 794 14.59 26.06 2.32
CA ARG B 794 14.75 24.69 2.70
C ARG B 794 16.13 24.10 2.43
N THR B 795 16.90 24.72 1.55
CA THR B 795 18.13 24.09 1.06
C THR B 795 19.36 25.00 1.05
N HIS B 796 19.18 26.31 0.89
CA HIS B 796 20.36 27.19 0.74
C HIS B 796 20.04 28.63 1.09
N SER B 797 19.42 29.37 0.16
CA SER B 797 19.07 30.76 0.40
C SER B 797 17.89 31.16 -0.47
N SER B 798 17.44 32.41 -0.34
CA SER B 798 16.40 32.97 -1.21
C SER B 798 16.83 34.31 -1.82
N MSE B 799 16.10 34.74 -2.84
CA MSE B 799 16.23 36.06 -3.41
C MSE B 799 14.92 36.82 -3.30
O MSE B 799 13.83 36.28 -3.50
CB MSE B 799 16.63 35.96 -4.88
CG MSE B 799 17.92 35.21 -5.13
SE MSE B 799 19.46 36.31 -4.66
CE MSE B 799 19.56 37.39 -6.24
H MSE B 799 15.51 34.26 -3.23
HA MSE B 799 16.92 36.54 -2.94
HB2 MSE B 799 15.92 35.50 -5.37
HB3 MSE B 799 16.73 36.86 -5.24
HG2 MSE B 799 17.94 34.41 -4.60
HG3 MSE B 799 17.99 34.98 -6.08
HE1 MSE B 799 20.31 38.01 -6.15
HE2 MSE B 799 19.69 36.82 -7.01
HE3 MSE B 799 18.73 37.89 -6.33
N SER B 800 15.02 38.11 -3.01
CA SER B 800 13.84 38.96 -2.96
C SER B 800 14.25 40.37 -3.31
N VAL B 801 13.29 41.18 -3.76
CA VAL B 801 13.58 42.57 -4.12
C VAL B 801 13.62 43.52 -2.90
N TYR B 802 14.71 44.27 -2.79
CA TYR B 802 14.85 45.31 -1.77
C TYR B 802 15.32 46.63 -2.41
N PRO B 803 14.94 47.77 -1.81
CA PRO B 803 14.07 47.90 -0.64
C PRO B 803 12.63 47.48 -0.92
N ILE B 804 11.86 47.27 0.16
CA ILE B 804 10.46 46.90 0.05
C ILE B 804 9.65 48.01 -0.58
N ARG B 805 8.93 47.65 -1.65
CA ARG B 805 8.02 48.55 -2.32
C ARG B 805 6.62 48.31 -1.82
N ASP B 806 5.78 49.33 -1.93
CA ASP B 806 4.36 49.20 -1.72
C ASP B 806 3.62 49.50 -3.03
N ALA B 807 4.27 49.21 -4.16
CA ALA B 807 3.68 49.36 -5.49
C ALA B 807 4.24 48.28 -6.41
N SER B 808 3.54 48.02 -7.52
CA SER B 808 3.97 47.01 -8.49
C SER B 808 4.65 47.62 -9.70
N PHE B 809 5.68 46.94 -10.20
CA PHE B 809 6.30 47.34 -11.45
C PHE B 809 5.36 47.01 -12.58
N ALA B 810 5.55 47.69 -13.70
CA ALA B 810 4.89 47.31 -14.93
C ALA B 810 5.46 46.00 -15.43
N ALA B 811 4.62 45.11 -15.93
CA ALA B 811 5.11 43.92 -16.61
C ALA B 811 5.96 44.31 -17.84
N PRO B 812 6.98 43.50 -18.17
CA PRO B 812 7.79 43.85 -19.34
C PRO B 812 7.04 43.58 -20.66
N ALA B 813 7.15 44.54 -21.57
CA ALA B 813 6.48 44.45 -22.87
C ALA B 813 7.18 43.44 -23.75
N ASN B 814 8.50 43.41 -23.67
CA ASN B 814 9.32 42.46 -24.41
C ASN B 814 10.53 42.08 -23.57
N ALA B 815 11.34 41.15 -24.05
CA ALA B 815 12.37 40.52 -23.23
C ALA B 815 13.61 41.37 -23.09
N SER B 816 13.57 42.59 -23.59
CA SER B 816 14.65 43.54 -23.37
C SER B 816 14.18 44.72 -22.52
N ALA B 817 12.89 44.74 -22.18
CA ALA B 817 12.33 45.81 -21.36
C ALA B 817 13.01 45.84 -19.99
N ASN B 818 13.42 47.03 -19.57
CA ASN B 818 14.07 47.21 -18.27
C ASN B 818 13.13 47.89 -17.29
N THR B 819 11.95 47.31 -17.15
CA THR B 819 10.87 47.85 -16.34
C THR B 819 11.04 47.59 -14.84
N ALA B 820 11.98 46.71 -14.50
CA ALA B 820 12.10 46.23 -13.12
C ALA B 820 13.41 45.47 -12.93
N PRO B 821 13.87 45.36 -11.66
CA PRO B 821 15.08 44.55 -11.44
C PRO B 821 14.94 43.14 -12.00
N GLN B 822 16.04 42.55 -12.47
CA GLN B 822 16.00 41.23 -13.10
C GLN B 822 17.09 40.33 -12.57
N MSE B 823 16.83 39.04 -12.65
CA MSE B 823 17.85 38.01 -12.45
C MSE B 823 18.00 37.27 -13.78
O MSE B 823 17.00 36.90 -14.39
CB MSE B 823 17.46 37.05 -11.34
CG MSE B 823 17.36 37.71 -9.96
SE MSE B 823 16.80 36.51 -8.56
CE MSE B 823 14.99 36.17 -9.15
H MSE B 823 16.05 38.71 -12.82
HA MSE B 823 18.69 38.44 -12.22
HB2 MSE B 823 16.59 36.67 -11.54
HB3 MSE B 823 18.12 36.34 -11.27
HG2 MSE B 823 18.23 38.06 -9.72
HG3 MSE B 823 16.71 38.44 -10.01
HE1 MSE B 823 14.57 35.56 -8.52
HE2 MSE B 823 14.51 37.01 -9.18
HE3 MSE B 823 15.02 35.77 -10.03
N HIS B 824 19.24 37.06 -14.22
CA HIS B 824 19.54 36.26 -15.41
C HIS B 824 20.30 35.01 -15.03
N TYR B 825 19.93 33.88 -15.62
CA TYR B 825 20.62 32.62 -15.41
C TYR B 825 21.11 32.07 -16.76
N SER B 826 22.25 31.36 -16.75
CA SER B 826 22.72 30.66 -17.93
C SER B 826 22.52 29.15 -17.81
N ILE B 827 21.97 28.53 -18.85
CA ILE B 827 21.80 27.08 -18.89
C ILE B 827 22.29 26.49 -20.21
N THR B 828 22.54 25.19 -20.20
CA THR B 828 22.78 24.44 -21.43
C THR B 828 21.76 23.33 -21.48
N LEU B 829 20.97 23.35 -22.55
CA LEU B 829 19.94 22.36 -22.78
C LEU B 829 20.44 21.32 -23.79
N LEU B 830 20.36 20.05 -23.45
CA LEU B 830 20.68 19.00 -24.41
C LEU B 830 19.42 18.56 -25.16
N THR B 831 18.30 18.53 -24.45
CA THR B 831 17.04 18.04 -25.00
C THR B 831 16.20 19.19 -25.56
N ALA B 832 16.17 19.32 -26.88
CA ALA B 832 15.33 20.32 -27.51
C ALA B 832 13.86 20.00 -27.27
N GLY B 833 13.03 21.04 -27.11
CA GLY B 833 11.61 20.86 -26.92
C GLY B 833 11.02 21.76 -25.83
N GLU B 834 9.84 21.39 -25.34
CA GLU B 834 9.17 22.20 -24.33
C GLU B 834 9.70 21.82 -22.95
N VAL B 835 10.00 22.84 -22.15
CA VAL B 835 10.43 22.64 -20.76
C VAL B 835 9.42 23.31 -19.82
N THR B 836 9.41 22.84 -18.57
CA THR B 836 8.59 23.43 -17.51
C THR B 836 9.50 23.96 -16.40
N VAL B 837 9.47 25.28 -16.20
CA VAL B 837 10.27 25.94 -15.16
C VAL B 837 9.41 26.15 -13.91
N GLU B 838 9.75 25.48 -12.82
CA GLU B 838 9.06 25.67 -11.56
C GLU B 838 9.93 26.44 -10.57
N GLY B 839 9.36 27.45 -9.95
CA GLY B 839 10.02 28.15 -8.86
C GLY B 839 9.44 27.70 -7.54
N LEU B 840 10.27 27.72 -6.51
CA LEU B 840 9.87 27.43 -5.13
C LEU B 840 9.95 28.76 -4.37
N PHE B 841 8.84 29.13 -3.74
CA PHE B 841 8.67 30.46 -3.17
C PHE B 841 8.29 30.40 -1.68
N ALA B 842 8.60 31.46 -0.94
CA ALA B 842 8.10 31.57 0.42
C ALA B 842 6.57 31.51 0.34
N PRO B 843 5.93 30.79 1.26
CA PRO B 843 4.47 30.59 1.20
C PRO B 843 3.72 31.81 1.75
N THR B 844 3.90 32.90 1.04
CA THR B 844 3.39 34.21 1.44
C THR B 844 1.95 34.45 0.99
N TRP B 845 1.29 35.34 1.75
CA TRP B 845 -0.10 35.72 1.54
C TRP B 845 -0.21 36.99 0.70
N PRO B 846 -1.41 37.28 0.18
CA PRO B 846 -1.65 38.61 -0.42
C PRO B 846 -1.80 39.65 0.70
N ILE B 847 -0.66 40.10 1.25
CA ILE B 847 -0.67 40.96 2.43
C ILE B 847 -1.18 42.38 2.10
N HIS B 848 -1.28 42.70 0.82
CA HIS B 848 -1.98 43.91 0.39
C HIS B 848 -3.20 43.51 -0.45
N PRO B 849 -4.40 43.90 0.00
CA PRO B 849 -5.64 43.54 -0.71
C PRO B 849 -5.55 43.72 -2.23
N GLU B 850 -6.08 42.73 -2.95
CA GLU B 850 -6.19 42.76 -4.41
C GLU B 850 -4.85 42.83 -5.15
N ARG B 851 -3.75 42.62 -4.44
CA ARG B 851 -2.44 42.54 -5.09
C ARG B 851 -1.91 41.13 -4.98
N GLY B 852 -1.42 40.56 -6.09
CA GLY B 852 -0.95 39.18 -6.12
C GLY B 852 0.53 39.03 -5.87
N LEU B 853 1.10 37.90 -6.29
CA LEU B 853 2.55 37.67 -6.17
C LEU B 853 3.14 37.34 -7.52
N ARG B 854 3.04 38.32 -8.43
CA ARG B 854 3.46 38.12 -9.80
C ARG B 854 4.95 38.37 -10.04
N TYR B 855 5.49 37.60 -10.97
CA TYR B 855 6.77 37.87 -11.61
C TYR B 855 6.62 37.62 -13.12
N ALA B 856 7.62 38.03 -13.90
CA ALA B 856 7.63 37.69 -15.34
C ALA B 856 8.85 36.84 -15.67
N ILE B 857 8.76 36.04 -16.73
CA ILE B 857 9.86 35.16 -17.08
C ILE B 857 9.94 34.89 -18.59
N ALA B 858 11.15 34.84 -19.11
CA ALA B 858 11.39 34.56 -20.51
C ALA B 858 12.75 33.93 -20.69
N PHE B 859 12.93 33.17 -21.77
CA PHE B 859 14.25 32.79 -22.23
C PHE B 859 14.62 33.65 -23.44
N ASP B 860 15.89 34.05 -23.51
CA ASP B 860 16.40 34.80 -24.66
C ASP B 860 15.51 36.01 -24.99
N ASP B 861 14.98 36.07 -26.21
CA ASP B 861 14.15 37.21 -26.65
C ASP B 861 12.70 36.80 -26.88
N GLN B 862 12.31 35.68 -26.29
CA GLN B 862 10.93 35.24 -26.37
C GLN B 862 10.04 36.19 -25.58
N PRO B 863 8.74 36.29 -25.94
CA PRO B 863 7.83 37.16 -25.19
C PRO B 863 7.71 36.74 -23.73
N PRO B 864 7.98 37.65 -22.78
CA PRO B 864 7.82 37.30 -21.36
C PRO B 864 6.41 36.83 -21.01
N GLN B 865 6.34 35.92 -20.04
CA GLN B 865 5.10 35.44 -19.45
C GLN B 865 4.98 35.96 -18.03
N ILE B 866 3.77 36.37 -17.64
CA ILE B 866 3.50 36.77 -16.27
C ILE B 866 3.00 35.55 -15.52
N VAL B 867 3.65 35.25 -14.40
CA VAL B 867 3.26 34.16 -13.51
C VAL B 867 2.87 34.73 -12.13
N ASP B 868 1.67 34.41 -11.67
CA ASP B 868 1.26 34.78 -10.31
C ASP B 868 1.46 33.56 -9.40
N VAL B 869 2.28 33.71 -8.37
CA VAL B 869 2.47 32.58 -7.45
C VAL B 869 1.14 32.22 -6.81
N LEU B 870 0.25 33.20 -6.63
CA LEU B 870 -1.04 32.95 -5.98
C LEU B 870 -2.19 32.55 -6.91
N ALA B 871 -1.90 32.42 -8.20
CA ALA B 871 -2.92 31.92 -9.12
C ALA B 871 -3.30 30.50 -8.71
N GLY B 872 -4.59 30.22 -8.69
CA GLY B 872 -5.10 28.92 -8.33
C GLY B 872 -5.16 28.73 -6.81
N ASN B 873 -5.02 29.81 -6.06
CA ASN B 873 -5.00 29.68 -4.60
C ASN B 873 -6.30 29.08 -4.09
N SER B 874 -6.18 28.27 -3.06
CA SER B 874 -7.31 27.63 -2.42
C SER B 874 -6.90 27.20 -1.02
N HIS B 875 -7.88 26.78 -0.22
CA HIS B 875 -7.58 26.24 1.10
C HIS B 875 -6.63 25.04 1.01
N LYS B 876 -6.87 24.13 0.06
CA LYS B 876 -6.03 22.94 -0.08
C LYS B 876 -4.62 23.32 -0.52
N VAL B 877 -4.52 24.29 -1.42
CA VAL B 877 -3.23 24.78 -1.87
C VAL B 877 -2.50 25.45 -0.68
N TRP B 878 -3.23 26.18 0.16
CA TRP B 878 -2.59 26.81 1.31
C TRP B 878 -2.12 25.73 2.29
N GLN B 879 -2.97 24.74 2.57
CA GLN B 879 -2.57 23.64 3.45
C GLN B 879 -1.26 23.04 3.02
N GLU B 880 -1.12 22.76 1.72
CA GLU B 880 0.08 22.10 1.23
C GLU B 880 1.28 23.06 1.31
N SER B 881 1.03 24.37 1.20
CA SER B 881 2.12 25.33 1.29
C SER B 881 2.73 25.35 2.70
N VAL B 882 1.93 25.16 3.75
CA VAL B 882 2.48 25.18 5.09
C VAL B 882 3.00 23.79 5.51
N ARG B 883 2.42 22.71 4.99
CA ARG B 883 3.01 21.39 5.23
C ARG B 883 4.42 21.31 4.64
N THR B 884 4.60 21.86 3.42
CA THR B 884 5.88 21.75 2.75
C THR B 884 6.81 22.94 2.95
N GLY B 885 6.27 24.08 3.40
CA GLY B 885 7.11 25.25 3.65
C GLY B 885 7.35 26.12 2.43
N VAL B 886 6.74 25.76 1.30
CA VAL B 886 6.88 26.56 0.07
C VAL B 886 5.57 26.66 -0.72
N ARG B 887 5.44 27.72 -1.51
CA ARG B 887 4.48 27.78 -2.60
C ARG B 887 5.21 27.53 -3.92
N ARG B 888 4.48 27.02 -4.89
CA ARG B 888 5.06 26.67 -6.17
C ARG B 888 4.32 27.36 -7.29
N ALA B 889 5.06 27.72 -8.34
CA ALA B 889 4.50 28.27 -9.57
C ALA B 889 5.36 27.84 -10.74
N SER B 890 4.76 27.75 -11.92
CA SER B 890 5.49 27.28 -13.09
C SER B 890 5.04 27.91 -14.40
N SER B 891 5.88 27.78 -15.41
CA SER B 891 5.60 28.29 -16.74
C SER B 891 6.20 27.34 -17.75
N LYS B 892 5.67 27.35 -18.97
CA LYS B 892 6.15 26.47 -20.05
C LYS B 892 6.83 27.26 -21.16
N HIS B 893 7.91 26.69 -21.68
CA HIS B 893 8.77 27.35 -22.67
C HIS B 893 9.27 26.32 -23.69
N THR B 894 9.40 26.72 -24.95
CA THR B 894 9.98 25.84 -25.98
C THR B 894 11.38 26.32 -26.37
N LEU B 895 12.37 25.44 -26.23
CA LEU B 895 13.77 25.79 -26.44
C LEU B 895 14.49 24.82 -27.39
N THR B 896 15.43 25.37 -28.16
CA THR B 896 16.35 24.57 -28.95
C THR B 896 17.46 24.03 -28.06
N ALA B 897 18.13 22.98 -28.52
CA ALA B 897 19.33 22.51 -27.83
C ALA B 897 20.38 23.61 -27.88
N GLY B 898 21.18 23.71 -26.82
CA GLY B 898 22.23 24.71 -26.76
C GLY B 898 22.11 25.59 -25.53
N THR B 899 22.89 26.69 -25.52
CA THR B 899 22.93 27.56 -24.37
C THR B 899 21.78 28.56 -24.42
N HIS B 900 21.29 28.98 -23.26
CA HIS B 900 20.19 29.92 -23.19
C HIS B 900 20.30 30.74 -21.93
N THR B 901 19.67 31.92 -21.96
CA THR B 901 19.60 32.80 -20.81
C THR B 901 18.16 32.86 -20.33
N MSE B 902 17.93 32.46 -19.09
CA MSE B 902 16.63 32.58 -18.45
C MSE B 902 16.57 33.93 -17.75
O MSE B 902 17.48 34.28 -17.01
CB MSE B 902 16.39 31.44 -17.45
CG MSE B 902 15.01 31.41 -16.86
SE MSE B 902 14.72 29.83 -15.75
CE MSE B 902 14.89 30.62 -13.97
H MSE B 902 18.54 32.09 -18.58
HA MSE B 902 15.94 32.55 -19.13
HB2 MSE B 902 16.54 30.59 -17.90
HB3 MSE B 902 17.02 31.54 -16.71
HG2 MSE B 902 14.87 32.20 -16.31
HG3 MSE B 902 14.35 31.40 -17.58
HE1 MSE B 902 14.77 29.93 -13.31
HE2 MSE B 902 15.78 31.01 -13.89
HE3 MSE B 902 14.21 31.31 -13.87
N LYS B 903 15.48 34.66 -17.98
CA LYS B 903 15.31 36.02 -17.42
C LYS B 903 14.09 36.11 -16.51
N VAL B 904 14.26 36.72 -15.33
CA VAL B 904 13.16 36.90 -14.39
C VAL B 904 13.04 38.36 -13.99
N TRP B 905 11.87 38.93 -14.21
CA TRP B 905 11.56 40.31 -13.82
C TRP B 905 10.69 40.34 -12.55
N ALA B 906 10.98 41.26 -11.65
CA ALA B 906 10.05 41.52 -10.55
C ALA B 906 8.81 42.22 -11.07
N ILE B 907 7.67 41.91 -10.45
CA ILE B 907 6.45 42.70 -10.62
C ILE B 907 5.90 43.11 -9.25
N ASP B 908 5.32 42.17 -8.50
CA ASP B 908 4.74 42.48 -7.17
C ASP B 908 5.78 42.36 -6.04
N PRO B 909 5.59 43.14 -4.94
CA PRO B 909 6.49 42.98 -3.79
C PRO B 909 6.25 41.67 -3.05
N ALA B 910 7.22 41.25 -2.25
CA ALA B 910 7.08 40.10 -1.33
C ALA B 910 7.16 38.73 -2.05
N VAL B 911 7.55 38.74 -3.32
CA VAL B 911 7.88 37.50 -4.04
C VAL B 911 9.31 37.11 -3.64
N THR B 912 9.46 35.94 -3.04
CA THR B 912 10.73 35.52 -2.48
C THR B 912 11.03 34.10 -2.90
N VAL B 913 12.03 33.94 -3.77
CA VAL B 913 12.24 32.68 -4.48
C VAL B 913 13.54 32.04 -4.01
N GLN B 914 13.49 30.73 -3.76
CA GLN B 914 14.66 30.01 -3.24
C GLN B 914 15.32 29.09 -4.26
N LYS B 915 14.55 28.55 -5.19
CA LYS B 915 15.08 27.50 -6.05
C LYS B 915 14.27 27.41 -7.35
N TRP B 916 14.97 27.10 -8.44
CA TRP B 916 14.34 26.83 -9.72
C TRP B 916 14.63 25.40 -10.17
N ILE B 917 13.61 24.71 -10.68
CA ILE B 917 13.75 23.34 -11.16
C ILE B 917 13.11 23.30 -12.55
N ILE B 918 13.93 23.01 -13.55
CA ILE B 918 13.48 22.93 -14.92
C ILE B 918 13.33 21.47 -15.32
N ASP B 919 12.10 21.07 -15.64
CA ASP B 919 11.79 19.73 -16.13
C ASP B 919 11.93 19.74 -17.64
N THR B 920 12.87 18.95 -18.16
CA THR B 920 13.08 18.89 -19.61
C THR B 920 12.35 17.68 -20.18
N GLY B 921 11.69 16.92 -19.30
CA GLY B 921 10.90 15.78 -19.74
C GLY B 921 10.86 14.59 -18.79
N GLU B 922 11.94 14.34 -18.06
CA GLU B 922 12.02 13.12 -17.24
C GLU B 922 12.17 13.41 -15.74
N LEU B 923 11.83 14.62 -15.32
CA LEU B 923 11.89 14.97 -13.88
C LEU B 923 11.04 13.99 -13.08
N LYS B 924 11.57 13.51 -11.96
CA LYS B 924 10.83 12.62 -11.09
C LYS B 924 10.54 13.32 -9.76
N PRO B 925 9.50 12.86 -9.04
CA PRO B 925 9.08 13.44 -7.77
C PRO B 925 10.10 13.27 -6.65
N SER B 926 10.30 14.34 -5.89
CA SER B 926 11.04 14.26 -4.64
C SER B 926 10.54 15.38 -3.74
N TYR B 927 10.90 15.32 -2.46
CA TYR B 927 10.43 16.34 -1.53
C TYR B 927 11.08 17.73 -1.76
N LEU B 928 12.41 17.78 -1.93
CA LEU B 928 13.15 19.05 -2.03
C LEU B 928 13.59 19.41 -3.44
N GLY B 929 13.42 18.49 -4.38
CA GLY B 929 13.95 18.70 -5.71
C GLY B 929 15.37 18.16 -5.83
N PRO B 930 15.84 17.89 -7.05
CA PRO B 930 17.22 17.43 -7.21
C PRO B 930 18.21 18.47 -6.73
N THR B 931 19.41 18.06 -6.34
CA THR B 931 20.44 19.04 -5.96
C THR B 931 20.90 19.81 -7.20
N PRO B 932 21.50 21.01 -7.01
CA PRO B 932 21.86 21.85 -8.15
C PRO B 932 22.68 21.12 -9.22
N SER B 933 22.36 21.41 -10.48
CA SER B 933 22.99 20.78 -11.63
C SER B 933 24.47 21.06 -11.77
N PRO B 934 25.17 20.21 -12.54
CA PRO B 934 26.55 20.56 -12.93
C PRO B 934 26.61 21.93 -13.57
N ARG B 935 27.62 22.70 -13.19
CA ARG B 935 27.80 24.04 -13.68
C ARG B 935 29.05 24.10 -14.55
N GLY B 936 28.90 24.64 -15.77
CA GLY B 936 30.03 24.72 -16.68
C GLY B 936 31.09 25.67 -16.19
N GLY B 937 32.32 25.48 -16.65
CA GLY B 937 33.41 26.42 -16.35
C GLY B 937 33.21 27.75 -17.06
N LYS B 938 32.51 28.66 -16.38
CA LYS B 938 32.16 29.96 -16.95
C LYS B 938 31.48 29.80 -18.31
P PO4 C . 2.17 -28.32 -21.99
O1 PO4 C . 2.56 -27.00 -22.61
O2 PO4 C . 3.43 -28.95 -21.40
O3 PO4 C . 1.18 -28.11 -20.89
O4 PO4 C . 1.60 -29.22 -23.06
P PO4 D . -27.37 -62.82 -26.91
O1 PO4 D . -26.40 -61.65 -26.97
O2 PO4 D . -27.57 -63.24 -25.47
O3 PO4 D . -28.71 -62.41 -27.47
O4 PO4 D . -26.76 -63.96 -27.71
P PO4 E . -2.96 -76.12 -19.68
O1 PO4 E . -2.75 -74.70 -20.12
O2 PO4 E . -2.49 -76.28 -18.26
O3 PO4 E . -4.42 -76.50 -19.77
O4 PO4 E . -2.15 -77.01 -20.60
NA NA F . 2.47 -31.08 -9.38
C1 GOL G . -3.79 -16.91 -26.86
O1 GOL G . -3.43 -18.13 -26.27
C2 GOL G . -3.33 -16.91 -28.31
O2 GOL G . -2.25 -16.01 -28.42
C3 GOL G . -4.45 -16.55 -29.26
O3 GOL G . -4.32 -17.25 -30.49
H11 GOL G . -3.33 -16.08 -26.32
H12 GOL G . -4.88 -16.78 -26.82
HO1 GOL G . -3.67 -18.12 -25.32
H2 GOL G . -2.99 -17.92 -28.56
HO2 GOL G . -1.91 -16.02 -29.35
H31 GOL G . -4.44 -15.47 -29.46
H32 GOL G . -5.42 -16.79 -28.81
HO3 GOL G . -5.20 -17.32 -30.92
C1 GOL H . 5.11 -18.89 -19.87
O1 GOL H . 6.22 -19.58 -20.39
C2 GOL H . 5.39 -17.41 -19.71
O2 GOL H . 6.17 -16.97 -20.80
C3 GOL H . 4.08 -16.63 -19.65
O3 GOL H . 4.34 -15.24 -19.59
H11 GOL H . 4.86 -19.31 -18.90
H12 GOL H . 4.26 -19.03 -20.53
HO1 GOL H . 6.03 -20.54 -20.42
H2 GOL H . 5.95 -17.25 -18.79
HO2 GOL H . 5.66 -17.10 -21.64
H31 GOL H . 3.52 -16.92 -18.76
H32 GOL H . 3.48 -16.86 -20.52
HO3 GOL H . 5.25 -15.07 -19.91
C ACT I . 2.22 -22.61 -24.24
O ACT I . 2.53 -23.02 -23.08
OXT ACT I . 1.02 -22.30 -24.42
CH3 ACT I . 3.22 -22.47 -25.34
H1 ACT I . 2.72 -22.09 -26.23
H2 ACT I . 3.66 -23.44 -25.55
H3 ACT I . 4.01 -21.77 -25.04
P PO4 J . -3.83 30.45 19.11
O1 PO4 J . -2.58 29.85 18.50
O2 PO4 J . -3.72 31.95 19.19
O3 PO4 J . -4.02 29.87 20.51
O4 PO4 J . -5.07 30.14 18.29
NA NA K . 5.24 22.35 23.35
#